data_3K9F
#
_entry.id   3K9F
#
_cell.length_a   122.407
_cell.length_b   122.407
_cell.length_c   178.287
_cell.angle_alpha   90.00
_cell.angle_beta   90.00
_cell.angle_gamma   120.00
#
_symmetry.space_group_name_H-M   'P 32'
#
loop_
_entity.id
_entity.type
_entity.pdbx_description
1 polymer 'DNA topoisomerase 4 subunit A'
2 polymer 'DNA topoisomerase 4 subunit B'
3 polymer "DNA (5'-D(*AP*CP*CP*AP*AP*GP*GP*T*CP*AP*TP*GP*AP*AP*T)-3')"
4 polymer "DNA (5'-D(P*AP*GP*TP*CP*AP*TP*TP*CP*AP*TP*GP*AP*CP*CP*TP*TP*GP*GP*T)-3')"
5 polymer "DNA (5'-D(*CP*TP*GP*TP*TP*TP*TP*A*CP*GP*TP*GP*CP*AP*T)-3')"
6 polymer "DNA (5'-D(P*GP*AP*CP*TP*AP*TP*GP*CP*AP*CP*GP*TP*AP*AP*AP*AP*CP*AP*G)-3')"
7 non-polymer 'MAGNESIUM ION'
8 non-polymer '(3S)-9-fluoro-3-methyl-10-(4-methylpiperazin-1-yl)-7-oxo-2,3-dihydro-7H-[1,4]oxazino[2,3,4-ij]quinoline-6-carboxylic acid'
9 water water
#
loop_
_entity_poly.entity_id
_entity_poly.type
_entity_poly.pdbx_seq_one_letter_code
_entity_poly.pdbx_strand_id
1 'polypeptide(L)'
;MSNIQNMSLEDIMGERFGRYSKYIIQDRALPDIRDGLKPVQRRILYSMNKDSNTFDKSYRKSAKSVGNIMGNFHPHGDSS
IYDAMVRMSQNWKNREILVEMHGNNGSMDGDPPAAMRYTEARLSEIAGYLLQDIEKKTVPFAWNFDDTEKEPTVLPAAFP
NLLVNGSTGISAGYATDIPPHNLAEVIDAAVYMIDHPTAKIDKLMEFLPGPDFPTGAIIQGRDEIKKAYETGKGRVVVRS
KTEIEKLKGGKEQIVITEIPYEINKANLVKKIDDVRVNNKVAGIAEVRDESDRDGLRIAIELKKDANTELVLNYLFKYTD
LQINYNFNMVAIDNFTPRQVGIVPILSSYIAHRREVILARSRFDKEKAEKRLHIVEGLIRVISILDEVIALIRASENKAD
AKENLKVSYDFTEEQAEAIVTLQLYRLTNTDVVVLQEEEAELREKIAMLAAIIGDERTMYNLMKKELREVKKKFATPRLS
SLEDTAKALEHHHHHH
;
A,B
2 'polypeptide(L)'
;MGHHHHHHHHHHSSGHIDDDDKHMKNKKDKGLLSGKLTPAQSKNPAKNELYLVEGDSAGGSAKQGRDRKFQAILPLRGKV
INTAKAKMADILKNEEINTMIYTIGAGVGADFSIEDANYDKIIIMTDADTDGAHIQTLLLTFFYRYMRPLVEAGHVYIAL
PPLYKMSKGKGKKEEVAYAWTDGELEELRKQFGKGATLQRYKGLGEMNADQLWETTMNPETRTLIRVTIEDLARAERRVN
VLMGDKVEPRRKWIEDNVKFTLEEATVF
;
C,D
3 'polydeoxyribonucleotide' (DA)(DC)(DC)(DA)(DA)(DG)(DG)(DT)(DC)(DA)(DT)(DG)(DA)(DA)(DT) E
4 'polydeoxyribonucleotide' (DA)(DG)(DT)(DC)(DA)(DT)(DT)(DC)(DA)(DT)(DG)(DA)(DC)(DC)(DT)(DT)(DG)(DG)(DT) F
5 'polydeoxyribonucleotide' (DC)(DT)(DG)(DT)(DT)(DT)(DT)(DA)(DC)(DG)(DT)(DG)(DC)(DA)(DT) G
6 'polydeoxyribonucleotide' (DG)(DA)(DC)(DT)(DA)(DT)(DG)(DC)(DA)(DC)(DG)(DT)(DA)(DA)(DA)(DA)(DC)(DA)(DG) H
#
# COMPACT_ATOMS: atom_id res chain seq x y z
N ASN A 3 11.71 -2.64 -38.58
CA ASN A 3 12.11 -1.94 -37.39
C ASN A 3 11.84 -0.44 -37.50
N ILE A 4 11.00 -0.06 -38.45
CA ILE A 4 10.69 1.34 -38.61
C ILE A 4 9.37 1.55 -39.32
N GLN A 5 8.52 2.40 -38.74
CA GLN A 5 7.25 2.75 -39.35
C GLN A 5 7.31 4.25 -39.58
N ASN A 6 6.39 4.77 -40.38
CA ASN A 6 6.30 6.21 -40.59
C ASN A 6 4.86 6.63 -40.38
N MET A 7 4.65 7.70 -39.61
CA MET A 7 3.32 8.27 -39.49
C MET A 7 3.43 9.77 -39.57
N SER A 8 2.39 10.45 -40.02
CA SER A 8 2.49 11.90 -40.02
C SER A 8 2.17 12.34 -38.61
N LEU A 9 2.57 13.57 -38.32
CA LEU A 9 2.46 14.17 -37.00
C LEU A 9 0.97 14.45 -36.82
N GLU A 10 0.32 14.72 -37.95
CA GLU A 10 -1.12 14.90 -38.09
C GLU A 10 -1.93 13.72 -37.56
N ASP A 11 -1.55 12.51 -37.95
CA ASP A 11 -2.16 11.26 -37.44
C ASP A 11 -1.82 10.88 -36.00
N ILE A 12 -0.54 11.03 -35.63
CA ILE A 12 -0.09 10.71 -34.32
C ILE A 12 -0.88 11.55 -33.32
N MET A 13 -0.90 12.86 -33.55
CA MET A 13 -1.62 13.76 -32.67
C MET A 13 -3.09 13.38 -32.54
N GLY A 14 -3.78 13.26 -33.66
CA GLY A 14 -5.18 12.91 -33.61
C GLY A 14 -5.48 11.65 -32.81
N GLU A 15 -4.85 10.52 -33.17
CA GLU A 15 -5.08 9.27 -32.47
C GLU A 15 -4.67 9.30 -30.99
N ARG A 16 -3.54 9.93 -30.68
CA ARG A 16 -3.10 10.03 -29.29
C ARG A 16 -4.09 10.87 -28.48
N PHE A 17 -4.26 12.11 -28.92
CA PHE A 17 -5.10 13.03 -28.20
C PHE A 17 -6.49 12.48 -28.02
N GLY A 18 -6.96 11.77 -29.04
CA GLY A 18 -8.28 11.17 -29.00
C GLY A 18 -8.38 10.18 -27.87
N ARG A 19 -7.37 9.32 -27.76
CA ARG A 19 -7.31 8.32 -26.69
C ARG A 19 -7.31 9.01 -25.33
N TYR A 20 -6.41 9.97 -25.13
CA TYR A 20 -6.35 10.67 -23.86
C TYR A 20 -7.66 11.35 -23.51
N SER A 21 -8.30 11.97 -24.48
CA SER A 21 -9.44 12.80 -24.15
C SER A 21 -10.58 11.91 -23.71
N LYS A 22 -10.78 10.85 -24.48
CA LYS A 22 -11.89 9.93 -24.27
C LYS A 22 -11.84 9.36 -22.84
N TYR A 23 -10.64 8.91 -22.46
CA TYR A 23 -10.37 8.29 -21.17
C TYR A 23 -10.58 9.31 -20.05
N ILE A 24 -10.03 10.52 -20.22
CA ILE A 24 -10.21 11.63 -19.29
C ILE A 24 -11.64 11.96 -19.01
N ILE A 25 -12.45 11.86 -20.05
CA ILE A 25 -13.86 12.20 -20.01
C ILE A 25 -14.72 11.12 -19.37
N GLN A 26 -14.55 9.89 -19.83
CA GLN A 26 -15.31 8.76 -19.32
C GLN A 26 -14.78 8.15 -18.03
N ASP A 27 -13.50 7.82 -18.08
CA ASP A 27 -12.82 7.05 -17.06
C ASP A 27 -11.95 7.78 -16.04
N ARG A 28 -11.93 9.11 -16.07
CA ARG A 28 -11.23 9.83 -15.00
C ARG A 28 -11.96 10.96 -14.31
N ALA A 29 -12.22 12.03 -15.04
CA ALA A 29 -12.57 13.32 -14.43
C ALA A 29 -14.05 13.52 -14.17
N LEU A 30 -14.89 12.81 -14.91
CA LEU A 30 -16.29 13.10 -14.82
C LEU A 30 -17.11 11.98 -14.23
N PRO A 31 -18.10 12.36 -13.43
CA PRO A 31 -19.05 11.56 -12.65
C PRO A 31 -20.09 10.94 -13.55
N ASP A 32 -20.43 9.69 -13.25
CA ASP A 32 -21.60 9.07 -13.85
C ASP A 32 -22.83 9.76 -13.28
N ILE A 33 -23.81 10.01 -14.15
CA ILE A 33 -25.01 10.75 -13.81
C ILE A 33 -25.90 9.95 -12.88
N ARG A 34 -25.72 8.64 -12.88
CA ARG A 34 -26.56 7.75 -12.07
C ARG A 34 -26.14 7.65 -10.59
N ASP A 35 -24.90 7.23 -10.32
CA ASP A 35 -24.45 7.06 -8.93
C ASP A 35 -23.54 8.19 -8.53
N GLY A 36 -23.36 9.15 -9.43
CA GLY A 36 -22.63 10.33 -9.08
C GLY A 36 -21.16 10.12 -8.79
N LEU A 37 -20.59 9.00 -9.23
CA LEU A 37 -19.21 8.71 -8.85
C LEU A 37 -18.21 8.82 -10.02
N LYS A 38 -16.99 9.28 -9.71
CA LYS A 38 -15.84 9.08 -10.60
C LYS A 38 -15.27 7.69 -10.34
N PRO A 39 -14.71 7.08 -11.38
CA PRO A 39 -14.16 5.72 -11.39
C PRO A 39 -13.28 5.37 -10.18
N VAL A 40 -12.42 6.30 -9.76
CA VAL A 40 -11.58 6.11 -8.58
C VAL A 40 -12.44 5.93 -7.36
N GLN A 41 -13.41 6.81 -7.19
CA GLN A 41 -14.27 6.72 -6.02
C GLN A 41 -14.98 5.39 -5.99
N ARG A 42 -15.50 4.99 -7.15
CA ARG A 42 -16.31 3.80 -7.25
C ARG A 42 -15.46 2.62 -6.91
N ARG A 43 -14.23 2.64 -7.38
CA ARG A 43 -13.34 1.53 -7.09
C ARG A 43 -12.98 1.49 -5.63
N ILE A 44 -12.71 2.64 -5.04
CA ILE A 44 -12.49 2.71 -3.61
C ILE A 44 -13.63 2.04 -2.85
N LEU A 45 -14.87 2.49 -3.10
CA LEU A 45 -16.03 1.88 -2.44
C LEU A 45 -16.16 0.39 -2.70
N TYR A 46 -16.11 0.03 -3.97
CA TYR A 46 -16.34 -1.32 -4.34
C TYR A 46 -15.33 -2.22 -3.67
N SER A 47 -14.09 -1.76 -3.61
CA SER A 47 -12.98 -2.54 -3.06
C SER A 47 -13.13 -2.68 -1.54
N MET A 48 -13.38 -1.58 -0.84
CA MET A 48 -13.44 -1.61 0.61
C MET A 48 -14.57 -2.51 1.05
N ASN A 49 -15.66 -2.47 0.29
CA ASN A 49 -16.85 -3.28 0.58
C ASN A 49 -16.62 -4.77 0.32
N LYS A 50 -15.99 -5.08 -0.79
CA LYS A 50 -15.67 -6.47 -1.09
C LYS A 50 -14.80 -7.01 0.02
N ASP A 51 -13.86 -6.18 0.49
CA ASP A 51 -12.95 -6.53 1.57
C ASP A 51 -13.58 -6.55 2.96
N SER A 52 -14.90 -6.69 3.05
CA SER A 52 -15.64 -6.42 4.26
C SER A 52 -15.14 -5.30 5.20
N ASN A 53 -14.73 -4.18 4.62
CA ASN A 53 -14.26 -3.02 5.37
C ASN A 53 -15.36 -1.97 5.49
N THR A 54 -16.48 -2.41 6.05
CA THR A 54 -17.67 -1.60 6.27
C THR A 54 -17.72 -0.85 7.62
N PHE A 55 -18.79 -0.07 7.84
CA PHE A 55 -18.93 0.85 8.99
C PHE A 55 -19.06 0.16 10.34
N ASP A 56 -19.56 -1.07 10.30
CA ASP A 56 -19.89 -1.83 11.50
C ASP A 56 -18.75 -2.74 11.90
N LYS A 57 -17.60 -2.61 11.26
CA LYS A 57 -16.43 -3.39 11.66
C LYS A 57 -15.25 -2.46 11.89
N SER A 58 -14.12 -3.02 12.27
CA SER A 58 -13.02 -2.22 12.77
C SER A 58 -12.35 -1.41 11.64
N TYR A 59 -11.88 -0.22 11.96
CA TYR A 59 -11.17 0.54 10.96
C TYR A 59 -9.96 -0.26 10.45
N ARG A 60 -9.62 -0.10 9.16
CA ARG A 60 -8.40 -0.69 8.64
C ARG A 60 -7.35 0.26 8.09
N LYS A 61 -6.10 -0.08 8.41
CA LYS A 61 -4.90 0.61 7.92
C LYS A 61 -4.97 1.09 6.46
N SER A 62 -5.13 2.40 6.26
CA SER A 62 -5.33 2.96 4.93
C SER A 62 -4.48 2.33 3.82
N ALA A 63 -3.19 2.18 4.09
CA ALA A 63 -2.26 1.57 3.16
C ALA A 63 -2.71 0.21 2.60
N LYS A 64 -3.30 -0.62 3.43
CA LYS A 64 -3.81 -1.90 2.98
C LYS A 64 -4.94 -1.73 1.98
N SER A 65 -5.87 -0.88 2.32
CA SER A 65 -6.97 -0.59 1.41
C SER A 65 -6.47 -0.05 0.06
N VAL A 66 -5.47 0.81 0.12
CA VAL A 66 -5.00 1.47 -1.09
C VAL A 66 -4.26 0.49 -1.94
N GLY A 67 -3.32 -0.22 -1.33
CA GLY A 67 -2.58 -1.26 -2.02
C GLY A 67 -3.57 -2.22 -2.68
N ASN A 68 -4.69 -2.46 -2.04
CA ASN A 68 -5.62 -3.42 -2.58
C ASN A 68 -6.36 -2.86 -3.79
N ILE A 69 -6.82 -1.62 -3.67
CA ILE A 69 -7.48 -0.91 -4.77
C ILE A 69 -6.57 -0.84 -6.01
N MET A 70 -5.31 -0.54 -5.76
CA MET A 70 -4.28 -0.39 -6.76
C MET A 70 -3.92 -1.71 -7.45
N GLY A 71 -3.84 -2.79 -6.71
CA GLY A 71 -3.40 -4.04 -7.30
C GLY A 71 -4.47 -4.83 -8.02
N ASN A 72 -5.71 -4.60 -7.65
CA ASN A 72 -6.88 -5.23 -8.28
C ASN A 72 -7.71 -4.39 -9.26
N PHE A 73 -7.89 -3.10 -9.00
CA PHE A 73 -8.84 -2.33 -9.78
C PHE A 73 -8.32 -1.09 -10.49
N HIS A 74 -7.43 -0.35 -9.85
CA HIS A 74 -7.08 1.00 -10.30
C HIS A 74 -5.61 1.12 -10.65
N PRO A 75 -5.31 1.21 -11.95
CA PRO A 75 -3.92 1.10 -12.41
C PRO A 75 -3.14 2.40 -12.27
N HIS A 76 -3.44 3.24 -11.27
CA HIS A 76 -2.72 4.50 -11.12
C HIS A 76 -2.06 4.62 -9.77
N GLY A 77 -1.47 5.78 -9.47
CA GLY A 77 -0.64 5.93 -8.28
C GLY A 77 -1.36 5.94 -6.94
N ASP A 78 -0.68 5.42 -5.93
CA ASP A 78 -1.22 5.35 -4.58
C ASP A 78 -1.67 6.72 -4.08
N SER A 79 -0.90 7.76 -4.41
CA SER A 79 -1.25 9.12 -4.00
C SER A 79 -2.62 9.54 -4.51
N SER A 80 -2.91 9.27 -5.78
CA SER A 80 -4.19 9.61 -6.38
C SER A 80 -5.35 8.92 -5.65
N ILE A 81 -5.22 7.61 -5.48
CA ILE A 81 -6.21 6.83 -4.78
C ILE A 81 -6.42 7.35 -3.35
N TYR A 82 -5.33 7.53 -2.61
CA TYR A 82 -5.40 7.93 -1.22
C TYR A 82 -5.97 9.33 -1.04
N ASP A 83 -5.56 10.25 -1.90
CA ASP A 83 -6.07 11.59 -1.75
C ASP A 83 -7.56 11.59 -2.04
N ALA A 84 -7.96 10.85 -3.06
CA ALA A 84 -9.39 10.72 -3.35
C ALA A 84 -10.14 10.12 -2.18
N MET A 85 -9.51 9.15 -1.52
CA MET A 85 -10.08 8.53 -0.32
C MET A 85 -10.24 9.54 0.84
N VAL A 86 -9.17 10.25 1.12
CA VAL A 86 -9.21 11.26 2.13
C VAL A 86 -10.38 12.20 1.87
N ARG A 87 -10.55 12.61 0.63
CA ARG A 87 -11.56 13.62 0.33
C ARG A 87 -12.95 13.10 0.67
N MET A 88 -13.21 11.86 0.31
CA MET A 88 -14.49 11.25 0.63
C MET A 88 -14.77 11.18 2.15
N SER A 89 -13.73 11.40 2.95
CA SER A 89 -13.84 11.44 4.43
C SER A 89 -13.94 12.82 5.07
N GLN A 90 -14.17 13.86 4.28
CA GLN A 90 -14.14 15.24 4.78
C GLN A 90 -15.52 15.91 4.83
N ASN A 91 -16.11 15.93 6.01
CA ASN A 91 -17.42 16.59 6.22
C ASN A 91 -17.54 18.02 5.67
N TRP A 92 -16.43 18.75 5.55
CA TRP A 92 -16.51 20.09 4.93
C TRP A 92 -16.57 20.09 3.40
N LYS A 93 -16.11 19.02 2.77
CA LYS A 93 -16.22 18.84 1.31
C LYS A 93 -17.43 18.04 0.82
N ASN A 94 -17.74 16.91 1.47
CA ASN A 94 -18.97 16.20 1.11
C ASN A 94 -20.10 16.45 2.09
N ARG A 95 -21.33 16.66 1.60
CA ARG A 95 -22.47 16.80 2.49
C ARG A 95 -22.73 15.50 3.26
N GLU A 96 -22.60 14.36 2.58
CA GLU A 96 -22.62 13.07 3.27
C GLU A 96 -21.36 12.22 3.06
N ILE A 97 -20.51 12.22 4.06
CA ILE A 97 -19.20 11.59 4.00
C ILE A 97 -19.37 10.08 3.61
N LEU A 98 -18.45 9.52 2.82
CA LEU A 98 -18.66 8.14 2.36
C LEU A 98 -17.52 7.25 2.82
N VAL A 99 -16.50 7.86 3.38
CA VAL A 99 -15.44 7.11 4.00
C VAL A 99 -15.23 7.75 5.36
N GLU A 100 -15.15 6.94 6.41
CA GLU A 100 -14.78 7.50 7.69
C GLU A 100 -13.34 7.15 7.98
N MET A 101 -12.59 8.16 8.38
CA MET A 101 -11.17 8.00 8.61
C MET A 101 -10.74 8.37 10.04
N HIS A 102 -9.68 7.71 10.49
CA HIS A 102 -9.15 7.90 11.81
C HIS A 102 -7.72 8.40 11.63
N GLY A 103 -7.46 9.60 12.14
CA GLY A 103 -6.15 10.21 12.03
C GLY A 103 -6.29 11.61 11.51
N ASN A 104 -5.15 12.24 11.26
CA ASN A 104 -5.19 13.56 10.67
C ASN A 104 -5.59 13.45 9.20
N ASN A 105 -6.78 13.93 8.88
CA ASN A 105 -7.24 13.90 7.48
C ASN A 105 -7.52 15.30 6.91
N GLY A 106 -6.63 16.23 7.20
CA GLY A 106 -6.82 17.61 6.78
C GLY A 106 -7.76 18.42 7.67
N SER A 107 -8.08 19.62 7.21
CA SER A 107 -9.00 20.48 7.92
C SER A 107 -9.37 21.61 7.00
N MET A 108 -10.23 22.48 7.47
CA MET A 108 -10.57 23.67 6.71
C MET A 108 -9.38 24.61 6.53
N ASP A 109 -8.46 24.64 7.49
CA ASP A 109 -7.31 25.54 7.39
C ASP A 109 -6.32 24.98 6.37
N GLY A 110 -6.78 23.96 5.65
CA GLY A 110 -6.05 23.40 4.52
C GLY A 110 -4.77 22.65 4.82
N ASP A 111 -4.60 22.18 6.05
CA ASP A 111 -3.39 21.43 6.41
C ASP A 111 -3.31 20.06 5.71
N PRO A 112 -2.08 19.59 5.50
CA PRO A 112 -1.81 18.33 4.79
C PRO A 112 -2.33 17.13 5.57
N PRO A 113 -3.13 16.30 4.94
CA PRO A 113 -3.57 15.07 5.62
C PRO A 113 -2.39 14.17 5.90
N ALA A 114 -2.47 13.38 6.96
CA ALA A 114 -1.42 12.39 7.21
C ALA A 114 -1.36 11.30 6.13
N ALA A 115 -0.15 10.87 5.83
CA ALA A 115 0.12 9.78 4.89
C ALA A 115 -0.61 8.47 5.22
N MET A 116 -0.88 7.68 4.20
CA MET A 116 -1.64 6.44 4.38
C MET A 116 -1.04 5.50 5.42
N ARG A 117 0.23 5.68 5.75
CA ARG A 117 0.90 4.82 6.73
C ARG A 117 0.55 5.15 8.18
N TYR A 118 -0.36 6.10 8.38
CA TYR A 118 -0.75 6.55 9.70
C TYR A 118 -2.25 6.33 9.88
N THR A 119 -3.01 6.60 8.84
CA THR A 119 -4.45 6.65 9.01
C THR A 119 -5.13 5.28 8.94
N GLU A 120 -6.41 5.22 9.22
CA GLU A 120 -7.17 3.97 9.23
C GLU A 120 -8.51 4.38 8.70
N ALA A 121 -9.19 3.49 8.02
CA ALA A 121 -10.42 3.87 7.33
C ALA A 121 -11.48 2.80 7.35
N ARG A 122 -12.71 3.20 7.06
CA ARG A 122 -13.73 2.24 6.69
C ARG A 122 -14.83 2.94 5.91
N LEU A 123 -15.76 2.18 5.35
CA LEU A 123 -16.81 2.81 4.59
C LEU A 123 -17.75 3.34 5.62
N SER A 124 -18.48 4.40 5.30
CA SER A 124 -19.46 4.91 6.22
C SER A 124 -20.74 4.11 6.04
N GLU A 125 -21.73 4.38 6.86
CA GLU A 125 -22.93 3.58 6.81
C GLU A 125 -23.69 3.87 5.52
N ILE A 126 -23.88 5.16 5.22
CA ILE A 126 -24.63 5.56 4.03
C ILE A 126 -23.95 5.09 2.72
N ALA A 127 -22.64 4.97 2.72
CA ALA A 127 -21.93 4.39 1.57
C ALA A 127 -22.37 2.96 1.26
N GLY A 128 -22.66 2.19 2.30
CA GLY A 128 -23.20 0.86 2.13
C GLY A 128 -24.46 0.88 1.30
N TYR A 129 -25.20 1.99 1.39
CA TYR A 129 -26.39 2.17 0.58
C TYR A 129 -26.15 2.34 -0.93
N LEU A 130 -25.07 3.00 -1.31
CA LEU A 130 -24.72 3.04 -2.73
C LEU A 130 -24.49 1.62 -3.24
N LEU A 131 -23.99 0.75 -2.35
CA LEU A 131 -23.60 -0.61 -2.71
C LEU A 131 -24.72 -1.64 -2.57
N GLN A 132 -25.88 -1.19 -2.09
CA GLN A 132 -26.98 -2.11 -1.80
C GLN A 132 -27.45 -2.95 -3.00
N ASP A 133 -27.44 -4.27 -2.83
CA ASP A 133 -27.93 -5.22 -3.83
C ASP A 133 -26.92 -5.54 -4.92
N ILE A 134 -25.67 -5.12 -4.72
CA ILE A 134 -24.67 -5.23 -5.76
C ILE A 134 -24.37 -6.67 -6.07
N GLU A 135 -24.60 -7.54 -5.10
CA GLU A 135 -24.43 -8.99 -5.30
C GLU A 135 -25.66 -9.70 -5.84
N LYS A 136 -26.71 -8.96 -6.21
CA LYS A 136 -27.81 -9.59 -6.92
C LYS A 136 -27.84 -9.22 -8.40
N LYS A 137 -26.69 -9.08 -9.02
CA LYS A 137 -26.65 -8.90 -10.46
C LYS A 137 -27.62 -7.81 -10.90
N THR A 138 -27.38 -6.61 -10.41
CA THR A 138 -28.38 -5.56 -10.52
C THR A 138 -27.83 -4.47 -11.42
N VAL A 139 -26.69 -4.75 -12.00
CA VAL A 139 -25.81 -3.71 -12.44
C VAL A 139 -24.68 -4.31 -13.28
N PRO A 140 -24.30 -3.63 -14.36
CA PRO A 140 -23.29 -4.12 -15.32
C PRO A 140 -21.86 -4.27 -14.77
N PHE A 141 -21.29 -5.46 -14.91
CA PHE A 141 -19.91 -5.70 -14.51
C PHE A 141 -18.94 -5.77 -15.71
N ALA A 142 -17.70 -5.34 -15.50
CA ALA A 142 -16.65 -5.54 -16.52
C ALA A 142 -15.39 -6.13 -15.91
N TRP A 143 -14.46 -6.51 -16.75
CA TRP A 143 -13.22 -7.09 -16.26
C TRP A 143 -12.25 -5.99 -15.88
N ASN A 144 -11.44 -6.26 -14.87
CA ASN A 144 -10.33 -5.40 -14.53
C ASN A 144 -9.20 -5.54 -15.56
N PHE A 145 -8.15 -4.77 -15.38
CA PHE A 145 -7.02 -4.78 -16.30
C PHE A 145 -6.30 -6.14 -16.36
N ASP A 146 -6.20 -6.81 -15.23
CA ASP A 146 -5.63 -8.16 -15.16
C ASP A 146 -6.40 -9.16 -15.99
N ASP A 147 -7.68 -8.90 -16.20
CA ASP A 147 -8.66 -9.94 -16.58
C ASP A 147 -8.64 -11.06 -15.55
N THR A 148 -8.70 -10.68 -14.29
CA THR A 148 -8.67 -11.66 -13.22
C THR A 148 -9.87 -11.51 -12.31
N GLU A 149 -10.62 -10.42 -12.51
CA GLU A 149 -11.72 -10.13 -11.60
C GLU A 149 -12.65 -9.13 -12.21
N LYS A 150 -13.88 -9.11 -11.72
CA LYS A 150 -14.89 -8.22 -12.28
C LYS A 150 -15.24 -7.06 -11.36
N GLU A 151 -15.61 -5.96 -11.97
CA GLU A 151 -15.78 -4.68 -11.31
C GLU A 151 -17.13 -4.04 -11.78
N PRO A 152 -17.77 -3.27 -10.91
CA PRO A 152 -19.01 -2.65 -11.40
C PRO A 152 -18.70 -1.42 -12.28
N THR A 153 -19.50 -1.20 -13.32
CA THR A 153 -19.37 0.05 -14.10
C THR A 153 -20.20 1.17 -13.52
N VAL A 154 -21.18 0.80 -12.72
CA VAL A 154 -21.98 1.76 -11.97
C VAL A 154 -22.44 1.05 -10.70
N LEU A 155 -22.73 1.81 -9.64
CA LEU A 155 -23.28 1.20 -8.44
C LEU A 155 -24.78 1.36 -8.44
N PRO A 156 -25.45 0.44 -7.75
CA PRO A 156 -26.90 0.43 -7.52
C PRO A 156 -27.44 1.76 -7.00
N ALA A 157 -26.67 2.46 -6.16
CA ALA A 157 -27.03 3.83 -5.74
C ALA A 157 -28.45 3.99 -5.14
N ALA A 158 -28.62 3.60 -3.88
CA ALA A 158 -29.96 3.58 -3.25
C ALA A 158 -30.47 4.95 -2.80
N PHE A 159 -29.59 5.96 -2.80
CA PHE A 159 -30.03 7.35 -2.87
C PHE A 159 -29.33 8.00 -4.06
N PRO A 160 -29.67 9.24 -4.37
CA PRO A 160 -29.15 10.00 -5.53
C PRO A 160 -27.86 10.79 -5.23
N ASN A 161 -26.76 10.07 -5.16
CA ASN A 161 -25.50 10.65 -4.75
C ASN A 161 -25.04 11.86 -5.57
N LEU A 162 -25.37 11.87 -6.85
CA LEU A 162 -24.90 12.96 -7.72
C LEU A 162 -25.29 14.32 -7.14
N LEU A 163 -26.58 14.53 -6.93
CA LEU A 163 -27.05 15.80 -6.41
C LEU A 163 -26.63 15.99 -4.97
N VAL A 164 -26.68 14.93 -4.16
CA VAL A 164 -26.31 15.06 -2.75
C VAL A 164 -24.87 15.53 -2.49
N ASN A 165 -23.86 14.72 -2.80
CA ASN A 165 -22.46 15.15 -2.63
C ASN A 165 -21.87 16.08 -3.70
N GLY A 166 -22.54 16.18 -4.86
CA GLY A 166 -22.05 17.00 -5.97
C GLY A 166 -20.80 16.40 -6.58
N SER A 167 -20.03 17.22 -7.31
CA SER A 167 -18.79 16.76 -7.96
C SER A 167 -18.03 17.90 -8.61
N THR A 168 -16.70 17.80 -8.65
CA THR A 168 -15.85 18.65 -9.48
C THR A 168 -14.50 17.95 -9.76
N GLY A 169 -13.96 17.97 -10.99
CA GLY A 169 -14.62 18.33 -12.21
C GLY A 169 -13.72 19.02 -13.24
N ILE A 170 -12.63 18.38 -13.68
CA ILE A 170 -11.87 18.90 -14.87
C ILE A 170 -11.29 17.92 -15.91
N SER A 171 -11.80 17.91 -17.13
CA SER A 171 -11.30 16.93 -18.10
C SER A 171 -10.66 17.55 -19.32
N ALA A 172 -10.92 16.98 -20.49
CA ALA A 172 -10.55 17.58 -21.77
C ALA A 172 -11.81 17.99 -22.47
N GLY A 173 -11.97 19.29 -22.69
CA GLY A 173 -13.13 19.76 -23.39
C GLY A 173 -14.23 20.17 -22.45
N TYR A 174 -14.51 19.35 -21.46
CA TYR A 174 -15.49 19.76 -20.46
C TYR A 174 -14.88 19.84 -19.06
N ALA A 175 -15.55 20.60 -18.22
CA ALA A 175 -15.34 20.55 -16.77
C ALA A 175 -16.68 20.35 -16.04
N THR A 176 -16.62 20.00 -14.76
CA THR A 176 -17.86 19.84 -14.04
C THR A 176 -17.77 20.49 -12.68
N ASP A 177 -18.80 21.25 -12.35
CA ASP A 177 -18.98 21.69 -10.99
C ASP A 177 -20.44 21.53 -10.61
N ILE A 178 -20.67 20.64 -9.64
CA ILE A 178 -21.97 20.41 -9.06
C ILE A 178 -21.86 20.57 -7.54
N PRO A 179 -22.73 21.42 -6.95
CA PRO A 179 -22.78 21.72 -5.50
C PRO A 179 -23.52 20.65 -4.71
N PRO A 180 -23.21 20.49 -3.42
CA PRO A 180 -23.95 19.51 -2.64
C PRO A 180 -25.38 19.95 -2.41
N HIS A 181 -26.26 18.97 -2.28
CA HIS A 181 -27.66 19.20 -1.94
C HIS A 181 -28.11 18.34 -0.74
N ASN A 182 -29.14 18.82 -0.06
CA ASN A 182 -29.77 18.15 1.07
C ASN A 182 -30.45 16.82 0.76
N LEU A 183 -29.88 15.71 1.24
CA LEU A 183 -30.43 14.38 0.98
C LEU A 183 -31.96 14.36 0.99
N ALA A 184 -32.55 14.83 2.08
CA ALA A 184 -34.00 14.76 2.21
C ALA A 184 -34.69 15.45 1.05
N GLU A 185 -34.26 16.67 0.77
CA GLU A 185 -34.86 17.47 -0.30
C GLU A 185 -34.77 16.75 -1.65
N VAL A 186 -33.58 16.31 -2.02
CA VAL A 186 -33.39 15.65 -3.30
C VAL A 186 -34.34 14.48 -3.42
N ILE A 187 -34.42 13.72 -2.34
CA ILE A 187 -35.26 12.56 -2.32
C ILE A 187 -36.69 12.95 -2.61
N ASP A 188 -37.16 13.98 -1.91
CA ASP A 188 -38.52 14.52 -2.09
C ASP A 188 -38.84 14.88 -3.55
N ALA A 189 -37.90 15.53 -4.24
CA ALA A 189 -38.08 15.85 -5.65
C ALA A 189 -38.20 14.59 -6.47
N ALA A 190 -37.27 13.65 -6.25
CA ALA A 190 -37.22 12.44 -7.05
C ALA A 190 -38.55 11.74 -6.92
N VAL A 191 -39.04 11.64 -5.69
CA VAL A 191 -40.32 11.00 -5.41
C VAL A 191 -41.45 11.68 -6.17
N TYR A 192 -41.49 13.00 -6.12
CA TYR A 192 -42.51 13.69 -6.88
C TYR A 192 -42.40 13.32 -8.35
N MET A 193 -41.19 13.38 -8.91
CA MET A 193 -41.01 13.13 -10.33
C MET A 193 -41.43 11.70 -10.72
N ILE A 194 -41.34 10.79 -9.76
CA ILE A 194 -41.78 9.43 -10.04
C ILE A 194 -43.27 9.38 -10.33
N ASP A 195 -44.07 10.02 -9.48
CA ASP A 195 -45.52 10.18 -9.68
C ASP A 195 -45.86 11.05 -10.88
N HIS A 196 -45.35 12.27 -10.91
CA HIS A 196 -45.53 13.18 -12.05
C HIS A 196 -44.29 13.31 -12.92
N PRO A 197 -44.10 12.40 -13.87
CA PRO A 197 -42.87 12.36 -14.68
C PRO A 197 -42.60 13.64 -15.41
N THR A 198 -43.66 14.34 -15.79
CA THR A 198 -43.53 15.58 -16.55
C THR A 198 -43.39 16.77 -15.62
N ALA A 199 -42.97 16.49 -14.38
CA ALA A 199 -42.76 17.55 -13.41
C ALA A 199 -42.02 18.69 -14.07
N LYS A 200 -42.65 19.86 -14.10
CA LYS A 200 -41.99 21.08 -14.55
C LYS A 200 -40.99 21.53 -13.48
N ILE A 201 -39.95 22.28 -13.88
CA ILE A 201 -38.93 22.70 -12.94
C ILE A 201 -39.46 23.53 -11.76
N ASP A 202 -40.38 24.43 -12.07
CA ASP A 202 -40.91 25.34 -11.05
C ASP A 202 -41.39 24.59 -9.79
N LYS A 203 -42.29 23.61 -9.96
CA LYS A 203 -42.77 22.83 -8.82
C LYS A 203 -41.66 22.04 -8.14
N LEU A 204 -40.72 21.51 -8.93
CA LEU A 204 -39.58 20.77 -8.39
C LEU A 204 -38.83 21.65 -7.41
N MET A 205 -38.56 22.89 -7.81
CA MET A 205 -37.89 23.85 -6.95
C MET A 205 -38.56 23.97 -5.58
N GLU A 206 -39.87 23.79 -5.55
CA GLU A 206 -40.64 23.81 -4.32
C GLU A 206 -40.13 22.77 -3.32
N PHE A 207 -39.79 21.57 -3.80
CA PHE A 207 -39.10 20.59 -2.95
C PHE A 207 -37.59 20.80 -2.86
N LEU A 208 -36.94 20.89 -4.02
CA LEU A 208 -35.50 21.14 -4.13
C LEU A 208 -35.18 22.58 -4.52
N PRO A 209 -34.91 23.44 -3.55
CA PRO A 209 -34.61 24.83 -3.84
C PRO A 209 -33.18 25.11 -3.49
N GLY A 210 -32.36 25.55 -4.43
CA GLY A 210 -30.95 25.79 -4.14
C GLY A 210 -30.19 24.63 -3.48
N PRO A 211 -28.86 24.71 -3.48
CA PRO A 211 -27.96 23.71 -2.91
C PRO A 211 -27.93 23.78 -1.39
N ASP A 212 -27.22 22.85 -0.75
CA ASP A 212 -27.03 22.86 0.70
C ASP A 212 -25.57 22.53 0.98
N PHE A 213 -24.74 23.55 1.14
CA PHE A 213 -23.33 23.35 1.41
C PHE A 213 -23.06 22.85 2.82
N PRO A 214 -22.07 21.94 2.99
CA PRO A 214 -21.69 21.38 4.30
C PRO A 214 -21.19 22.48 5.20
N THR A 215 -20.60 23.48 4.57
CA THR A 215 -20.03 24.63 5.27
C THR A 215 -21.11 25.64 5.67
N GLY A 216 -22.36 25.31 5.37
CA GLY A 216 -23.47 26.20 5.66
C GLY A 216 -23.42 27.46 4.85
N ALA A 217 -23.38 28.60 5.52
CA ALA A 217 -23.34 29.90 4.86
C ALA A 217 -24.69 30.35 4.29
N ILE A 218 -24.67 31.49 3.59
CA ILE A 218 -25.86 32.03 2.96
C ILE A 218 -25.75 32.11 1.43
N ILE A 219 -26.82 31.71 0.75
CA ILE A 219 -26.84 31.58 -0.70
C ILE A 219 -27.92 32.48 -1.29
N GLN A 220 -27.52 33.36 -2.21
CA GLN A 220 -28.44 34.33 -2.80
C GLN A 220 -28.47 34.09 -4.29
N GLY A 221 -29.67 34.07 -4.87
CA GLY A 221 -29.81 34.01 -6.31
C GLY A 221 -30.88 33.06 -6.84
N ARG A 222 -32.06 33.10 -6.24
CA ARG A 222 -33.12 32.19 -6.64
C ARG A 222 -33.25 32.16 -8.16
N ASP A 223 -33.28 33.34 -8.77
CA ASP A 223 -33.40 33.44 -10.22
C ASP A 223 -32.27 32.67 -10.87
N GLU A 224 -31.06 32.91 -10.40
CA GLU A 224 -29.87 32.22 -10.90
C GLU A 224 -29.96 30.71 -10.66
N ILE A 225 -30.44 30.32 -9.48
CA ILE A 225 -30.59 28.91 -9.18
C ILE A 225 -31.54 28.26 -10.19
N LYS A 226 -32.67 28.91 -10.45
CA LYS A 226 -33.61 28.39 -11.46
C LYS A 226 -32.90 28.16 -12.79
N LYS A 227 -32.10 29.14 -13.20
CA LYS A 227 -31.34 29.07 -14.45
C LYS A 227 -30.39 27.87 -14.47
N ALA A 228 -29.66 27.67 -13.38
CA ALA A 228 -28.77 26.51 -13.28
C ALA A 228 -29.56 25.18 -13.37
N TYR A 229 -30.62 25.05 -12.59
CA TYR A 229 -31.44 23.84 -12.57
C TYR A 229 -32.12 23.58 -13.92
N GLU A 230 -32.36 24.65 -14.66
CA GLU A 230 -32.93 24.55 -15.99
C GLU A 230 -31.89 24.11 -17.03
N THR A 231 -30.84 24.90 -17.20
CA THR A 231 -29.87 24.71 -18.27
C THR A 231 -28.68 23.86 -17.90
N GLY A 232 -28.10 24.16 -16.73
CA GLY A 232 -26.89 23.50 -16.28
C GLY A 232 -25.91 24.52 -15.74
N LYS A 233 -26.15 25.80 -16.05
CA LYS A 233 -25.19 26.86 -15.74
C LYS A 233 -25.82 28.04 -15.01
N GLY A 234 -25.08 28.59 -14.05
CA GLY A 234 -25.54 29.72 -13.25
C GLY A 234 -24.50 30.27 -12.27
N ARG A 235 -24.63 31.54 -11.90
CA ARG A 235 -23.79 32.10 -10.84
C ARG A 235 -24.69 32.45 -9.68
N VAL A 236 -24.30 31.99 -8.52
CA VAL A 236 -25.05 32.18 -7.30
C VAL A 236 -24.07 32.88 -6.35
N VAL A 237 -24.57 33.67 -5.41
CA VAL A 237 -23.67 34.33 -4.47
C VAL A 237 -23.65 33.63 -3.13
N VAL A 238 -22.44 33.43 -2.62
CA VAL A 238 -22.29 32.73 -1.35
C VAL A 238 -21.59 33.64 -0.34
N ARG A 239 -22.28 33.86 0.77
CA ARG A 239 -21.95 34.91 1.72
C ARG A 239 -21.82 34.30 3.10
N SER A 240 -20.65 34.48 3.72
CA SER A 240 -20.40 33.88 5.03
C SER A 240 -21.36 34.46 6.09
N LYS A 241 -21.56 33.73 7.17
CA LYS A 241 -22.62 34.06 8.10
C LYS A 241 -22.06 34.86 9.28
N THR A 242 -22.66 36.03 9.53
CA THR A 242 -22.13 37.00 10.47
C THR A 242 -23.05 37.32 11.65
N GLU A 243 -22.42 37.77 12.73
CA GLU A 243 -23.09 38.19 13.95
C GLU A 243 -22.38 39.45 14.41
N ILE A 244 -22.98 40.12 15.39
CA ILE A 244 -22.33 41.25 16.02
C ILE A 244 -22.20 41.04 17.55
N GLU A 245 -21.05 41.45 18.08
CA GLU A 245 -20.83 41.38 19.51
C GLU A 245 -20.50 42.76 20.08
N LYS A 246 -21.05 43.07 21.25
CA LYS A 246 -20.78 44.38 21.83
C LYS A 246 -19.64 44.18 22.80
N LEU A 247 -18.73 45.14 22.81
CA LEU A 247 -17.42 44.96 23.41
C LEU A 247 -17.17 45.96 24.55
N LYS A 248 -17.10 45.44 25.78
CA LYS A 248 -16.92 46.29 26.95
C LYS A 248 -15.95 47.42 26.64
N GLY A 249 -16.48 48.63 26.54
CA GLY A 249 -15.63 49.78 26.30
C GLY A 249 -15.93 50.54 25.02
N GLY A 250 -17.15 50.40 24.51
CA GLY A 250 -17.54 51.11 23.31
C GLY A 250 -16.84 50.58 22.07
N LYS A 251 -16.63 49.27 22.05
CA LYS A 251 -16.00 48.59 20.93
C LYS A 251 -16.98 47.56 20.36
N GLU A 252 -16.94 47.36 19.04
CA GLU A 252 -17.85 46.44 18.38
C GLU A 252 -17.09 45.31 17.68
N GLN A 253 -17.60 44.09 17.78
CA GLN A 253 -16.91 42.93 17.23
C GLN A 253 -17.70 42.25 16.12
N ILE A 254 -17.00 41.90 15.05
CA ILE A 254 -17.60 41.22 13.91
C ILE A 254 -17.26 39.77 14.06
N VAL A 255 -18.27 38.92 14.03
CA VAL A 255 -18.06 37.50 14.22
C VAL A 255 -18.59 36.73 13.03
N ILE A 256 -17.85 35.72 12.61
CA ILE A 256 -18.19 34.93 11.45
C ILE A 256 -18.24 33.48 11.87
N THR A 257 -19.30 32.77 11.50
CA THR A 257 -19.41 31.41 11.97
C THR A 257 -19.75 30.36 10.91
N GLU A 258 -19.62 30.76 9.64
CA GLU A 258 -19.75 29.85 8.52
C GLU A 258 -19.14 30.57 7.32
N ILE A 259 -18.29 29.89 6.56
CA ILE A 259 -17.73 30.51 5.37
C ILE A 259 -18.09 29.78 4.08
N PRO A 260 -17.74 30.38 2.95
CA PRO A 260 -18.22 29.74 1.74
C PRO A 260 -17.52 28.43 1.41
N TYR A 261 -18.27 27.62 0.67
CA TYR A 261 -17.84 26.31 0.26
C TYR A 261 -16.51 26.40 -0.46
N GLU A 262 -15.61 25.50 -0.13
CA GLU A 262 -14.37 25.32 -0.88
C GLU A 262 -13.29 26.38 -0.69
N ILE A 263 -13.37 27.16 0.39
CA ILE A 263 -12.31 28.11 0.65
C ILE A 263 -11.54 27.87 1.96
N ASN A 264 -10.24 28.11 1.87
CA ASN A 264 -9.22 27.92 2.91
C ASN A 264 -9.28 28.91 4.08
N LYS A 265 -10.10 28.60 5.08
CA LYS A 265 -10.23 29.42 6.28
C LYS A 265 -8.96 30.06 6.82
N ALA A 266 -7.86 29.32 6.88
CA ALA A 266 -6.62 29.92 7.35
C ALA A 266 -6.26 31.11 6.47
N ASN A 267 -6.29 30.91 5.15
CA ASN A 267 -6.03 31.98 4.17
C ASN A 267 -7.02 33.14 4.17
N LEU A 268 -8.29 32.84 4.42
CA LEU A 268 -9.33 33.85 4.51
C LEU A 268 -8.94 34.80 5.62
N VAL A 269 -8.59 34.22 6.76
CA VAL A 269 -8.16 34.98 7.92
C VAL A 269 -6.98 35.85 7.53
N LYS A 270 -5.97 35.24 6.91
CA LYS A 270 -4.78 36.00 6.58
C LYS A 270 -5.08 37.21 5.72
N LYS A 271 -5.93 37.05 4.72
CA LYS A 271 -6.32 38.15 3.86
C LYS A 271 -7.12 39.21 4.59
N ILE A 272 -8.05 38.80 5.45
CA ILE A 272 -8.77 39.78 6.26
C ILE A 272 -7.77 40.63 7.07
N ASP A 273 -6.77 39.96 7.65
CA ASP A 273 -5.69 40.63 8.35
C ASP A 273 -4.90 41.59 7.44
N ASP A 274 -4.56 41.12 6.25
CA ASP A 274 -3.85 41.92 5.25
C ASP A 274 -4.60 43.20 4.91
N VAL A 275 -5.93 43.13 4.87
CA VAL A 275 -6.75 44.31 4.67
C VAL A 275 -6.48 45.34 5.77
N ARG A 276 -6.34 44.85 7.01
CA ARG A 276 -6.06 45.73 8.14
C ARG A 276 -4.68 46.36 8.08
N VAL A 277 -3.66 45.54 7.83
CA VAL A 277 -2.29 46.05 7.81
C VAL A 277 -2.14 47.19 6.81
N ASN A 278 -2.46 46.92 5.55
CA ASN A 278 -2.44 47.95 4.52
C ASN A 278 -3.49 49.04 4.72
N ASN A 279 -4.31 48.91 5.76
CA ASN A 279 -5.41 49.84 5.98
C ASN A 279 -6.16 50.15 4.68
N LYS A 280 -6.73 49.13 4.06
CA LYS A 280 -7.54 49.32 2.85
C LYS A 280 -8.94 49.78 3.24
N VAL A 281 -9.21 49.75 4.54
CA VAL A 281 -10.49 50.17 5.12
C VAL A 281 -10.20 50.66 6.52
N ALA A 282 -11.11 51.45 7.09
CA ALA A 282 -10.83 52.12 8.35
C ALA A 282 -11.27 51.37 9.63
N GLY A 283 -12.42 50.68 9.58
CA GLY A 283 -12.90 49.93 10.73
C GLY A 283 -11.94 48.86 11.24
N ILE A 284 -10.73 48.85 10.71
CA ILE A 284 -9.71 47.86 11.06
C ILE A 284 -9.30 47.95 12.52
N ALA A 285 -9.07 46.81 13.13
CA ALA A 285 -8.67 46.70 14.54
C ALA A 285 -7.70 45.55 14.69
N GLU A 286 -8.16 44.48 15.34
CA GLU A 286 -7.44 43.19 15.39
C GLU A 286 -8.21 42.09 14.64
N VAL A 287 -7.48 41.11 14.09
CA VAL A 287 -8.13 39.92 13.53
C VAL A 287 -7.64 38.66 14.23
N ARG A 288 -8.58 37.84 14.68
CA ARG A 288 -8.25 36.61 15.41
C ARG A 288 -9.05 35.41 14.92
N ASP A 289 -8.36 34.29 14.73
CA ASP A 289 -9.04 33.04 14.44
C ASP A 289 -9.13 32.30 15.76
N GLU A 290 -10.35 32.12 16.24
CA GLU A 290 -10.54 31.35 17.45
C GLU A 290 -11.56 30.26 17.20
N SER A 291 -11.09 29.22 16.54
CA SER A 291 -11.88 28.08 16.20
C SER A 291 -11.14 26.95 16.90
N ASP A 292 -11.87 25.99 17.42
CA ASP A 292 -11.26 24.85 18.10
C ASP A 292 -11.97 23.62 17.58
N ARG A 293 -11.49 22.43 17.98
CA ARG A 293 -12.28 21.23 17.75
C ARG A 293 -13.72 21.68 17.98
N ASP A 294 -14.67 21.10 17.27
CA ASP A 294 -16.09 21.36 17.54
C ASP A 294 -16.66 22.80 17.38
N GLY A 295 -16.09 23.61 16.47
CA GLY A 295 -16.68 24.91 16.15
C GLY A 295 -15.83 25.98 15.45
N LEU A 296 -16.41 26.63 14.45
CA LEU A 296 -15.70 27.66 13.70
C LEU A 296 -16.08 29.06 14.16
N ARG A 297 -15.08 29.84 14.56
CA ARG A 297 -15.30 31.20 15.04
C ARG A 297 -14.20 32.18 14.60
N ILE A 298 -14.59 33.21 13.85
CA ILE A 298 -13.66 34.18 13.32
C ILE A 298 -14.01 35.56 13.84
N ALA A 299 -13.10 36.16 14.60
CA ALA A 299 -13.38 37.41 15.30
C ALA A 299 -12.58 38.58 14.73
N ILE A 300 -13.30 39.54 14.15
CA ILE A 300 -12.71 40.76 13.61
C ILE A 300 -13.33 41.86 14.42
N GLU A 301 -12.61 42.33 15.43
CA GLU A 301 -13.15 43.31 16.35
C GLU A 301 -12.56 44.68 16.01
N LEU A 302 -13.41 45.70 15.94
CA LEU A 302 -13.00 47.03 15.51
C LEU A 302 -12.88 47.98 16.70
N LYS A 303 -12.41 49.20 16.46
CA LYS A 303 -11.71 49.94 17.51
C LYS A 303 -12.40 51.07 18.28
N LYS A 304 -13.06 51.97 17.58
CA LYS A 304 -13.62 53.16 18.23
C LYS A 304 -14.69 53.71 17.32
N ASP A 305 -14.22 54.28 16.20
CA ASP A 305 -15.06 54.55 15.05
C ASP A 305 -15.56 53.20 14.51
N ALA A 306 -16.61 52.67 15.13
CA ALA A 306 -17.18 51.40 14.71
C ALA A 306 -17.97 51.53 13.41
N ASN A 307 -17.24 51.65 12.30
CA ASN A 307 -17.79 51.67 10.95
C ASN A 307 -18.45 50.35 10.55
N THR A 308 -19.00 49.63 11.51
CA THR A 308 -19.35 48.23 11.33
C THR A 308 -19.98 47.84 9.98
N GLU A 309 -21.15 48.36 9.66
CA GLU A 309 -21.81 47.98 8.40
C GLU A 309 -21.02 48.41 7.16
N LEU A 310 -20.33 49.53 7.26
CA LEU A 310 -19.41 50.00 6.22
C LEU A 310 -18.28 49.00 5.97
N VAL A 311 -17.54 48.68 7.02
CA VAL A 311 -16.37 47.78 6.94
C VAL A 311 -16.75 46.35 6.55
N LEU A 312 -17.79 45.83 7.19
CA LEU A 312 -18.27 44.50 6.86
C LEU A 312 -18.52 44.45 5.35
N ASN A 313 -19.25 45.43 4.83
CA ASN A 313 -19.57 45.51 3.40
C ASN A 313 -18.33 45.49 2.51
N TYR A 314 -17.25 46.13 2.97
CA TYR A 314 -15.98 46.14 2.23
C TYR A 314 -15.38 44.74 2.08
N LEU A 315 -15.34 43.99 3.19
CA LEU A 315 -14.82 42.64 3.14
C LEU A 315 -15.59 41.76 2.16
N PHE A 316 -16.92 41.79 2.21
CA PHE A 316 -17.74 41.01 1.29
C PHE A 316 -17.29 41.18 -0.17
N LYS A 317 -16.91 42.40 -0.51
CA LYS A 317 -16.31 42.69 -1.82
C LYS A 317 -14.90 42.14 -1.97
N TYR A 318 -13.99 42.68 -1.17
CA TYR A 318 -12.55 42.49 -1.40
C TYR A 318 -11.90 41.21 -0.89
N THR A 319 -12.58 40.51 0.02
CA THR A 319 -12.09 39.22 0.48
C THR A 319 -13.08 38.14 0.05
N ASP A 320 -12.80 36.91 0.45
CA ASP A 320 -13.66 35.79 0.08
C ASP A 320 -14.77 35.52 1.08
N LEU A 321 -14.87 36.37 2.11
CA LEU A 321 -16.00 36.29 3.04
C LEU A 321 -17.27 36.15 2.21
N GLN A 322 -17.26 36.77 1.04
CA GLN A 322 -18.29 36.53 0.04
C GLN A 322 -17.66 36.25 -1.29
N ILE A 323 -18.13 35.16 -1.92
CA ILE A 323 -17.66 34.72 -3.22
C ILE A 323 -18.88 34.40 -4.09
N ASN A 324 -18.65 34.12 -5.37
CA ASN A 324 -19.67 33.39 -6.12
C ASN A 324 -19.31 31.97 -6.49
N TYR A 325 -20.36 31.16 -6.67
CA TYR A 325 -20.26 29.77 -7.08
C TYR A 325 -20.93 29.61 -8.43
N ASN A 326 -20.33 28.83 -9.32
CA ASN A 326 -20.93 28.60 -10.64
C ASN A 326 -21.34 27.16 -10.84
N PHE A 327 -22.56 26.96 -11.30
CA PHE A 327 -23.01 25.64 -11.64
C PHE A 327 -22.56 25.37 -13.04
N ASN A 328 -21.80 24.30 -13.22
CA ASN A 328 -21.58 23.78 -14.53
C ASN A 328 -21.79 22.28 -14.42
N MET A 329 -23.04 21.87 -14.60
CA MET A 329 -23.41 20.49 -14.32
C MET A 329 -23.21 19.62 -15.55
N VAL A 330 -22.11 18.89 -15.50
CA VAL A 330 -21.77 18.01 -16.58
C VAL A 330 -21.58 16.63 -15.99
N ALA A 331 -22.19 15.64 -16.63
CA ALA A 331 -22.13 14.28 -16.13
C ALA A 331 -21.91 13.35 -17.32
N ILE A 332 -21.67 12.08 -17.05
CA ILE A 332 -21.61 11.14 -18.13
C ILE A 332 -22.92 10.40 -18.24
N ASP A 333 -23.57 10.59 -19.37
CA ASP A 333 -24.81 9.91 -19.71
C ASP A 333 -24.60 9.20 -21.03
N ASN A 334 -25.00 7.93 -21.08
CA ASN A 334 -24.77 7.09 -22.24
C ASN A 334 -23.33 7.20 -22.74
N PHE A 335 -22.40 7.03 -21.80
CA PHE A 335 -20.97 7.02 -22.09
C PHE A 335 -20.40 8.33 -22.55
N THR A 336 -21.24 9.34 -22.74
CA THR A 336 -20.74 10.62 -23.21
C THR A 336 -21.16 11.77 -22.32
N PRO A 337 -20.33 12.83 -22.31
CA PRO A 337 -20.54 14.01 -21.46
C PRO A 337 -21.81 14.69 -21.85
N ARG A 338 -22.68 15.00 -20.91
CA ARG A 338 -23.80 15.89 -21.20
C ARG A 338 -23.91 17.00 -20.18
N GLN A 339 -24.34 18.17 -20.61
CA GLN A 339 -24.57 19.24 -19.65
C GLN A 339 -26.02 19.16 -19.31
N VAL A 340 -26.30 19.18 -18.01
CA VAL A 340 -27.60 18.78 -17.53
C VAL A 340 -28.11 19.68 -16.42
N GLY A 341 -29.43 19.88 -16.44
CA GLY A 341 -30.13 20.51 -15.34
C GLY A 341 -30.81 19.45 -14.48
N ILE A 342 -31.49 19.90 -13.43
CA ILE A 342 -32.12 18.99 -12.49
C ILE A 342 -33.00 17.88 -13.09
N VAL A 343 -33.80 18.20 -14.10
CA VAL A 343 -34.71 17.22 -14.66
C VAL A 343 -34.04 15.95 -15.22
N PRO A 344 -33.15 16.11 -16.19
CA PRO A 344 -32.37 14.98 -16.72
C PRO A 344 -31.68 14.18 -15.61
N ILE A 345 -31.01 14.86 -14.68
CA ILE A 345 -30.37 14.18 -13.57
C ILE A 345 -31.35 13.30 -12.77
N LEU A 346 -32.47 13.89 -12.35
CA LEU A 346 -33.50 13.16 -11.64
C LEU A 346 -34.10 12.01 -12.45
N SER A 347 -34.44 12.28 -13.71
CA SER A 347 -35.08 11.28 -14.56
C SER A 347 -34.17 10.07 -14.79
N SER A 348 -32.90 10.32 -15.14
CA SER A 348 -31.94 9.23 -15.33
C SER A 348 -31.67 8.43 -14.06
N TYR A 349 -31.71 9.09 -12.91
CA TYR A 349 -31.56 8.39 -11.62
C TYR A 349 -32.71 7.44 -11.37
N ILE A 350 -33.91 7.94 -11.59
CA ILE A 350 -35.10 7.11 -11.55
C ILE A 350 -35.03 5.93 -12.54
N ALA A 351 -34.68 6.22 -13.78
CA ALA A 351 -34.60 5.19 -14.81
C ALA A 351 -33.59 4.13 -14.42
N HIS A 352 -32.54 4.56 -13.74
CA HIS A 352 -31.53 3.64 -13.22
C HIS A 352 -32.05 2.72 -12.11
N ARG A 353 -32.76 3.29 -11.13
CA ARG A 353 -33.35 2.49 -10.06
C ARG A 353 -34.36 1.53 -10.65
N ARG A 354 -35.00 1.94 -11.74
CA ARG A 354 -35.95 1.05 -12.38
C ARG A 354 -35.21 -0.21 -12.81
N GLU A 355 -34.16 -0.03 -13.61
CA GLU A 355 -33.39 -1.17 -14.12
C GLU A 355 -32.81 -2.01 -12.98
N VAL A 356 -32.34 -1.34 -11.95
CA VAL A 356 -31.79 -2.02 -10.79
C VAL A 356 -32.85 -2.87 -10.07
N ILE A 357 -33.97 -2.26 -9.74
CA ILE A 357 -35.07 -2.96 -9.09
C ILE A 357 -35.62 -4.09 -9.95
N LEU A 358 -35.70 -3.90 -11.26
CA LEU A 358 -36.10 -5.00 -12.12
C LEU A 358 -35.09 -6.13 -12.06
N ALA A 359 -33.82 -5.81 -12.19
CA ALA A 359 -32.80 -6.86 -12.22
C ALA A 359 -32.74 -7.60 -10.89
N ARG A 360 -32.83 -6.84 -9.81
CA ARG A 360 -32.84 -7.41 -8.47
C ARG A 360 -33.94 -8.45 -8.34
N SER A 361 -35.11 -8.07 -8.83
CA SER A 361 -36.29 -8.94 -8.75
C SER A 361 -36.11 -10.19 -9.61
N ARG A 362 -35.72 -10.00 -10.87
CA ARG A 362 -35.40 -11.10 -11.76
C ARG A 362 -34.42 -12.08 -11.11
N PHE A 363 -33.42 -11.55 -10.43
CA PHE A 363 -32.48 -12.38 -9.71
C PHE A 363 -33.13 -13.17 -8.57
N ASP A 364 -33.85 -12.47 -7.71
CA ASP A 364 -34.49 -13.09 -6.56
C ASP A 364 -35.55 -14.13 -6.98
N LYS A 365 -36.28 -13.83 -8.04
CA LYS A 365 -37.22 -14.77 -8.63
C LYS A 365 -36.54 -16.08 -9.03
N GLU A 366 -35.54 -16.00 -9.89
CA GLU A 366 -34.79 -17.17 -10.36
C GLU A 366 -34.32 -18.02 -9.20
N LYS A 367 -33.69 -17.37 -8.23
CA LYS A 367 -33.19 -18.07 -7.05
C LYS A 367 -34.31 -18.85 -6.38
N ALA A 368 -35.46 -18.22 -6.28
CA ALA A 368 -36.64 -18.81 -5.65
C ALA A 368 -37.21 -19.98 -6.44
N GLU A 369 -37.46 -19.80 -7.73
CA GLU A 369 -37.96 -20.92 -8.55
C GLU A 369 -37.00 -22.11 -8.54
N LYS A 370 -35.71 -21.82 -8.48
CA LYS A 370 -34.73 -22.89 -8.38
C LYS A 370 -34.91 -23.68 -7.08
N ARG A 371 -34.98 -22.96 -5.96
CA ARG A 371 -35.25 -23.60 -4.66
C ARG A 371 -36.60 -24.30 -4.58
N LEU A 372 -37.60 -23.73 -5.24
CA LEU A 372 -38.94 -24.31 -5.29
C LEU A 372 -38.83 -25.65 -5.97
N HIS A 373 -38.18 -25.62 -7.13
CA HIS A 373 -38.05 -26.79 -8.00
C HIS A 373 -37.43 -27.94 -7.22
N ILE A 374 -36.44 -27.59 -6.42
CA ILE A 374 -35.77 -28.57 -5.56
C ILE A 374 -36.68 -29.08 -4.48
N VAL A 375 -37.39 -28.15 -3.84
CA VAL A 375 -38.28 -28.48 -2.74
C VAL A 375 -39.42 -29.38 -3.20
N GLU A 376 -39.93 -29.12 -4.41
CA GLU A 376 -40.96 -30.00 -4.97
C GLU A 376 -40.38 -31.39 -5.10
N GLY A 377 -39.15 -31.47 -5.60
CA GLY A 377 -38.46 -32.75 -5.69
C GLY A 377 -38.39 -33.48 -4.35
N LEU A 378 -37.94 -32.79 -3.31
CA LEU A 378 -37.83 -33.40 -1.98
C LEU A 378 -39.16 -33.91 -1.49
N ILE A 379 -40.23 -33.18 -1.81
CA ILE A 379 -41.53 -33.58 -1.34
C ILE A 379 -41.85 -34.97 -1.91
N ARG A 380 -41.64 -35.13 -3.22
CA ARG A 380 -41.85 -36.43 -3.89
C ARG A 380 -40.98 -37.53 -3.32
N VAL A 381 -39.69 -37.21 -3.17
CA VAL A 381 -38.70 -38.16 -2.70
C VAL A 381 -39.19 -38.89 -1.47
N ILE A 382 -39.79 -38.14 -0.56
CA ILE A 382 -40.23 -38.67 0.72
C ILE A 382 -41.20 -39.82 0.59
N SER A 383 -42.12 -39.71 -0.37
CA SER A 383 -43.11 -40.74 -0.68
C SER A 383 -42.56 -42.07 -1.20
N ILE A 384 -41.33 -42.07 -1.70
CA ILE A 384 -40.74 -43.25 -2.29
C ILE A 384 -39.36 -43.46 -1.70
N LEU A 385 -39.15 -42.90 -0.51
CA LEU A 385 -37.80 -42.83 0.07
C LEU A 385 -37.07 -44.16 0.06
N ASP A 386 -37.72 -45.20 0.57
CA ASP A 386 -37.12 -46.52 0.67
C ASP A 386 -36.58 -47.01 -0.68
N GLU A 387 -37.42 -46.87 -1.71
CA GLU A 387 -37.05 -47.24 -3.07
C GLU A 387 -35.89 -46.40 -3.56
N VAL A 388 -35.95 -45.10 -3.29
CA VAL A 388 -34.92 -44.19 -3.76
C VAL A 388 -33.59 -44.51 -3.10
N ILE A 389 -33.61 -44.76 -1.79
CA ILE A 389 -32.39 -45.14 -1.12
C ILE A 389 -31.83 -46.44 -1.73
N ALA A 390 -32.71 -47.39 -1.96
CA ALA A 390 -32.30 -48.65 -2.51
C ALA A 390 -31.66 -48.46 -3.88
N LEU A 391 -32.34 -47.71 -4.72
CA LEU A 391 -31.86 -47.49 -6.06
C LEU A 391 -30.46 -46.87 -6.00
N ILE A 392 -30.26 -45.89 -5.11
CA ILE A 392 -28.95 -45.28 -4.93
C ILE A 392 -27.88 -46.29 -4.49
N ARG A 393 -28.18 -47.11 -3.49
CA ARG A 393 -27.23 -48.15 -3.07
C ARG A 393 -26.88 -49.09 -4.21
N ALA A 394 -27.86 -49.37 -5.05
CA ALA A 394 -27.68 -50.24 -6.20
C ALA A 394 -26.86 -49.64 -7.35
N SER A 395 -26.71 -48.32 -7.41
CA SER A 395 -25.98 -47.72 -8.52
C SER A 395 -24.48 -47.91 -8.39
N GLU A 396 -23.72 -47.27 -9.29
CA GLU A 396 -22.28 -47.47 -9.38
C GLU A 396 -21.45 -46.26 -8.90
N ASN A 397 -22.05 -45.09 -8.90
CA ASN A 397 -21.33 -43.90 -8.46
C ASN A 397 -22.31 -42.76 -8.44
N LYS A 398 -21.84 -41.54 -8.15
CA LYS A 398 -22.76 -40.41 -8.13
C LYS A 398 -23.52 -40.27 -9.45
N ALA A 399 -22.77 -40.13 -10.53
CA ALA A 399 -23.36 -39.95 -11.85
C ALA A 399 -24.37 -41.03 -12.25
N ASP A 400 -24.01 -42.29 -12.08
CA ASP A 400 -24.96 -43.39 -12.32
C ASP A 400 -26.25 -43.30 -11.46
N ALA A 401 -26.12 -42.98 -10.18
CA ALA A 401 -27.32 -42.85 -9.34
C ALA A 401 -28.22 -41.76 -9.88
N LYS A 402 -27.63 -40.61 -10.20
CA LYS A 402 -28.38 -39.51 -10.81
C LYS A 402 -29.17 -39.95 -12.05
N GLU A 403 -28.52 -40.65 -12.95
CA GLU A 403 -29.16 -41.09 -14.16
C GLU A 403 -30.32 -42.00 -13.83
N ASN A 404 -30.12 -42.94 -12.91
CA ASN A 404 -31.22 -43.84 -12.51
C ASN A 404 -32.45 -43.14 -11.92
N LEU A 405 -32.23 -42.14 -11.09
CA LEU A 405 -33.34 -41.37 -10.54
C LEU A 405 -34.11 -40.66 -11.64
N LYS A 406 -33.39 -40.13 -12.62
CA LYS A 406 -34.02 -39.43 -13.74
C LYS A 406 -34.87 -40.37 -14.59
N VAL A 407 -34.21 -41.37 -15.14
CA VAL A 407 -34.84 -42.37 -15.99
C VAL A 407 -35.99 -43.09 -15.29
N SER A 408 -35.71 -43.61 -14.11
CA SER A 408 -36.69 -44.35 -13.30
C SER A 408 -37.85 -43.52 -12.69
N TYR A 409 -37.52 -42.46 -11.98
CA TYR A 409 -38.54 -41.62 -11.36
C TYR A 409 -38.75 -40.24 -11.99
N ASP A 410 -38.13 -39.99 -13.13
CA ASP A 410 -38.38 -38.74 -13.84
C ASP A 410 -38.01 -37.44 -13.10
N PHE A 411 -37.14 -37.52 -12.09
CA PHE A 411 -36.58 -36.33 -11.47
C PHE A 411 -35.72 -35.57 -12.48
N THR A 412 -35.53 -34.26 -12.30
CA THR A 412 -34.62 -33.55 -13.20
C THR A 412 -33.19 -33.64 -12.70
N GLU A 413 -32.26 -33.12 -13.50
CA GLU A 413 -30.87 -33.23 -13.15
C GLU A 413 -30.64 -32.46 -11.85
N GLU A 414 -31.18 -31.26 -11.79
CA GLU A 414 -31.00 -30.41 -10.61
C GLU A 414 -31.62 -31.04 -9.36
N GLN A 415 -32.77 -31.66 -9.54
CA GLN A 415 -33.40 -32.45 -8.50
C GLN A 415 -32.60 -33.67 -8.07
N ALA A 416 -32.05 -34.41 -9.03
CA ALA A 416 -31.32 -35.62 -8.68
C ALA A 416 -30.06 -35.28 -7.90
N GLU A 417 -29.41 -34.21 -8.34
CA GLU A 417 -28.17 -33.76 -7.77
C GLU A 417 -28.39 -33.39 -6.31
N ALA A 418 -29.49 -32.69 -6.04
CA ALA A 418 -29.83 -32.29 -4.68
C ALA A 418 -30.13 -33.46 -3.76
N ILE A 419 -30.91 -34.40 -4.26
CA ILE A 419 -31.23 -35.63 -3.54
C ILE A 419 -30.00 -36.46 -3.16
N VAL A 420 -29.21 -36.76 -4.18
CA VAL A 420 -28.02 -37.58 -4.10
C VAL A 420 -26.92 -36.99 -3.19
N THR A 421 -26.87 -35.68 -3.08
CA THR A 421 -25.96 -35.04 -2.12
C THR A 421 -26.47 -34.82 -0.67
N LEU A 422 -27.71 -35.18 -0.37
CA LEU A 422 -28.19 -35.08 1.00
C LEU A 422 -27.28 -35.89 1.91
N GLN A 423 -26.98 -35.41 3.12
CA GLN A 423 -26.17 -36.22 4.02
C GLN A 423 -27.08 -37.15 4.80
N LEU A 424 -26.51 -38.11 5.51
CA LEU A 424 -27.34 -39.18 6.07
C LEU A 424 -28.28 -38.65 7.15
N TYR A 425 -27.78 -37.75 7.98
CA TYR A 425 -28.59 -37.24 9.08
C TYR A 425 -29.84 -36.55 8.59
N ARG A 426 -29.81 -36.04 7.37
CA ARG A 426 -30.99 -35.41 6.81
C ARG A 426 -32.18 -36.35 6.83
N LEU A 427 -31.90 -37.65 6.74
CA LEU A 427 -32.96 -38.66 6.73
C LEU A 427 -33.65 -38.67 8.07
N THR A 428 -32.97 -38.14 9.05
CA THR A 428 -33.52 -37.97 10.38
C THR A 428 -34.86 -37.19 10.38
N ASN A 429 -35.08 -36.39 9.34
CA ASN A 429 -36.34 -35.65 9.17
C ASN A 429 -37.03 -35.90 7.83
N THR A 430 -38.19 -36.57 7.84
CA THR A 430 -38.93 -36.86 6.62
C THR A 430 -40.32 -36.25 6.64
N ASP A 431 -40.39 -35.03 7.16
CA ASP A 431 -41.61 -34.25 7.23
C ASP A 431 -42.02 -33.51 5.95
N VAL A 432 -42.88 -34.14 5.17
CA VAL A 432 -43.59 -33.41 4.12
C VAL A 432 -44.15 -32.01 4.50
N VAL A 433 -44.62 -31.83 5.73
CA VAL A 433 -45.24 -30.55 6.17
C VAL A 433 -44.31 -29.34 6.21
N VAL A 434 -43.17 -29.48 6.90
CA VAL A 434 -42.13 -28.46 6.93
C VAL A 434 -41.77 -28.00 5.51
N LEU A 435 -41.66 -28.96 4.59
CA LEU A 435 -41.35 -28.68 3.20
C LEU A 435 -42.44 -27.86 2.53
N GLN A 436 -43.67 -28.34 2.62
CA GLN A 436 -44.81 -27.64 2.05
C GLN A 436 -44.94 -26.21 2.54
N GLU A 437 -44.56 -25.98 3.80
CA GLU A 437 -44.59 -24.61 4.28
C GLU A 437 -43.60 -23.75 3.49
N GLU A 438 -42.35 -24.23 3.37
CA GLU A 438 -41.37 -23.54 2.54
C GLU A 438 -41.89 -23.35 1.12
N GLU A 439 -42.49 -24.38 0.57
CA GLU A 439 -43.03 -24.29 -0.76
C GLU A 439 -43.94 -23.08 -0.85
N ALA A 440 -44.96 -23.02 0.01
CA ALA A 440 -45.93 -21.94 -0.04
C ALA A 440 -45.29 -20.58 0.11
N GLU A 441 -44.35 -20.47 1.04
CA GLU A 441 -43.61 -19.22 1.17
C GLU A 441 -42.92 -18.81 -0.15
N LEU A 442 -42.30 -19.78 -0.82
CA LEU A 442 -41.58 -19.47 -2.06
C LEU A 442 -42.55 -18.99 -3.12
N ARG A 443 -43.62 -19.74 -3.28
CA ARG A 443 -44.58 -19.47 -4.32
C ARG A 443 -45.14 -18.07 -4.20
N GLU A 444 -45.25 -17.59 -2.96
CA GLU A 444 -45.64 -16.20 -2.67
C GLU A 444 -44.52 -15.16 -2.97
N LYS A 445 -43.26 -15.48 -2.67
CA LYS A 445 -42.17 -14.61 -3.07
C LYS A 445 -42.18 -14.42 -4.58
N ILE A 446 -42.34 -15.52 -5.29
CA ILE A 446 -42.35 -15.50 -6.74
C ILE A 446 -43.47 -14.65 -7.33
N ALA A 447 -44.71 -14.87 -6.91
CA ALA A 447 -45.84 -14.04 -7.37
C ALA A 447 -45.60 -12.54 -7.19
N MET A 448 -45.14 -12.18 -5.99
CA MET A 448 -44.86 -10.79 -5.66
C MET A 448 -43.74 -10.19 -6.54
N LEU A 449 -42.69 -10.98 -6.79
CA LEU A 449 -41.64 -10.57 -7.72
C LEU A 449 -42.21 -10.41 -9.14
N ALA A 450 -42.98 -11.40 -9.58
CA ALA A 450 -43.59 -11.38 -10.90
C ALA A 450 -44.42 -10.13 -11.07
N ALA A 451 -44.99 -9.68 -9.96
CA ALA A 451 -45.80 -8.47 -9.91
C ALA A 451 -44.98 -7.20 -10.11
N ILE A 452 -43.88 -7.10 -9.37
CA ILE A 452 -42.97 -5.98 -9.47
C ILE A 452 -42.42 -5.89 -10.90
N ILE A 453 -42.14 -7.05 -11.47
CA ILE A 453 -41.55 -7.09 -12.80
C ILE A 453 -42.47 -6.63 -13.93
N GLY A 454 -43.69 -7.15 -13.95
CA GLY A 454 -44.62 -6.86 -15.03
C GLY A 454 -45.62 -5.74 -14.81
N ASP A 455 -45.38 -4.93 -13.78
CA ASP A 455 -46.30 -3.84 -13.40
C ASP A 455 -45.60 -2.53 -13.08
N GLU A 456 -45.24 -1.79 -14.12
CA GLU A 456 -44.59 -0.50 -13.93
C GLU A 456 -45.08 0.22 -12.66
N ARG A 457 -46.39 0.24 -12.40
CA ARG A 457 -46.89 0.92 -11.20
C ARG A 457 -46.41 0.35 -9.85
N THR A 458 -46.62 -0.94 -9.59
CA THR A 458 -46.10 -1.51 -8.34
C THR A 458 -44.58 -1.34 -8.25
N MET A 459 -43.90 -1.49 -9.39
CA MET A 459 -42.45 -1.27 -9.43
C MET A 459 -42.16 0.12 -8.89
N TYR A 460 -42.73 1.14 -9.52
CA TYR A 460 -42.50 2.52 -9.10
C TYR A 460 -42.89 2.80 -7.65
N ASN A 461 -43.92 2.11 -7.18
CA ASN A 461 -44.29 2.20 -5.76
C ASN A 461 -43.19 1.69 -4.85
N LEU A 462 -42.58 0.58 -5.24
CA LEU A 462 -41.44 0.06 -4.49
C LEU A 462 -40.31 1.11 -4.45
N MET A 463 -39.95 1.68 -5.60
CA MET A 463 -38.94 2.74 -5.65
C MET A 463 -39.21 3.78 -4.57
N LYS A 464 -40.48 4.23 -4.51
CA LYS A 464 -40.87 5.27 -3.57
C LYS A 464 -40.70 4.79 -2.13
N LYS A 465 -41.25 3.62 -1.80
CA LYS A 465 -41.14 3.11 -0.44
C LYS A 465 -39.67 3.14 -0.07
N GLU A 466 -38.83 2.52 -0.88
CA GLU A 466 -37.39 2.46 -0.59
C GLU A 466 -36.76 3.84 -0.42
N LEU A 467 -37.06 4.73 -1.35
CA LEU A 467 -36.54 6.08 -1.28
C LEU A 467 -36.92 6.77 0.04
N ARG A 468 -38.16 6.60 0.46
CA ARG A 468 -38.58 7.18 1.73
C ARG A 468 -37.88 6.56 2.94
N GLU A 469 -37.64 5.24 2.91
CA GLU A 469 -36.92 4.62 4.02
C GLU A 469 -35.53 5.26 4.18
N VAL A 470 -34.81 5.41 3.07
CA VAL A 470 -33.51 6.09 3.10
C VAL A 470 -33.65 7.54 3.63
N LYS A 471 -34.74 8.20 3.27
CA LYS A 471 -34.99 9.56 3.78
C LYS A 471 -35.04 9.59 5.29
N LYS A 472 -35.91 8.77 5.87
CA LYS A 472 -36.03 8.73 7.33
C LYS A 472 -34.68 8.47 7.99
N LYS A 473 -33.99 7.41 7.56
CA LYS A 473 -32.73 7.05 8.21
C LYS A 473 -31.62 8.11 8.16
N PHE A 474 -31.40 8.71 7.00
CA PHE A 474 -30.29 9.64 6.82
C PHE A 474 -30.60 11.16 6.75
N ALA A 475 -31.86 11.54 6.82
CA ALA A 475 -32.18 12.97 6.71
C ALA A 475 -31.45 13.82 7.77
N THR A 476 -30.98 15.00 7.36
CA THR A 476 -30.43 16.00 8.28
C THR A 476 -30.91 17.37 7.86
N PRO A 477 -30.95 18.30 8.82
CA PRO A 477 -31.51 19.63 8.53
C PRO A 477 -30.61 20.43 7.60
N ARG A 478 -31.15 21.44 6.93
CA ARG A 478 -30.35 22.30 6.08
C ARG A 478 -29.28 23.01 6.86
N LEU A 479 -28.22 23.40 6.16
CA LEU A 479 -27.14 24.18 6.75
C LEU A 479 -27.02 25.51 6.03
N SER A 480 -27.18 25.47 4.71
CA SER A 480 -27.19 26.69 3.91
C SER A 480 -28.57 27.29 4.01
N SER A 481 -28.65 28.62 3.95
CA SER A 481 -29.93 29.32 3.91
C SER A 481 -30.10 30.03 2.58
N LEU A 482 -31.34 30.23 2.17
CA LEU A 482 -31.59 30.82 0.87
C LEU A 482 -32.27 32.16 1.05
N GLU A 483 -31.73 33.19 0.39
CA GLU A 483 -32.23 34.55 0.56
C GLU A 483 -32.42 35.21 -0.80
N ASN B 3 -4.22 13.82 37.72
CA ASN B 3 -3.80 14.32 36.44
C ASN B 3 -2.31 14.63 36.41
N ILE B 4 -1.58 14.11 37.38
CA ILE B 4 -0.15 14.37 37.42
C ILE B 4 0.59 13.29 38.18
N GLN B 5 1.66 12.77 37.59
CA GLN B 5 2.51 11.80 38.24
C GLN B 5 3.88 12.43 38.31
N ASN B 6 4.77 11.86 39.11
CA ASN B 6 6.14 12.34 39.17
C ASN B 6 7.06 11.16 39.02
N MET B 7 8.07 11.27 38.18
CA MET B 7 9.10 10.24 38.08
C MET B 7 10.44 10.92 38.01
N SER B 8 11.50 10.26 38.46
CA SER B 8 12.80 10.89 38.28
C SER B 8 13.23 10.62 36.87
N LEU B 9 14.19 11.41 36.42
CA LEU B 9 14.70 11.39 35.06
C LEU B 9 15.50 10.11 34.96
N GLU B 10 16.08 9.74 36.09
CA GLU B 10 16.82 8.48 36.31
C GLU B 10 15.99 7.25 35.96
N ASP B 11 14.75 7.18 36.46
CA ASP B 11 13.81 6.10 36.12
C ASP B 11 13.23 6.12 34.71
N ILE B 12 12.85 7.31 34.24
CA ILE B 12 12.28 7.48 32.93
C ILE B 12 13.30 6.96 31.92
N MET B 13 14.52 7.46 32.01
CA MET B 13 15.56 7.04 31.09
C MET B 13 15.77 5.52 31.10
N GLY B 14 16.00 4.96 32.28
CA GLY B 14 16.21 3.53 32.37
C GLY B 14 15.11 2.70 31.72
N GLU B 15 13.86 2.90 32.15
CA GLU B 15 12.72 2.15 31.61
C GLU B 15 12.50 2.38 30.10
N ARG B 16 12.63 3.62 29.65
CA ARG B 16 12.46 3.93 28.22
C ARG B 16 13.55 3.25 27.40
N PHE B 17 14.79 3.60 27.72
CA PHE B 17 15.92 3.10 26.97
C PHE B 17 15.93 1.58 26.96
N GLY B 18 15.53 0.99 28.07
CA GLY B 18 15.47 -0.46 28.18
C GLY B 18 14.51 -1.04 27.18
N ARG B 19 13.32 -0.44 27.08
CA ARG B 19 12.31 -0.86 26.12
C ARG B 19 12.86 -0.74 24.70
N TYR B 20 13.39 0.42 24.34
CA TYR B 20 13.92 0.61 23.00
C TYR B 20 15.01 -0.38 22.67
N SER B 21 15.90 -0.64 23.62
CA SER B 21 17.07 -1.42 23.29
C SER B 21 16.66 -2.84 23.02
N LYS B 22 15.82 -3.34 23.90
CA LYS B 22 15.37 -4.73 23.87
C LYS B 22 14.72 -5.06 22.51
N TYR B 23 13.83 -4.16 22.10
CA TYR B 23 13.07 -4.26 20.86
C TYR B 23 14.01 -4.19 19.65
N ILE B 24 14.93 -3.22 19.67
CA ILE B 24 15.95 -3.06 18.63
C ILE B 24 16.78 -4.30 18.43
N ILE B 25 17.07 -4.97 19.52
CA ILE B 25 17.92 -6.14 19.55
C ILE B 25 17.21 -7.41 19.09
N GLN B 26 16.04 -7.66 19.66
CA GLN B 26 15.26 -8.84 19.32
C GLN B 26 14.40 -8.72 18.07
N ASP B 27 13.61 -7.65 18.06
CA ASP B 27 12.57 -7.42 17.09
C ASP B 27 12.84 -6.45 15.94
N ARG B 28 14.07 -5.94 15.82
CA ARG B 28 14.38 -5.13 14.64
C ARG B 28 15.66 -5.45 13.89
N ALA B 29 16.79 -5.21 14.52
CA ALA B 29 18.07 -5.12 13.80
C ALA B 29 18.80 -6.43 13.63
N LEU B 30 18.51 -7.39 14.49
CA LEU B 30 19.33 -8.59 14.48
C LEU B 30 18.55 -9.83 14.06
N PRO B 31 19.22 -10.67 13.30
CA PRO B 31 18.79 -11.93 12.68
C PRO B 31 18.68 -13.03 13.71
N ASP B 32 17.64 -13.84 13.56
CA ASP B 32 17.55 -15.09 14.30
C ASP B 32 18.62 -16.03 13.76
N ILE B 33 19.28 -16.74 14.65
CA ILE B 33 20.40 -17.61 14.32
C ILE B 33 19.95 -18.82 13.54
N ARG B 34 18.67 -19.16 13.67
CA ARG B 34 18.12 -20.33 13.02
C ARG B 34 17.75 -20.14 11.54
N ASP B 35 16.87 -19.19 11.22
CA ASP B 35 16.45 -18.98 9.83
C ASP B 35 17.12 -17.77 9.25
N GLY B 36 17.99 -17.14 10.02
CA GLY B 36 18.78 -16.06 9.50
C GLY B 36 18.00 -14.81 9.14
N LEU B 37 16.79 -14.66 9.65
CA LEU B 37 15.97 -13.54 9.22
C LEU B 37 15.76 -12.45 10.28
N LYS B 38 15.71 -11.19 9.84
CA LYS B 38 15.15 -10.12 10.68
C LYS B 38 13.63 -10.14 10.52
N PRO B 39 12.92 -9.74 11.57
CA PRO B 39 11.46 -9.74 11.68
C PRO B 39 10.72 -9.18 10.46
N VAL B 40 11.22 -8.08 9.89
CA VAL B 40 10.65 -7.51 8.69
C VAL B 40 10.72 -8.49 7.55
N GLN B 41 11.89 -9.08 7.35
CA GLN B 41 12.05 -10.02 6.27
C GLN B 41 11.10 -11.18 6.42
N ARG B 42 11.01 -11.68 7.66
CA ARG B 42 10.23 -12.86 7.94
C ARG B 42 8.79 -12.56 7.66
N ARG B 43 8.38 -11.37 8.04
CA ARG B 43 7.00 -10.99 7.80
C ARG B 43 6.70 -10.82 6.33
N ILE B 44 7.64 -10.21 5.62
CA ILE B 44 7.50 -10.13 4.16
C ILE B 44 7.27 -11.51 3.56
N LEU B 45 8.17 -12.46 3.85
CA LEU B 45 8.01 -13.82 3.34
C LEU B 45 6.72 -14.48 3.76
N TYR B 46 6.45 -14.43 5.05
CA TYR B 46 5.31 -15.12 5.57
C TYR B 46 4.06 -14.58 4.93
N SER B 47 4.00 -13.27 4.75
CA SER B 47 2.83 -12.60 4.20
C SER B 47 2.64 -12.95 2.71
N MET B 48 3.70 -12.83 1.93
CA MET B 48 3.59 -13.06 0.49
C MET B 48 3.17 -14.48 0.24
N ASN B 49 3.68 -15.39 1.05
CA ASN B 49 3.35 -16.81 0.93
C ASN B 49 1.92 -17.14 1.33
N LYS B 50 1.46 -16.55 2.42
CA LYS B 50 0.10 -16.75 2.85
C LYS B 50 -0.82 -16.26 1.74
N ASP B 51 -0.44 -15.14 1.12
CA ASP B 51 -1.20 -14.55 0.03
C ASP B 51 -1.06 -15.28 -1.32
N SER B 52 -0.71 -16.56 -1.29
CA SER B 52 -0.25 -17.26 -2.48
C SER B 52 0.51 -16.48 -3.57
N ASN B 53 1.43 -15.61 -3.13
CA ASN B 53 2.29 -14.83 -4.03
C ASN B 53 3.66 -15.47 -4.18
N THR B 54 3.63 -16.73 -4.62
CA THR B 54 4.82 -17.55 -4.82
C THR B 54 5.44 -17.45 -6.25
N PHE B 55 6.55 -18.16 -6.47
CA PHE B 55 7.37 -18.07 -7.70
C PHE B 55 6.69 -18.58 -8.96
N ASP B 56 5.76 -19.51 -8.76
CA ASP B 56 5.10 -20.22 -9.84
C ASP B 56 3.78 -19.55 -10.22
N LYS B 57 3.52 -18.37 -9.68
CA LYS B 57 2.33 -17.63 -10.07
C LYS B 57 2.72 -16.22 -10.49
N SER B 58 1.74 -15.43 -10.89
CA SER B 58 2.03 -14.15 -11.54
C SER B 58 2.60 -13.12 -10.55
N TYR B 59 3.49 -12.27 -11.02
CA TYR B 59 3.99 -11.23 -10.15
C TYR B 59 2.83 -10.37 -9.64
N ARG B 60 2.94 -9.86 -8.41
CA ARG B 60 1.96 -8.89 -7.92
C ARG B 60 2.49 -7.52 -7.55
N LYS B 61 1.67 -6.53 -7.92
CA LYS B 61 1.88 -5.12 -7.58
C LYS B 61 2.46 -4.85 -6.18
N SER B 62 3.72 -4.49 -6.11
CA SER B 62 4.42 -4.33 -4.83
C SER B 62 3.59 -3.65 -3.73
N ALA B 63 2.94 -2.56 -4.07
CA ALA B 63 2.09 -1.83 -3.15
C ALA B 63 1.05 -2.69 -2.42
N LYS B 64 0.45 -3.64 -3.12
CA LYS B 64 -0.51 -4.53 -2.50
C LYS B 64 0.15 -5.40 -1.45
N SER B 65 1.27 -5.99 -1.81
CA SER B 65 2.01 -6.79 -0.86
C SER B 65 2.41 -5.99 0.39
N VAL B 66 2.83 -4.75 0.18
CA VAL B 66 3.34 -3.96 1.27
C VAL B 66 2.20 -3.54 2.16
N GLY B 67 1.16 -3.01 1.56
CA GLY B 67 -0.05 -2.65 2.30
C GLY B 67 -0.50 -3.84 3.13
N ASN B 68 -0.35 -5.04 2.60
CA ASN B 68 -0.84 -6.18 3.30
C ASN B 68 0.05 -6.53 4.49
N ILE B 69 1.36 -6.51 4.27
CA ILE B 69 2.34 -6.75 5.34
C ILE B 69 2.15 -5.75 6.50
N MET B 70 1.92 -4.50 6.13
CA MET B 70 1.74 -3.39 7.03
C MET B 70 0.43 -3.48 7.84
N GLY B 71 -0.64 -3.88 7.21
CA GLY B 71 -1.92 -3.89 7.89
C GLY B 71 -2.19 -5.09 8.76
N ASN B 72 -1.54 -6.19 8.45
CA ASN B 72 -1.63 -7.44 9.23
C ASN B 72 -0.47 -7.78 10.17
N PHE B 73 0.77 -7.50 9.79
CA PHE B 73 1.90 -8.00 10.56
C PHE B 73 2.90 -6.99 11.10
N HIS B 74 3.19 -5.96 10.32
CA HIS B 74 4.33 -5.09 10.60
C HIS B 74 3.91 -3.65 10.83
N PRO B 75 3.97 -3.21 12.09
CA PRO B 75 3.37 -1.92 12.46
C PRO B 75 4.26 -0.72 12.13
N HIS B 76 5.07 -0.79 11.08
CA HIS B 76 5.96 0.33 10.75
C HIS B 76 5.72 0.84 9.35
N GLY B 77 6.54 1.79 8.90
CA GLY B 77 6.29 2.48 7.64
C GLY B 77 6.47 1.68 6.35
N ASP B 78 5.67 2.01 5.36
CA ASP B 78 5.72 1.35 4.06
C ASP B 78 7.12 1.39 3.47
N SER B 79 7.80 2.51 3.63
CA SER B 79 9.16 2.66 3.10
C SER B 79 10.10 1.60 3.66
N SER B 80 10.05 1.38 4.97
CA SER B 80 10.90 0.39 5.62
C SER B 80 10.65 -1.01 5.05
N ILE B 81 9.39 -1.40 5.00
CA ILE B 81 8.98 -2.68 4.46
C ILE B 81 9.45 -2.83 3.00
N TYR B 82 9.14 -1.84 2.18
CA TYR B 82 9.46 -1.89 0.76
C TYR B 82 10.94 -1.91 0.48
N ASP B 83 11.69 -1.10 1.20
CA ASP B 83 13.13 -1.09 0.95
C ASP B 83 13.71 -2.43 1.34
N ALA B 84 13.25 -2.97 2.45
CA ALA B 84 13.69 -4.30 2.86
C ALA B 84 13.34 -5.35 1.81
N MET B 85 12.17 -5.20 1.21
CA MET B 85 11.73 -6.07 0.13
C MET B 85 12.63 -5.97 -1.10
N VAL B 86 12.87 -4.75 -1.55
CA VAL B 86 13.75 -4.51 -2.65
C VAL B 86 15.08 -5.21 -2.40
N ARG B 87 15.60 -5.08 -1.20
CA ARG B 87 16.93 -5.60 -0.94
C ARG B 87 16.96 -7.11 -1.13
N MET B 88 15.95 -7.79 -0.62
CA MET B 88 15.86 -9.22 -0.78
C MET B 88 15.78 -9.66 -2.27
N SER B 89 15.53 -8.71 -3.16
CA SER B 89 15.50 -8.95 -4.62
C SER B 89 16.79 -8.59 -5.40
N GLN B 90 17.88 -8.35 -4.70
CA GLN B 90 19.11 -7.84 -5.34
C GLN B 90 20.24 -8.87 -5.36
N ASN B 91 20.41 -9.54 -6.50
CA ASN B 91 21.50 -10.50 -6.68
C ASN B 91 22.90 -10.02 -6.28
N TRP B 92 23.17 -8.72 -6.31
CA TRP B 92 24.47 -8.23 -5.83
C TRP B 92 24.60 -8.13 -4.30
N LYS B 93 23.48 -8.04 -3.60
CA LYS B 93 23.46 -8.06 -2.13
C LYS B 93 23.21 -9.41 -1.48
N ASN B 94 22.25 -10.19 -1.97
CA ASN B 94 22.10 -11.56 -1.47
C ASN B 94 22.68 -12.60 -2.37
N ARG B 95 23.38 -13.60 -1.83
CA ARG B 95 23.89 -14.71 -2.66
C ARG B 95 22.73 -15.51 -3.27
N GLU B 96 21.67 -15.74 -2.48
CA GLU B 96 20.45 -16.31 -3.03
C GLU B 96 19.20 -15.45 -2.81
N ILE B 97 18.80 -14.76 -3.88
CA ILE B 97 17.72 -13.80 -3.84
C ILE B 97 16.43 -14.47 -3.27
N LEU B 98 15.61 -13.75 -2.50
CA LEU B 98 14.45 -14.40 -1.90
C LEU B 98 13.17 -13.74 -2.33
N VAL B 99 13.30 -12.64 -3.03
CA VAL B 99 12.16 -11.99 -3.64
C VAL B 99 12.58 -11.70 -5.07
N GLU B 100 11.72 -12.05 -6.03
CA GLU B 100 12.02 -11.62 -7.38
C GLU B 100 11.12 -10.47 -7.74
N MET B 101 11.74 -9.44 -8.29
CA MET B 101 11.04 -8.21 -8.61
C MET B 101 11.11 -7.81 -10.09
N HIS B 102 10.07 -7.14 -10.54
CA HIS B 102 9.96 -6.71 -11.91
C HIS B 102 9.88 -5.20 -11.88
N GLY B 103 10.84 -4.56 -12.52
CA GLY B 103 10.91 -3.11 -12.57
C GLY B 103 12.30 -2.65 -12.19
N ASN B 104 12.47 -1.35 -12.09
CA ASN B 104 13.74 -0.84 -11.63
C ASN B 104 13.90 -1.09 -10.14
N ASN B 105 14.82 -1.98 -9.79
CA ASN B 105 15.06 -2.26 -8.37
C ASN B 105 16.48 -1.94 -7.93
N GLY B 106 16.99 -0.79 -8.37
CA GLY B 106 18.35 -0.41 -8.09
C GLY B 106 19.40 -1.07 -8.99
N SER B 107 20.66 -0.87 -8.63
CA SER B 107 21.76 -1.47 -9.36
C SER B 107 22.99 -1.30 -8.54
N MET B 108 24.11 -1.82 -9.03
CA MET B 108 25.38 -1.60 -8.38
C MET B 108 25.80 -0.13 -8.38
N ASP B 109 25.43 0.62 -9.40
CA ASP B 109 25.81 2.03 -9.47
C ASP B 109 25.00 2.83 -8.47
N GLY B 110 24.28 2.10 -7.63
CA GLY B 110 23.57 2.69 -6.50
C GLY B 110 22.36 3.56 -6.80
N ASP B 111 21.78 3.41 -8.00
CA ASP B 111 20.61 4.20 -8.35
C ASP B 111 19.36 3.83 -7.52
N PRO B 112 18.47 4.82 -7.35
CA PRO B 112 17.25 4.68 -6.53
C PRO B 112 16.30 3.67 -7.15
N PRO B 113 15.88 2.67 -6.38
CA PRO B 113 14.87 1.75 -6.90
C PRO B 113 13.55 2.47 -7.17
N ALA B 114 12.78 2.00 -8.13
CA ALA B 114 11.46 2.56 -8.34
C ALA B 114 10.50 2.32 -7.16
N ALA B 115 9.67 3.32 -6.91
CA ALA B 115 8.62 3.26 -5.89
C ALA B 115 7.67 2.06 -6.02
N MET B 116 7.13 1.61 -4.91
CA MET B 116 6.26 0.44 -4.91
C MET B 116 5.08 0.52 -5.88
N ARG B 117 4.74 1.73 -6.31
CA ARG B 117 3.62 1.93 -7.24
C ARG B 117 3.98 1.58 -8.70
N TYR B 118 5.18 1.08 -8.93
CA TYR B 118 5.65 0.74 -10.26
C TYR B 118 6.01 -0.74 -10.31
N THR B 119 6.62 -1.23 -9.25
CA THR B 119 7.20 -2.56 -9.32
C THR B 119 6.19 -3.69 -9.07
N GLU B 120 6.62 -4.93 -9.25
CA GLU B 120 5.75 -6.08 -9.08
C GLU B 120 6.68 -7.11 -8.50
N ALA B 121 6.17 -8.01 -7.68
CA ALA B 121 7.04 -8.93 -6.96
C ALA B 121 6.44 -10.31 -6.79
N ARG B 122 7.31 -11.25 -6.46
CA ARG B 122 6.84 -12.51 -5.92
C ARG B 122 7.95 -13.19 -5.14
N LEU B 123 7.64 -14.27 -4.44
CA LEU B 123 8.69 -14.93 -3.68
C LEU B 123 9.45 -15.71 -4.69
N SER B 124 10.73 -15.94 -4.43
CA SER B 124 11.50 -16.76 -5.33
C SER B 124 11.27 -18.21 -4.97
N GLU B 125 11.84 -19.11 -5.75
CA GLU B 125 11.57 -20.51 -5.53
C GLU B 125 12.22 -20.98 -4.24
N ILE B 126 13.49 -20.64 -4.05
CA ILE B 126 14.24 -21.05 -2.86
C ILE B 126 13.63 -20.46 -1.57
N ALA B 127 13.01 -19.29 -1.65
CA ALA B 127 12.31 -18.74 -0.50
C ALA B 127 11.16 -19.65 -0.01
N GLY B 128 10.50 -20.32 -0.95
CA GLY B 128 9.49 -21.29 -0.59
C GLY B 128 10.05 -22.36 0.31
N TYR B 129 11.34 -22.63 0.16
CA TYR B 129 12.03 -23.58 1.03
C TYR B 129 12.19 -23.13 2.50
N LEU B 130 12.42 -21.86 2.74
CA LEU B 130 12.43 -21.37 4.11
C LEU B 130 11.05 -21.63 4.75
N LEU B 131 10.00 -21.59 3.93
CA LEU B 131 8.62 -21.71 4.40
C LEU B 131 8.09 -23.13 4.45
N GLN B 132 8.92 -24.08 4.00
CA GLN B 132 8.46 -25.47 3.88
C GLN B 132 7.95 -26.10 5.19
N ASP B 133 6.72 -26.60 5.16
CA ASP B 133 6.11 -27.31 6.27
C ASP B 133 5.49 -26.37 7.33
N ILE B 134 5.40 -25.09 7.00
CA ILE B 134 4.99 -24.10 7.96
C ILE B 134 3.56 -24.33 8.41
N GLU B 135 2.78 -24.96 7.55
CA GLU B 135 1.39 -25.33 7.89
C GLU B 135 1.25 -26.68 8.58
N LYS B 136 2.35 -27.32 8.95
CA LYS B 136 2.24 -28.50 9.79
C LYS B 136 2.69 -28.24 11.22
N LYS B 137 2.42 -27.06 11.74
CA LYS B 137 2.68 -26.81 13.15
C LYS B 137 4.08 -27.25 13.55
N THR B 138 5.08 -26.64 12.92
CA THR B 138 6.43 -27.15 12.99
C THR B 138 7.28 -26.14 13.72
N VAL B 139 6.63 -25.14 14.26
CA VAL B 139 7.29 -23.90 14.52
C VAL B 139 6.37 -22.99 15.34
N PRO B 140 6.92 -22.27 16.30
CA PRO B 140 6.14 -21.42 17.25
C PRO B 140 5.42 -20.22 16.61
N PHE B 141 4.12 -20.12 16.85
CA PHE B 141 3.34 -18.98 16.38
C PHE B 141 3.00 -17.99 17.49
N ALA B 142 2.90 -16.71 17.16
CA ALA B 142 2.39 -15.69 18.11
C ALA B 142 1.32 -14.83 17.49
N TRP B 143 0.68 -14.02 18.31
CA TRP B 143 -0.36 -13.15 17.79
C TRP B 143 0.25 -11.89 17.22
N ASN B 144 -0.38 -11.34 16.19
CA ASN B 144 -0.03 -10.04 15.69
C ASN B 144 -0.52 -8.94 16.66
N PHE B 145 -0.23 -7.70 16.32
CA PHE B 145 -0.60 -6.56 17.15
C PHE B 145 -2.12 -6.40 17.31
N ASP B 146 -2.86 -6.68 16.24
CA ASP B 146 -4.32 -6.67 16.27
C ASP B 146 -4.90 -7.67 17.25
N ASP B 147 -4.14 -8.73 17.53
CA ASP B 147 -4.71 -9.98 18.08
C ASP B 147 -5.82 -10.48 17.18
N THR B 148 -5.54 -10.53 15.88
CA THR B 148 -6.52 -10.98 14.92
C THR B 148 -5.98 -12.12 14.09
N GLU B 149 -4.69 -12.38 14.22
CA GLU B 149 -4.06 -13.39 13.36
C GLU B 149 -2.74 -13.81 13.93
N LYS B 150 -2.29 -14.98 13.54
CA LYS B 150 -1.05 -15.52 14.06
C LYS B 150 0.09 -15.50 13.06
N GLU B 151 1.29 -15.38 13.59
CA GLU B 151 2.49 -15.12 12.80
C GLU B 151 3.62 -16.07 13.30
N PRO B 152 4.51 -16.47 12.40
CA PRO B 152 5.60 -17.33 12.91
C PRO B 152 6.68 -16.50 13.63
N THR B 153 7.25 -17.04 14.69
CA THR B 153 8.40 -16.38 15.33
C THR B 153 9.72 -16.78 14.70
N VAL B 154 9.69 -17.91 14.01
CA VAL B 154 10.83 -18.36 13.22
C VAL B 154 10.27 -19.19 12.07
N LEU B 155 11.01 -19.27 10.96
CA LEU B 155 10.56 -20.13 9.86
C LEU B 155 11.28 -21.47 9.96
N PRO B 156 10.65 -22.49 9.41
CA PRO B 156 11.17 -23.86 9.28
C PRO B 156 12.57 -23.91 8.67
N ALA B 157 12.87 -23.04 7.71
CA ALA B 157 14.23 -22.90 7.18
C ALA B 157 14.88 -24.20 6.66
N ALA B 158 14.50 -24.64 5.47
CA ALA B 158 14.94 -25.94 4.93
C ALA B 158 16.37 -25.94 4.39
N PHE B 159 16.97 -24.76 4.23
CA PHE B 159 18.43 -24.65 4.18
C PHE B 159 18.83 -23.63 5.24
N PRO B 160 20.14 -23.46 5.44
CA PRO B 160 20.71 -22.57 6.48
C PRO B 160 20.94 -21.11 6.02
N ASN B 161 19.84 -20.37 5.94
CA ASN B 161 19.87 -19.03 5.38
C ASN B 161 20.86 -18.08 6.04
N LEU B 162 21.09 -18.25 7.34
CA LEU B 162 21.97 -17.31 8.05
C LEU B 162 23.35 -17.23 7.35
N LEU B 163 24.02 -18.37 7.22
CA LEU B 163 25.33 -18.38 6.60
C LEU B 163 25.24 -18.06 5.13
N VAL B 164 24.22 -18.59 4.44
CA VAL B 164 24.10 -18.34 3.00
C VAL B 164 23.98 -16.87 2.58
N ASN B 165 22.86 -16.21 2.90
CA ASN B 165 22.72 -14.78 2.60
C ASN B 165 23.42 -13.77 3.52
N GLY B 166 23.84 -14.23 4.71
CA GLY B 166 24.49 -13.36 5.69
C GLY B 166 23.51 -12.37 6.28
N SER B 167 24.01 -11.27 6.86
CA SER B 167 23.16 -10.24 7.46
C SER B 167 23.97 -9.04 7.93
N THR B 168 23.38 -7.85 7.89
CA THR B 168 23.90 -6.66 8.57
C THR B 168 22.75 -5.65 8.83
N GLY B 169 22.65 -5.02 10.00
CA GLY B 169 23.33 -5.36 11.23
C GLY B 169 23.68 -4.18 12.11
N ILE B 170 22.71 -3.36 12.54
CA ILE B 170 22.98 -2.35 13.61
C ILE B 170 21.93 -2.07 14.71
N SER B 171 22.20 -2.42 15.96
CA SER B 171 21.17 -2.22 16.99
C SER B 171 21.59 -1.27 18.09
N ALA B 172 21.24 -1.61 19.32
CA ALA B 172 21.73 -0.89 20.51
C ALA B 172 22.65 -1.83 21.25
N GLY B 173 23.92 -1.47 21.33
CA GLY B 173 24.86 -2.29 22.07
C GLY B 173 25.58 -3.26 21.17
N TYR B 174 24.86 -3.93 20.29
CA TYR B 174 25.54 -4.78 19.33
C TYR B 174 25.28 -4.33 17.89
N ALA B 175 26.18 -4.76 17.02
CA ALA B 175 25.96 -4.73 15.57
C ALA B 175 26.23 -6.12 14.96
N THR B 176 25.80 -6.32 13.73
CA THR B 176 26.07 -7.60 13.11
C THR B 176 26.54 -7.41 11.69
N ASP B 177 27.61 -8.12 11.35
CA ASP B 177 28.00 -8.26 9.97
C ASP B 177 28.37 -9.70 9.71
N ILE B 178 27.58 -10.34 8.87
CA ILE B 178 27.83 -11.70 8.41
C ILE B 178 27.83 -11.69 6.87
N PRO B 179 28.89 -12.23 6.25
CA PRO B 179 29.09 -12.32 4.79
C PRO B 179 28.33 -13.48 4.18
N PRO B 180 27.97 -13.39 2.88
CA PRO B 180 27.29 -14.52 2.26
C PRO B 180 28.23 -15.70 2.08
N HIS B 181 27.66 -16.89 2.12
CA HIS B 181 28.38 -18.13 1.85
C HIS B 181 27.67 -18.98 0.78
N ASN B 182 28.47 -19.83 0.14
CA ASN B 182 28.00 -20.78 -0.87
C ASN B 182 27.05 -21.87 -0.38
N LEU B 183 25.79 -21.80 -0.78
CA LEU B 183 24.80 -22.78 -0.34
C LEU B 183 25.35 -24.20 -0.24
N ALA B 184 25.93 -24.68 -1.34
CA ALA B 184 26.41 -26.06 -1.36
C ALA B 184 27.40 -26.32 -0.23
N GLU B 185 28.38 -25.44 -0.10
CA GLU B 185 29.41 -25.58 0.91
C GLU B 185 28.82 -25.63 2.32
N VAL B 186 27.98 -24.65 2.64
CA VAL B 186 27.39 -24.59 3.97
C VAL B 186 26.68 -25.90 4.27
N ILE B 187 25.93 -26.36 3.30
CA ILE B 187 25.18 -27.58 3.46
C ILE B 187 26.12 -28.72 3.80
N ASP B 188 27.19 -28.84 3.03
CA ASP B 188 28.21 -29.87 3.25
C ASP B 188 28.77 -29.88 4.69
N ALA B 189 29.06 -28.70 5.23
CA ALA B 189 29.52 -28.60 6.62
C ALA B 189 28.46 -29.10 7.57
N ALA B 190 27.23 -28.61 7.38
CA ALA B 190 26.15 -28.94 8.30
C ALA B 190 26.00 -30.44 8.34
N VAL B 191 26.00 -31.05 7.16
CA VAL B 191 25.89 -32.50 7.03
C VAL B 191 26.99 -33.21 7.80
N TYR B 192 28.23 -32.77 7.60
CA TYR B 192 29.31 -33.35 8.37
C TYR B 192 29.03 -33.24 9.86
N MET B 193 28.67 -32.05 10.31
CA MET B 193 28.46 -31.83 11.75
C MET B 193 27.34 -32.70 12.31
N ILE B 194 26.38 -33.07 11.44
CA ILE B 194 25.32 -33.95 11.89
C ILE B 194 25.86 -35.32 12.29
N ASP B 195 26.70 -35.90 11.43
CA ASP B 195 27.41 -37.15 11.72
C ASP B 195 28.43 -37.03 12.85
N HIS B 196 29.36 -36.09 12.71
CA HIS B 196 30.34 -35.81 13.76
C HIS B 196 30.06 -34.52 14.52
N PRO B 197 29.21 -34.58 15.54
CA PRO B 197 28.76 -33.38 16.27
C PRO B 197 29.89 -32.57 16.84
N THR B 198 30.97 -33.25 17.22
CA THR B 198 32.11 -32.59 17.84
C THR B 198 33.09 -32.11 16.78
N ALA B 199 32.59 -31.96 15.55
CA ALA B 199 33.40 -31.47 14.46
C ALA B 199 34.23 -30.29 14.93
N LYS B 200 35.55 -30.43 14.89
CA LYS B 200 36.45 -29.33 15.18
C LYS B 200 36.42 -28.34 14.00
N ILE B 201 36.73 -27.07 14.24
CA ILE B 201 36.67 -26.06 13.18
C ILE B 201 37.55 -26.37 11.98
N ASP B 202 38.75 -26.84 12.24
CA ASP B 202 39.72 -27.10 11.19
C ASP B 202 39.13 -27.96 10.05
N LYS B 203 38.59 -29.13 10.38
CA LYS B 203 37.96 -29.99 9.36
C LYS B 203 36.76 -29.32 8.68
N LEU B 204 35.98 -28.57 9.46
CA LEU B 204 34.82 -27.86 8.93
C LEU B 204 35.27 -26.94 7.81
N MET B 205 36.34 -26.19 8.06
CA MET B 205 36.92 -25.30 7.06
C MET B 205 37.18 -26.01 5.74
N GLU B 206 37.51 -27.29 5.82
CA GLU B 206 37.75 -28.12 4.65
C GLU B 206 36.52 -28.15 3.73
N PHE B 207 35.33 -28.23 4.30
CA PHE B 207 34.09 -28.05 3.52
C PHE B 207 33.70 -26.59 3.30
N LEU B 208 33.62 -25.84 4.40
CA LEU B 208 33.32 -24.41 4.37
C LEU B 208 34.55 -23.54 4.59
N PRO B 209 35.16 -23.06 3.52
CA PRO B 209 36.36 -22.24 3.65
C PRO B 209 36.04 -20.84 3.17
N GLY B 210 36.21 -19.82 4.00
CA GLY B 210 35.86 -18.47 3.59
C GLY B 210 34.46 -18.28 3.00
N PRO B 211 34.02 -17.01 2.91
CA PRO B 211 32.72 -16.63 2.36
C PRO B 211 32.66 -16.73 0.85
N ASP B 212 31.49 -16.48 0.27
CA ASP B 212 31.33 -16.45 -1.18
C ASP B 212 30.45 -15.27 -1.54
N PHE B 213 31.06 -14.13 -1.86
CA PHE B 213 30.31 -12.93 -2.20
C PHE B 213 29.66 -13.01 -3.57
N PRO B 214 28.44 -12.47 -3.70
CA PRO B 214 27.68 -12.45 -4.97
C PRO B 214 28.43 -11.68 -6.01
N THR B 215 29.19 -10.70 -5.55
CA THR B 215 29.97 -9.81 -6.38
C THR B 215 31.29 -10.47 -6.81
N GLY B 216 31.49 -11.72 -6.40
CA GLY B 216 32.70 -12.44 -6.71
C GLY B 216 33.90 -11.84 -6.02
N ALA B 217 34.89 -11.44 -6.82
CA ALA B 217 36.12 -10.85 -6.30
C ALA B 217 37.09 -11.87 -5.68
N ILE B 218 38.18 -11.36 -5.11
CA ILE B 218 39.19 -12.19 -4.47
C ILE B 218 39.31 -11.90 -2.96
N ILE B 219 39.40 -12.96 -2.17
CA ILE B 219 39.39 -12.87 -0.72
C ILE B 219 40.68 -13.47 -0.15
N GLN B 220 41.40 -12.68 0.64
CA GLN B 220 42.68 -13.10 1.21
C GLN B 220 42.58 -13.07 2.71
N GLY B 221 43.06 -14.13 3.36
CA GLY B 221 43.15 -14.13 4.82
C GLY B 221 42.72 -15.41 5.50
N ARG B 222 43.17 -16.55 4.99
CA ARG B 222 42.76 -17.83 5.55
C ARG B 222 42.89 -17.80 7.08
N ASP B 223 44.03 -17.32 7.55
CA ASP B 223 44.27 -17.24 8.99
C ASP B 223 43.18 -16.42 9.65
N GLU B 224 42.90 -15.26 9.06
CA GLU B 224 41.85 -14.38 9.56
C GLU B 224 40.47 -15.03 9.47
N ILE B 225 40.22 -15.75 8.39
CA ILE B 225 38.95 -16.45 8.25
C ILE B 225 38.78 -17.46 9.37
N LYS B 226 39.83 -18.24 9.65
CA LYS B 226 39.78 -19.19 10.76
C LYS B 226 39.38 -18.48 12.05
N LYS B 227 40.02 -17.34 12.32
CA LYS B 227 39.75 -16.53 13.51
C LYS B 227 38.28 -16.11 13.59
N ALA B 228 37.74 -15.63 12.48
CA ALA B 228 36.33 -15.25 12.44
C ALA B 228 35.41 -16.46 12.71
N TYR B 229 35.65 -17.56 12.02
CA TYR B 229 34.84 -18.77 12.19
C TYR B 229 34.95 -19.36 13.61
N GLU B 230 36.08 -19.11 14.24
CA GLU B 230 36.30 -19.54 15.61
C GLU B 230 35.57 -18.63 16.62
N THR B 231 35.91 -17.34 16.63
CA THR B 231 35.44 -16.42 17.65
C THR B 231 34.17 -15.68 17.27
N GLY B 232 34.15 -15.15 16.06
CA GLY B 232 33.05 -14.33 15.59
C GLY B 232 33.57 -13.09 14.87
N LYS B 233 34.87 -12.81 15.06
CA LYS B 233 35.46 -11.55 14.58
C LYS B 233 36.73 -11.77 13.77
N GLY B 234 36.89 -10.98 12.71
CA GLY B 234 38.05 -11.07 11.84
C GLY B 234 38.09 -10.01 10.74
N ARG B 235 39.29 -9.70 10.24
CA ARG B 235 39.41 -8.82 9.08
C ARG B 235 40.00 -9.64 7.95
N VAL B 236 39.34 -9.57 6.82
CA VAL B 236 39.72 -10.31 5.64
C VAL B 236 39.93 -9.25 4.56
N VAL B 237 40.78 -9.52 3.58
CA VAL B 237 40.98 -8.54 2.51
C VAL B 237 40.24 -8.91 1.26
N VAL B 238 39.55 -7.93 0.70
CA VAL B 238 38.76 -8.19 -0.51
C VAL B 238 39.26 -7.31 -1.65
N ARG B 239 39.65 -7.98 -2.73
CA ARG B 239 40.43 -7.38 -3.79
C ARG B 239 39.72 -7.63 -5.12
N SER B 240 39.40 -6.55 -5.84
CA SER B 240 38.67 -6.68 -7.08
C SER B 240 39.49 -7.45 -8.13
N LYS B 241 38.81 -8.03 -9.11
CA LYS B 241 39.46 -8.98 -10.00
C LYS B 241 39.90 -8.28 -11.28
N THR B 242 41.19 -8.42 -11.60
CA THR B 242 41.81 -7.67 -12.69
C THR B 242 42.38 -8.52 -13.83
N GLU B 243 42.48 -7.88 -14.99
CA GLU B 243 43.04 -8.47 -16.19
C GLU B 243 43.90 -7.40 -16.84
N ILE B 244 44.68 -7.80 -17.83
CA ILE B 244 45.43 -6.84 -18.62
C ILE B 244 45.08 -6.96 -20.12
N GLU B 245 44.98 -5.81 -20.78
CA GLU B 245 44.73 -5.77 -22.20
C GLU B 245 45.84 -5.02 -22.94
N LYS B 246 46.26 -5.53 -24.09
CA LYS B 246 47.31 -4.85 -24.81
C LYS B 246 46.64 -3.97 -25.84
N LEU B 247 47.17 -2.78 -26.02
CA LEU B 247 46.46 -1.70 -26.68
C LEU B 247 47.20 -1.23 -27.93
N LYS B 248 46.61 -1.47 -29.10
CA LYS B 248 47.25 -1.11 -30.37
C LYS B 248 47.93 0.23 -30.24
N GLY B 249 49.26 0.21 -30.23
CA GLY B 249 50.02 1.44 -30.17
C GLY B 249 50.92 1.58 -28.96
N GLY B 250 51.29 0.46 -28.35
CA GLY B 250 52.19 0.49 -27.21
C GLY B 250 51.52 1.08 -25.97
N LYS B 251 50.23 0.79 -25.84
CA LYS B 251 49.42 1.22 -24.69
C LYS B 251 48.89 0.00 -23.95
N GLU B 252 48.79 0.10 -22.63
CA GLU B 252 48.34 -1.03 -21.81
C GLU B 252 47.06 -0.67 -21.06
N GLN B 253 46.12 -1.62 -20.99
CA GLN B 253 44.82 -1.34 -20.37
C GLN B 253 44.57 -2.23 -19.14
N ILE B 254 44.06 -1.60 -18.10
CA ILE B 254 43.75 -2.27 -16.86
C ILE B 254 42.26 -2.52 -16.88
N VAL B 255 41.88 -3.77 -16.69
CA VAL B 255 40.46 -4.11 -16.74
C VAL B 255 40.04 -4.78 -15.44
N ILE B 256 38.85 -4.43 -14.98
CA ILE B 256 38.34 -4.91 -13.72
C ILE B 256 36.99 -5.55 -13.98
N THR B 257 36.77 -6.75 -13.47
CA THR B 257 35.53 -7.42 -13.79
C THR B 257 34.76 -8.00 -12.60
N GLU B 258 35.15 -7.60 -11.39
CA GLU B 258 34.45 -7.95 -10.16
C GLU B 258 34.97 -6.99 -9.10
N ILE B 259 34.06 -6.39 -8.33
CA ILE B 259 34.51 -5.51 -7.27
C ILE B 259 34.06 -5.98 -5.87
N PRO B 260 34.56 -5.31 -4.84
CA PRO B 260 34.24 -5.87 -3.54
C PRO B 260 32.79 -5.69 -3.13
N TYR B 261 32.38 -6.60 -2.26
CA TYR B 261 31.03 -6.65 -1.75
C TYR B 261 30.67 -5.32 -1.14
N GLU B 262 29.46 -4.85 -1.43
CA GLU B 262 28.87 -3.70 -0.75
C GLU B 262 29.43 -2.32 -1.13
N ILE B 263 30.10 -2.23 -2.27
CA ILE B 263 30.56 -0.93 -2.71
C ILE B 263 29.95 -0.43 -4.03
N ASN B 264 29.68 0.87 -4.06
CA ASN B 264 29.06 1.62 -5.14
C ASN B 264 29.90 1.81 -6.40
N LYS B 265 29.85 0.84 -7.30
CA LYS B 265 30.58 0.89 -8.57
C LYS B 265 30.65 2.27 -9.27
N ALA B 266 29.55 2.99 -9.32
CA ALA B 266 29.59 4.30 -9.94
C ALA B 266 30.61 5.17 -9.21
N ASN B 267 30.53 5.20 -7.88
CA ASN B 267 31.49 5.95 -7.04
C ASN B 267 32.94 5.47 -7.10
N LEU B 268 33.13 4.16 -7.21
CA LEU B 268 34.45 3.58 -7.34
C LEU B 268 35.10 4.17 -8.57
N VAL B 269 34.34 4.15 -9.66
CA VAL B 269 34.81 4.71 -10.92
C VAL B 269 35.18 6.17 -10.71
N LYS B 270 34.28 6.93 -10.10
CA LYS B 270 34.55 8.36 -9.93
C LYS B 270 35.84 8.62 -9.19
N LYS B 271 36.07 7.87 -8.12
CA LYS B 271 37.30 8.02 -7.34
C LYS B 271 38.54 7.60 -8.14
N ILE B 272 38.46 6.50 -8.87
CA ILE B 272 39.57 6.12 -9.73
C ILE B 272 39.91 7.27 -10.69
N ASP B 273 38.88 7.89 -11.27
CA ASP B 273 39.05 9.06 -12.12
C ASP B 273 39.68 10.23 -11.37
N ASP B 274 39.20 10.50 -10.16
CA ASP B 274 39.74 11.56 -9.30
C ASP B 274 41.24 11.38 -9.04
N VAL B 275 41.68 10.13 -8.90
CA VAL B 275 43.10 9.84 -8.77
C VAL B 275 43.86 10.36 -9.99
N ARG B 276 43.27 10.18 -11.16
CA ARG B 276 43.89 10.64 -12.40
C ARG B 276 43.95 12.16 -12.51
N VAL B 277 42.82 12.81 -12.24
CA VAL B 277 42.77 14.26 -12.37
C VAL B 277 43.84 14.94 -11.51
N ASN B 278 43.80 14.68 -10.22
CA ASN B 278 44.81 15.18 -9.30
C ASN B 278 46.21 14.61 -9.54
N ASN B 279 46.33 13.70 -10.49
CA ASN B 279 47.59 13.00 -10.72
C ASN B 279 48.25 12.57 -9.43
N LYS B 280 47.57 11.72 -8.66
CA LYS B 280 48.14 11.18 -7.43
C LYS B 280 49.07 10.01 -7.76
N VAL B 281 49.06 9.62 -9.04
CA VAL B 281 49.89 8.54 -9.55
C VAL B 281 50.12 8.83 -11.02
N ALA B 282 51.17 8.24 -11.60
CA ALA B 282 51.58 8.61 -12.95
C ALA B 282 50.97 7.79 -14.09
N GLY B 283 50.80 6.48 -13.90
CA GLY B 283 50.20 5.65 -14.93
C GLY B 283 48.80 6.07 -15.39
N ILE B 284 48.37 7.24 -14.95
CA ILE B 284 47.05 7.76 -15.27
C ILE B 284 46.89 8.04 -16.75
N ALA B 285 45.68 7.75 -17.26
CA ALA B 285 45.34 7.92 -18.67
C ALA B 285 43.89 8.38 -18.76
N GLU B 286 43.04 7.50 -19.28
CA GLU B 286 41.58 7.68 -19.23
C GLU B 286 40.90 6.62 -18.33
N VAL B 287 39.76 6.99 -17.73
CA VAL B 287 38.96 6.00 -17.00
C VAL B 287 37.55 5.91 -17.60
N ARG B 288 37.12 4.69 -17.90
CA ARG B 288 35.82 4.45 -18.51
C ARG B 288 35.04 3.33 -17.84
N ASP B 289 33.77 3.58 -17.59
CA ASP B 289 32.89 2.51 -17.13
C ASP B 289 32.15 2.01 -18.36
N GLU B 290 32.43 0.77 -18.73
CA GLU B 290 31.69 0.18 -19.83
C GLU B 290 31.11 -1.13 -19.40
N SER B 291 30.02 -1.02 -18.67
CA SER B 291 29.28 -2.15 -18.16
C SER B 291 27.91 -1.95 -18.79
N ASP B 292 27.27 -3.05 -19.15
CA ASP B 292 25.94 -2.99 -19.75
C ASP B 292 25.10 -4.04 -19.06
N ARG B 293 23.81 -4.09 -19.37
CA ARG B 293 23.02 -5.23 -18.96
C ARG B 293 23.97 -6.42 -19.14
N ASP B 294 23.84 -7.43 -18.31
CA ASP B 294 24.60 -8.69 -18.50
C ASP B 294 26.15 -8.65 -18.45
N GLY B 295 26.75 -7.73 -17.68
CA GLY B 295 28.19 -7.75 -17.45
C GLY B 295 28.90 -6.50 -16.93
N LEU B 296 29.80 -6.68 -15.96
CA LEU B 296 30.54 -5.57 -15.37
C LEU B 296 31.94 -5.44 -15.95
N ARG B 297 32.24 -4.26 -16.49
CA ARG B 297 33.56 -4.02 -17.10
C ARG B 297 34.07 -2.59 -16.84
N ILE B 298 35.21 -2.50 -16.18
CA ILE B 298 35.79 -1.21 -15.81
C ILE B 298 37.16 -1.08 -16.45
N ALA B 299 37.31 -0.09 -17.33
CA ALA B 299 38.52 0.04 -18.13
C ALA B 299 39.34 1.28 -17.74
N ILE B 300 40.54 1.04 -17.22
CA ILE B 300 41.47 2.08 -16.85
C ILE B 300 42.66 1.85 -17.73
N GLU B 301 42.76 2.58 -18.82
CA GLU B 301 43.81 2.35 -19.80
C GLU B 301 44.85 3.44 -19.65
N LEU B 302 46.12 3.04 -19.63
CA LEU B 302 47.24 3.97 -19.36
C LEU B 302 47.98 4.32 -20.65
N LYS B 303 48.94 5.22 -20.57
CA LYS B 303 49.28 6.04 -21.74
C LYS B 303 50.53 5.73 -22.57
N LYS B 304 51.68 5.54 -21.92
CA LYS B 304 52.93 5.40 -22.65
C LYS B 304 53.91 4.72 -21.73
N ASP B 305 54.32 5.47 -20.72
CA ASP B 305 54.97 4.92 -19.55
C ASP B 305 53.96 4.01 -18.83
N ALA B 306 53.84 2.78 -19.32
CA ALA B 306 52.90 1.82 -18.73
C ALA B 306 53.41 1.28 -17.40
N ASN B 307 53.33 2.12 -16.37
CA ASN B 307 53.66 1.75 -14.99
C ASN B 307 52.71 0.70 -14.41
N THR B 308 52.19 -0.18 -15.25
CA THR B 308 51.05 -1.02 -14.90
C THR B 308 51.02 -1.59 -13.47
N GLU B 309 51.97 -2.44 -13.12
CA GLU B 309 51.96 -3.06 -11.80
C GLU B 309 52.14 -2.04 -10.67
N LEU B 310 52.91 -1.00 -10.93
CA LEU B 310 53.05 0.12 -10.01
C LEU B 310 51.72 0.83 -9.74
N VAL B 311 51.06 1.27 -10.80
CA VAL B 311 49.81 2.03 -10.70
C VAL B 311 48.66 1.19 -10.14
N LEU B 312 48.53 -0.03 -10.65
CA LEU B 312 47.51 -0.94 -10.16
C LEU B 312 47.66 -1.03 -8.63
N ASN B 313 48.89 -1.29 -8.17
CA ASN B 313 49.18 -1.40 -6.74
C ASN B 313 48.75 -0.17 -5.93
N TYR B 314 48.89 1.02 -6.53
CA TYR B 314 48.46 2.27 -5.89
C TYR B 314 46.96 2.31 -5.64
N LEU B 315 46.18 1.96 -6.66
CA LEU B 315 44.73 1.93 -6.51
C LEU B 315 44.28 1.00 -5.39
N PHE B 316 44.82 -0.22 -5.36
CA PHE B 316 44.48 -1.17 -4.30
C PHE B 316 44.56 -0.55 -2.91
N LYS B 317 45.57 0.30 -2.72
CA LYS B 317 45.69 1.09 -1.49
C LYS B 317 44.66 2.21 -1.38
N TYR B 318 44.76 3.17 -2.29
CA TYR B 318 44.05 4.44 -2.14
C TYR B 318 42.58 4.51 -2.57
N THR B 319 42.13 3.53 -3.35
CA THR B 319 40.72 3.44 -3.70
C THR B 319 40.14 2.18 -3.10
N ASP B 320 38.87 1.92 -3.40
CA ASP B 320 38.20 0.76 -2.84
C ASP B 320 38.30 -0.46 -3.73
N LEU B 321 39.04 -0.34 -4.84
CA LEU B 321 39.34 -1.51 -5.67
C LEU B 321 39.75 -2.65 -4.74
N GLN B 322 40.40 -2.29 -3.65
CA GLN B 322 40.65 -3.23 -2.56
C GLN B 322 40.23 -2.61 -1.25
N ILE B 323 39.46 -3.38 -0.48
CA ILE B 323 38.96 -2.99 0.82
C ILE B 323 39.19 -4.13 1.80
N ASN B 324 38.94 -3.90 3.09
CA ASN B 324 38.71 -5.03 3.97
C ASN B 324 37.28 -5.19 4.47
N TYR B 325 36.95 -6.44 4.80
CA TYR B 325 35.66 -6.83 5.34
C TYR B 325 35.87 -7.35 6.75
N ASN B 326 34.98 -7.00 7.67
CA ASN B 326 35.08 -7.51 9.04
C ASN B 326 33.93 -8.41 9.42
N PHE B 327 34.24 -9.56 9.99
CA PHE B 327 33.21 -10.43 10.48
C PHE B 327 32.90 -9.97 11.88
N ASN B 328 31.63 -9.66 12.11
CA ASN B 328 31.16 -9.49 13.45
C ASN B 328 29.84 -10.27 13.51
N MET B 329 29.95 -11.55 13.82
CA MET B 329 28.81 -12.44 13.71
C MET B 329 28.02 -12.45 15.00
N VAL B 330 26.92 -11.72 14.97
CA VAL B 330 26.05 -11.62 16.10
C VAL B 330 24.66 -12.03 15.64
N ALA B 331 24.03 -12.88 16.41
CA ALA B 331 22.72 -13.38 16.07
C ALA B 331 21.86 -13.41 17.32
N ILE B 332 20.58 -13.69 17.17
CA ILE B 332 19.77 -13.89 18.35
C ILE B 332 19.60 -15.35 18.61
N ASP B 333 20.10 -15.77 19.77
CA ASP B 333 19.97 -17.13 20.25
C ASP B 333 19.32 -17.06 21.62
N ASN B 334 18.30 -17.90 21.82
CA ASN B 334 17.53 -17.88 23.04
C ASN B 334 17.11 -16.46 23.43
N PHE B 335 16.54 -15.76 22.46
CA PHE B 335 16.00 -14.42 22.64
C PHE B 335 17.03 -13.35 22.92
N THR B 336 18.29 -13.74 23.06
CA THR B 336 19.30 -12.75 23.36
C THR B 336 20.47 -12.78 22.39
N PRO B 337 21.12 -11.64 22.21
CA PRO B 337 22.23 -11.48 21.27
C PRO B 337 23.37 -12.36 21.67
N ARG B 338 23.93 -13.14 20.76
CA ARG B 338 25.19 -13.80 21.04
C ARG B 338 26.19 -13.60 19.92
N GLN B 339 27.46 -13.52 20.25
CA GLN B 339 28.47 -13.42 19.21
C GLN B 339 28.93 -14.83 18.98
N VAL B 340 28.96 -15.21 17.71
CA VAL B 340 29.05 -16.61 17.36
C VAL B 340 30.00 -16.87 16.21
N GLY B 341 30.69 -18.00 16.30
CA GLY B 341 31.46 -18.52 15.19
C GLY B 341 30.70 -19.64 14.49
N ILE B 342 31.29 -20.20 13.46
CA ILE B 342 30.62 -21.22 12.65
C ILE B 342 29.97 -22.38 13.42
N VAL B 343 30.64 -22.89 14.45
CA VAL B 343 30.12 -24.05 15.17
C VAL B 343 28.74 -23.85 15.81
N PRO B 344 28.62 -22.86 16.70
CA PRO B 344 27.32 -22.52 17.28
C PRO B 344 26.24 -22.28 16.22
N ILE B 345 26.54 -21.52 15.19
CA ILE B 345 25.60 -21.29 14.10
C ILE B 345 25.11 -22.61 13.46
N LEU B 346 26.04 -23.46 13.06
CA LEU B 346 25.71 -24.76 12.51
C LEU B 346 24.94 -25.66 13.49
N SER B 347 25.41 -25.74 14.72
CA SER B 347 24.78 -26.62 15.72
C SER B 347 23.34 -26.20 16.00
N SER B 348 23.11 -24.92 16.23
CA SER B 348 21.75 -24.41 16.48
C SER B 348 20.82 -24.59 15.29
N TYR B 349 21.36 -24.50 14.06
CA TYR B 349 20.58 -24.75 12.86
C TYR B 349 20.13 -26.20 12.77
N ILE B 350 21.06 -27.10 13.03
CA ILE B 350 20.73 -28.51 13.17
C ILE B 350 19.69 -28.77 14.26
N ALA B 351 19.91 -28.22 15.45
CA ALA B 351 19.01 -28.41 16.57
C ALA B 351 17.61 -27.93 16.22
N HIS B 352 17.56 -26.87 15.42
CA HIS B 352 16.30 -26.33 14.92
C HIS B 352 15.57 -27.27 13.95
N ARG B 353 16.30 -27.81 12.99
CA ARG B 353 15.72 -28.76 12.05
C ARG B 353 15.25 -30.00 12.80
N ARG B 354 15.94 -30.32 13.88
CA ARG B 354 15.54 -31.46 14.67
C ARG B 354 14.12 -31.21 15.19
N GLU B 355 13.94 -30.09 15.89
CA GLU B 355 12.64 -29.74 16.46
C GLU B 355 11.57 -29.66 15.37
N VAL B 356 11.94 -29.08 14.24
CA VAL B 356 11.02 -28.94 13.12
C VAL B 356 10.58 -30.31 12.57
N ILE B 357 11.56 -31.15 12.26
CA ILE B 357 11.27 -32.49 11.77
C ILE B 357 10.50 -33.34 12.77
N LEU B 358 10.80 -33.20 14.06
CA LEU B 358 10.01 -33.89 15.05
C LEU B 358 8.57 -33.39 15.04
N ALA B 359 8.38 -32.08 15.04
CA ALA B 359 7.03 -31.54 15.12
C ALA B 359 6.24 -31.88 13.87
N ARG B 360 6.89 -31.79 12.73
CA ARG B 360 6.27 -32.16 11.45
C ARG B 360 5.73 -33.58 11.52
N SER B 361 6.56 -34.47 12.04
CA SER B 361 6.20 -35.88 12.13
C SER B 361 5.05 -36.10 13.10
N ARG B 362 5.17 -35.54 14.30
CA ARG B 362 4.09 -35.57 15.28
C ARG B 362 2.76 -35.10 14.67
N PHE B 363 2.83 -34.04 13.87
CA PHE B 363 1.65 -33.56 13.17
C PHE B 363 1.08 -34.57 12.18
N ASP B 364 1.95 -35.06 11.30
CA ASP B 364 1.54 -36.01 10.27
C ASP B 364 1.02 -37.33 10.86
N LYS B 365 1.65 -37.78 11.95
CA LYS B 365 1.19 -38.93 12.68
C LYS B 365 -0.26 -38.76 13.16
N GLU B 366 -0.51 -37.71 13.95
CA GLU B 366 -1.85 -37.41 14.48
C GLU B 366 -2.89 -37.41 13.38
N LYS B 367 -2.60 -36.70 12.31
CA LYS B 367 -3.51 -36.62 11.17
C LYS B 367 -3.85 -38.01 10.67
N ALA B 368 -2.84 -38.85 10.58
CA ALA B 368 -2.98 -40.21 10.11
C ALA B 368 -3.79 -41.10 11.06
N GLU B 369 -3.44 -41.13 12.34
CA GLU B 369 -4.22 -41.92 13.30
C GLU B 369 -5.68 -41.48 13.34
N LYS B 370 -5.91 -40.19 13.17
CA LYS B 370 -7.28 -39.70 13.11
C LYS B 370 -8.03 -40.29 11.91
N ARG B 371 -7.42 -40.22 10.73
CA ARG B 371 -7.99 -40.83 9.52
C ARG B 371 -8.13 -42.33 9.61
N LEU B 372 -7.18 -42.98 10.27
CA LEU B 372 -7.20 -44.43 10.47
C LEU B 372 -8.43 -44.75 11.29
N HIS B 373 -8.57 -44.03 12.39
CA HIS B 373 -9.64 -44.25 13.37
C HIS B 373 -10.98 -44.19 12.67
N ILE B 374 -11.09 -43.23 11.76
CA ILE B 374 -12.30 -43.07 10.98
C ILE B 374 -12.51 -44.21 10.02
N VAL B 375 -11.43 -44.58 9.33
CA VAL B 375 -11.48 -45.64 8.33
C VAL B 375 -11.84 -46.98 8.98
N GLU B 376 -11.31 -47.23 10.17
CA GLU B 376 -11.69 -48.46 10.89
C GLU B 376 -13.18 -48.43 11.12
N GLY B 377 -13.70 -47.27 11.55
CA GLY B 377 -15.13 -47.11 11.71
C GLY B 377 -15.93 -47.44 10.47
N LEU B 378 -15.53 -46.88 9.32
CA LEU B 378 -16.23 -47.14 8.06
C LEU B 378 -16.23 -48.62 7.72
N ILE B 379 -15.13 -49.28 8.03
CA ILE B 379 -15.04 -50.70 7.70
C ILE B 379 -16.14 -51.44 8.43
N ARG B 380 -16.29 -51.18 9.74
CA ARG B 380 -17.35 -51.79 10.56
C ARG B 380 -18.74 -51.45 10.04
N VAL B 381 -18.95 -50.16 9.77
CA VAL B 381 -20.23 -49.64 9.33
C VAL B 381 -20.81 -50.51 8.23
N ILE B 382 -19.95 -50.87 7.28
CA ILE B 382 -20.35 -51.61 6.09
C ILE B 382 -21.05 -52.92 6.42
N SER B 383 -20.53 -53.62 7.42
CA SER B 383 -21.07 -54.90 7.89
C SER B 383 -22.48 -54.83 8.53
N ILE B 384 -22.90 -53.64 8.92
CA ILE B 384 -24.17 -53.48 9.59
C ILE B 384 -24.94 -52.35 8.93
N LEU B 385 -24.60 -52.06 7.68
CA LEU B 385 -25.07 -50.86 7.01
C LEU B 385 -26.57 -50.67 7.10
N ASP B 386 -27.32 -51.72 6.75
CA ASP B 386 -28.78 -51.67 6.74
C ASP B 386 -29.34 -51.22 8.10
N GLU B 387 -28.82 -51.82 9.17
CA GLU B 387 -29.20 -51.48 10.52
C GLU B 387 -28.84 -50.04 10.84
N VAL B 388 -27.64 -49.64 10.44
CA VAL B 388 -27.17 -48.31 10.74
C VAL B 388 -28.01 -47.27 10.02
N ILE B 389 -28.32 -47.53 8.76
CA ILE B 389 -29.19 -46.61 8.05
C ILE B 389 -30.55 -46.51 8.74
N ALA B 390 -31.08 -47.65 9.13
CA ALA B 390 -32.36 -47.69 9.78
C ALA B 390 -32.34 -46.89 11.07
N LEU B 391 -31.32 -47.15 11.89
CA LEU B 391 -31.21 -46.47 13.16
C LEU B 391 -31.17 -44.96 12.93
N ILE B 392 -30.41 -44.51 11.94
CA ILE B 392 -30.36 -43.08 11.60
C ILE B 392 -31.72 -42.53 11.19
N ARG B 393 -32.44 -43.21 10.30
CA ARG B 393 -33.79 -42.77 9.93
C ARG B 393 -34.72 -42.68 11.14
N ALA B 394 -34.53 -43.60 12.07
CA ALA B 394 -35.33 -43.64 13.29
C ALA B 394 -35.00 -42.54 14.31
N SER B 395 -33.84 -41.91 14.22
CA SER B 395 -33.49 -40.90 15.21
C SER B 395 -34.25 -39.59 14.99
N GLU B 396 -33.89 -38.57 15.76
CA GLU B 396 -34.61 -37.30 15.78
C GLU B 396 -33.85 -36.14 15.11
N ASN B 397 -32.54 -36.25 15.03
CA ASN B 397 -31.75 -35.19 14.43
C ASN B 397 -30.32 -35.67 14.36
N LYS B 398 -29.41 -34.81 13.91
CA LYS B 398 -28.01 -35.23 13.84
C LYS B 398 -27.49 -35.75 15.18
N ALA B 399 -27.58 -34.89 16.19
CA ALA B 399 -27.11 -35.23 17.53
C ALA B 399 -27.68 -36.51 18.10
N ASP B 400 -29.00 -36.68 18.04
CA ASP B 400 -29.62 -37.94 18.46
C ASP B 400 -29.10 -39.19 17.70
N ALA B 401 -28.96 -39.08 16.38
CA ALA B 401 -28.44 -40.22 15.61
C ALA B 401 -27.05 -40.59 16.09
N LYS B 402 -26.20 -39.59 16.25
CA LYS B 402 -24.86 -39.81 16.79
C LYS B 402 -24.86 -40.57 18.12
N GLU B 403 -25.70 -40.12 19.05
CA GLU B 403 -25.78 -40.76 20.34
C GLU B 403 -26.19 -42.21 20.19
N ASN B 404 -27.20 -42.47 19.35
CA ASN B 404 -27.64 -43.86 19.13
C ASN B 404 -26.57 -44.79 18.55
N LEU B 405 -25.79 -44.30 17.61
CA LEU B 405 -24.68 -45.09 17.07
C LEU B 405 -23.67 -45.43 18.14
N LYS B 406 -23.39 -44.45 19.01
CA LYS B 406 -22.43 -44.66 20.09
C LYS B 406 -22.91 -45.71 21.09
N VAL B 407 -24.04 -45.42 21.69
CA VAL B 407 -24.66 -46.28 22.67
C VAL B 407 -24.93 -47.68 22.15
N SER B 408 -25.60 -47.74 21.00
CA SER B 408 -25.96 -49.01 20.34
C SER B 408 -24.81 -49.83 19.74
N TYR B 409 -24.00 -49.21 18.89
CA TYR B 409 -22.88 -49.90 18.26
C TYR B 409 -21.49 -49.51 18.76
N ASP B 410 -21.41 -48.73 19.82
CA ASP B 410 -20.11 -48.40 20.42
C ASP B 410 -19.11 -47.66 19.53
N PHE B 411 -19.58 -47.00 18.48
CA PHE B 411 -18.74 -46.10 17.70
C PHE B 411 -18.30 -44.92 18.56
N THR B 412 -17.18 -44.27 18.23
CA THR B 412 -16.81 -43.08 18.98
C THR B 412 -17.48 -41.84 18.41
N GLU B 413 -17.28 -40.72 19.07
CA GLU B 413 -17.95 -39.51 18.64
C GLU B 413 -17.42 -39.14 17.25
N GLU B 414 -16.11 -39.19 17.10
CA GLU B 414 -15.47 -38.83 15.83
C GLU B 414 -15.91 -39.77 14.70
N GLN B 415 -16.02 -41.05 15.03
CA GLN B 415 -16.58 -42.03 14.13
C GLN B 415 -18.06 -41.80 13.76
N ALA B 416 -18.87 -41.46 14.75
CA ALA B 416 -20.29 -41.28 14.49
C ALA B 416 -20.52 -40.07 13.59
N GLU B 417 -19.74 -39.03 13.87
CA GLU B 417 -19.84 -37.77 13.17
C GLU B 417 -19.52 -38.00 11.70
N ALA B 418 -18.47 -38.77 11.45
CA ALA B 418 -18.07 -39.07 10.07
C ALA B 418 -19.09 -39.88 9.29
N ILE B 419 -19.63 -40.90 9.94
CA ILE B 419 -20.69 -41.73 9.38
C ILE B 419 -21.96 -40.94 9.01
N VAL B 420 -22.45 -40.22 9.99
CA VAL B 420 -23.67 -39.44 9.91
C VAL B 420 -23.61 -38.30 8.87
N THR B 421 -22.43 -37.77 8.62
CA THR B 421 -22.26 -36.81 7.54
C THR B 421 -21.96 -37.34 6.12
N LEU B 422 -21.84 -38.65 5.94
CA LEU B 422 -21.66 -39.20 4.61
C LEU B 422 -22.82 -38.75 3.73
N GLN B 423 -22.57 -38.42 2.46
CA GLN B 423 -23.69 -38.08 1.60
C GLN B 423 -24.25 -39.35 0.98
N LEU B 424 -25.41 -39.25 0.33
CA LEU B 424 -26.11 -40.47 -0.06
C LEU B 424 -25.34 -41.26 -1.12
N TYR B 425 -24.76 -40.54 -2.08
CA TYR B 425 -24.06 -41.21 -3.16
C TYR B 425 -22.91 -42.06 -2.65
N ARG B 426 -22.37 -41.72 -1.50
CA ARG B 426 -21.29 -42.50 -0.92
C ARG B 426 -21.71 -43.95 -0.76
N LEU B 427 -23.01 -44.17 -0.57
CA LEU B 427 -23.54 -45.53 -0.38
C LEU B 427 -23.38 -46.31 -1.65
N THR B 428 -23.21 -45.57 -2.74
CA THR B 428 -22.94 -46.16 -4.04
C THR B 428 -21.71 -47.10 -4.03
N ASN B 429 -20.82 -46.91 -3.05
CA ASN B 429 -19.64 -47.76 -2.86
C ASN B 429 -19.51 -48.36 -1.46
N THR B 430 -19.69 -49.67 -1.32
CA THR B 430 -19.60 -50.35 -0.03
C THR B 430 -18.50 -51.40 -0.02
N ASP B 431 -17.39 -51.06 -0.65
CA ASP B 431 -16.21 -51.89 -0.73
C ASP B 431 -15.28 -51.88 0.50
N VAL B 432 -15.48 -52.82 1.40
CA VAL B 432 -14.47 -53.09 2.41
C VAL B 432 -12.98 -53.12 1.94
N VAL B 433 -12.72 -53.62 0.72
CA VAL B 433 -11.34 -53.76 0.19
C VAL B 433 -10.58 -52.45 -0.03
N VAL B 434 -11.19 -51.53 -0.78
CA VAL B 434 -10.65 -50.18 -0.99
C VAL B 434 -10.26 -49.53 0.35
N LEU B 435 -11.13 -49.69 1.34
CA LEU B 435 -10.89 -49.17 2.67
C LEU B 435 -9.67 -49.80 3.34
N GLN B 436 -9.66 -51.12 3.38
CA GLN B 436 -8.54 -51.85 3.96
C GLN B 436 -7.20 -51.48 3.32
N GLU B 437 -7.22 -51.18 2.03
CA GLU B 437 -5.98 -50.74 1.40
C GLU B 437 -5.51 -49.43 2.03
N GLU B 438 -6.42 -48.44 2.12
CA GLU B 438 -6.11 -47.20 2.80
C GLU B 438 -5.63 -47.45 4.23
N GLU B 439 -6.32 -48.34 4.92
CA GLU B 439 -5.94 -48.66 6.28
C GLU B 439 -4.46 -49.04 6.29
N ALA B 440 -4.08 -50.05 5.51
CA ALA B 440 -2.70 -50.54 5.51
C ALA B 440 -1.72 -49.45 5.19
N GLU B 441 -2.03 -48.65 4.17
CA GLU B 441 -1.17 -47.50 3.87
C GLU B 441 -0.98 -46.59 5.09
N LEU B 442 -2.05 -46.29 5.82
CA LEU B 442 -1.96 -45.39 6.95
C LEU B 442 -1.07 -45.99 8.02
N ARG B 443 -1.33 -47.25 8.33
CA ARG B 443 -0.66 -47.92 9.42
C ARG B 443 0.85 -47.92 9.19
N GLU B 444 1.24 -47.98 7.91
CA GLU B 444 2.65 -47.85 7.50
C GLU B 444 3.20 -46.40 7.61
N LYS B 445 2.41 -45.39 7.26
CA LYS B 445 2.83 -44.01 7.50
C LYS B 445 3.12 -43.80 8.98
N ILE B 446 2.20 -44.28 9.80
CA ILE B 446 2.32 -44.13 11.24
C ILE B 446 3.59 -44.78 11.82
N ALA B 447 3.83 -46.06 11.50
CA ALA B 447 5.04 -46.74 11.95
C ALA B 447 6.32 -45.97 11.61
N MET B 448 6.41 -45.53 10.36
CA MET B 448 7.55 -44.79 9.85
C MET B 448 7.74 -43.45 10.59
N LEU B 449 6.64 -42.74 10.84
CA LEU B 449 6.68 -41.54 11.65
C LEU B 449 7.13 -41.85 13.09
N ALA B 450 6.54 -42.89 13.68
CA ALA B 450 6.88 -43.30 15.03
C ALA B 450 8.37 -43.58 15.13
N ALA B 451 8.92 -44.06 14.01
CA ALA B 451 10.35 -44.36 13.89
C ALA B 451 11.21 -43.11 13.91
N ILE B 452 10.84 -42.13 13.08
CA ILE B 452 11.53 -40.87 13.00
C ILE B 452 11.50 -40.18 14.37
N ILE B 453 10.37 -40.28 15.05
CA ILE B 453 10.19 -39.62 16.32
C ILE B 453 11.06 -40.19 17.46
N GLY B 454 11.03 -41.50 17.62
CA GLY B 454 11.72 -42.13 18.73
C GLY B 454 13.13 -42.67 18.46
N ASP B 455 13.72 -42.25 17.35
CA ASP B 455 15.05 -42.73 16.91
C ASP B 455 15.96 -41.62 16.41
N GLU B 456 16.58 -40.90 17.34
CA GLU B 456 17.51 -39.85 16.98
C GLU B 456 18.27 -40.16 15.68
N ARG B 457 18.78 -41.38 15.52
CA ARG B 457 19.51 -41.73 14.28
C ARG B 457 18.71 -41.62 12.97
N THR B 458 17.58 -42.32 12.85
CA THR B 458 16.76 -42.20 11.64
C THR B 458 16.34 -40.73 11.44
N MET B 459 16.02 -40.04 12.53
CA MET B 459 15.67 -38.63 12.44
C MET B 459 16.80 -37.90 11.74
N TYR B 460 18.01 -37.98 12.30
CA TYR B 460 19.16 -37.29 11.73
C TYR B 460 19.46 -37.70 10.29
N ASN B 461 19.19 -38.95 9.96
CA ASN B 461 19.31 -39.41 8.57
C ASN B 461 18.37 -38.69 7.64
N LEU B 462 17.14 -38.49 8.10
CA LEU B 462 16.18 -37.72 7.34
C LEU B 462 16.70 -36.29 7.10
N MET B 463 17.17 -35.62 8.16
CA MET B 463 17.76 -34.28 8.03
C MET B 463 18.76 -34.27 6.88
N LYS B 464 19.64 -35.26 6.85
CA LYS B 464 20.69 -35.34 5.84
C LYS B 464 20.08 -35.51 4.44
N LYS B 465 19.18 -36.49 4.29
CA LYS B 465 18.58 -36.71 2.98
C LYS B 465 18.02 -35.39 2.49
N GLU B 466 17.18 -34.76 3.31
CA GLU B 466 16.56 -33.49 2.93
C GLU B 466 17.58 -32.42 2.58
N LEU B 467 18.58 -32.26 3.43
CA LEU B 467 19.62 -31.28 3.18
C LEU B 467 20.31 -31.51 1.83
N ARG B 468 20.60 -32.76 1.52
CA ARG B 468 21.21 -33.06 0.22
C ARG B 468 20.28 -32.77 -0.96
N GLU B 469 18.99 -33.05 -0.81
CA GLU B 469 18.06 -32.72 -1.90
C GLU B 469 18.11 -31.23 -2.22
N VAL B 470 18.05 -30.38 -1.18
CA VAL B 470 18.18 -28.94 -1.38
C VAL B 470 19.52 -28.59 -2.03
N LYS B 471 20.58 -29.31 -1.68
CA LYS B 471 21.88 -29.07 -2.30
C LYS B 471 21.83 -29.27 -3.80
N LYS B 472 21.36 -30.44 -4.23
CA LYS B 472 21.28 -30.72 -5.67
C LYS B 472 20.47 -29.64 -6.38
N LYS B 473 19.27 -29.35 -5.90
CA LYS B 473 18.41 -28.39 -6.60
C LYS B 473 18.97 -26.97 -6.74
N PHE B 474 19.52 -26.42 -5.66
CA PHE B 474 19.97 -25.04 -5.67
C PHE B 474 21.48 -24.74 -5.72
N ALA B 475 22.31 -25.77 -5.75
CA ALA B 475 23.76 -25.51 -5.77
C ALA B 475 24.19 -24.63 -6.95
N THR B 476 25.13 -23.73 -6.71
CA THR B 476 25.77 -22.93 -7.77
C THR B 476 27.26 -22.82 -7.46
N PRO B 477 28.06 -22.62 -8.49
CA PRO B 477 29.52 -22.60 -8.31
C PRO B 477 29.97 -21.38 -7.53
N ARG B 478 31.15 -21.43 -6.94
CA ARG B 478 31.71 -20.29 -6.23
C ARG B 478 31.90 -19.11 -7.15
N LEU B 479 31.90 -17.92 -6.58
CA LEU B 479 32.16 -16.69 -7.31
C LEU B 479 33.40 -16.00 -6.75
N SER B 480 33.51 -16.03 -5.43
CA SER B 480 34.69 -15.51 -4.75
C SER B 480 35.77 -16.56 -4.82
N SER B 481 37.03 -16.13 -4.90
CA SER B 481 38.17 -17.05 -4.83
C SER B 481 38.98 -16.80 -3.57
N LEU B 482 39.67 -17.83 -3.10
CA LEU B 482 40.39 -17.70 -1.86
C LEU B 482 41.88 -17.85 -2.13
N GLU B 483 42.66 -16.90 -1.63
CA GLU B 483 44.10 -16.87 -1.89
C GLU B 483 44.87 -16.65 -0.59
N LYS C 36 18.49 16.86 -14.94
CA LYS C 36 19.81 16.23 -15.11
C LYS C 36 19.78 15.02 -16.06
N LEU C 37 20.84 14.91 -16.87
CA LEU C 37 20.90 14.02 -18.01
C LEU C 37 22.02 12.99 -17.93
N THR C 38 21.76 11.78 -18.42
CA THR C 38 22.75 10.71 -18.43
C THR C 38 23.35 10.51 -19.83
N PRO C 39 24.57 11.00 -20.03
CA PRO C 39 25.18 11.20 -21.35
C PRO C 39 25.59 9.93 -22.03
N ALA C 40 25.87 10.04 -23.33
CA ALA C 40 26.53 8.97 -24.04
C ALA C 40 28.04 9.17 -23.87
N GLN C 41 28.78 8.06 -23.87
CA GLN C 41 30.22 8.09 -23.57
C GLN C 41 31.00 8.91 -24.59
N SER C 42 30.55 8.86 -25.84
CA SER C 42 31.22 9.56 -26.92
C SER C 42 30.28 10.54 -27.61
N LYS C 43 30.88 11.56 -28.22
CA LYS C 43 30.10 12.58 -28.90
C LYS C 43 30.13 12.19 -30.36
N ASN C 44 28.96 11.97 -30.95
CA ASN C 44 28.84 11.70 -32.38
C ASN C 44 27.46 12.08 -32.94
N PRO C 45 27.36 13.28 -33.55
CA PRO C 45 26.08 13.75 -34.09
C PRO C 45 25.48 12.78 -35.09
N ALA C 46 26.23 11.73 -35.44
CA ALA C 46 25.85 10.85 -36.54
C ALA C 46 25.06 9.62 -36.14
N LYS C 47 25.37 9.05 -34.98
CA LYS C 47 24.67 7.86 -34.49
C LYS C 47 24.53 7.96 -32.99
N ASN C 48 23.85 9.00 -32.53
CA ASN C 48 23.72 9.20 -31.10
C ASN C 48 22.27 9.44 -30.79
N GLU C 49 21.80 8.74 -29.77
CA GLU C 49 20.38 8.66 -29.50
C GLU C 49 20.04 9.35 -28.19
N LEU C 50 18.98 10.14 -28.23
CA LEU C 50 18.53 10.82 -27.04
C LEU C 50 17.14 10.30 -26.69
N TYR C 51 17.04 9.56 -25.60
CA TYR C 51 15.75 8.97 -25.23
C TYR C 51 15.09 9.94 -24.27
N LEU C 52 13.87 10.36 -24.60
CA LEU C 52 13.07 11.13 -23.67
C LEU C 52 12.07 10.17 -23.05
N VAL C 53 12.23 9.94 -21.75
CA VAL C 53 11.53 8.85 -21.08
C VAL C 53 10.55 9.42 -20.06
N GLU C 54 9.40 8.79 -19.96
CA GLU C 54 8.39 9.30 -19.08
C GLU C 54 8.58 8.62 -17.75
N GLY C 55 9.15 9.37 -16.81
CA GLY C 55 9.36 8.86 -15.48
C GLY C 55 10.82 8.84 -15.07
N ASP C 56 11.09 9.37 -13.87
CA ASP C 56 12.43 9.31 -13.28
C ASP C 56 12.79 7.84 -13.17
N SER C 57 11.77 7.06 -12.84
CA SER C 57 11.90 5.63 -12.59
C SER C 57 12.20 4.78 -13.81
N ALA C 58 11.44 4.95 -14.88
CA ALA C 58 11.76 4.28 -16.15
C ALA C 58 13.09 4.75 -16.66
N GLY C 59 13.38 6.04 -16.46
CA GLY C 59 14.67 6.59 -16.81
C GLY C 59 15.79 5.79 -16.17
N GLY C 60 15.60 5.39 -14.93
CA GLY C 60 16.54 4.52 -14.28
C GLY C 60 16.75 3.24 -15.05
N SER C 61 15.68 2.51 -15.27
CA SER C 61 15.73 1.31 -16.08
C SER C 61 16.39 1.53 -17.42
N ALA C 62 16.05 2.64 -18.07
CA ALA C 62 16.64 2.87 -19.36
C ALA C 62 18.15 3.04 -19.20
N LYS C 63 18.58 3.83 -18.22
CA LYS C 63 20.02 3.98 -17.95
C LYS C 63 20.66 2.60 -17.79
N GLN C 64 20.05 1.74 -16.96
CA GLN C 64 20.62 0.42 -16.71
C GLN C 64 20.73 -0.41 -17.97
N GLY C 65 19.63 -0.55 -18.70
CA GLY C 65 19.64 -1.40 -19.88
C GLY C 65 19.79 -0.62 -21.16
N ARG C 66 20.99 -0.54 -21.68
CA ARG C 66 21.22 0.35 -22.81
C ARG C 66 22.66 0.29 -23.17
N ASP C 67 22.96 0.61 -24.43
CA ASP C 67 24.32 0.77 -24.93
C ASP C 67 24.81 2.19 -24.63
N ARG C 68 25.69 2.33 -23.66
CA ARG C 68 26.08 3.65 -23.19
C ARG C 68 27.07 4.28 -24.15
N LYS C 69 27.63 3.47 -25.04
CA LYS C 69 28.58 3.96 -26.05
C LYS C 69 27.97 5.07 -26.88
N PHE C 70 26.65 5.07 -27.04
CA PHE C 70 26.01 6.06 -27.90
C PHE C 70 24.52 6.33 -27.67
N GLN C 71 23.98 6.00 -26.51
CA GLN C 71 22.63 6.45 -26.24
C GLN C 71 22.50 7.15 -24.89
N ALA C 72 21.88 8.32 -24.93
CA ALA C 72 21.75 9.21 -23.79
C ALA C 72 20.32 9.14 -23.30
N ILE C 73 20.15 9.44 -22.02
CA ILE C 73 18.85 9.31 -21.42
C ILE C 73 18.45 10.58 -20.71
N LEU C 74 17.20 11.01 -20.93
CA LEU C 74 16.70 12.25 -20.36
C LEU C 74 15.27 12.11 -19.84
N PRO C 75 15.11 11.79 -18.56
CA PRO C 75 13.76 11.53 -18.05
C PRO C 75 12.99 12.82 -17.84
N LEU C 76 11.69 12.75 -18.03
CA LEU C 76 10.82 13.90 -17.82
C LEU C 76 10.02 13.58 -16.58
N ARG C 77 9.96 14.53 -15.66
CA ARG C 77 9.30 14.30 -14.40
C ARG C 77 7.90 14.80 -14.52
N GLY C 78 6.95 13.90 -14.64
CA GLY C 78 5.56 14.32 -14.81
C GLY C 78 5.26 15.01 -16.13
N LYS C 79 4.05 15.54 -16.23
CA LYS C 79 3.54 16.12 -17.45
C LYS C 79 4.39 17.28 -17.99
N VAL C 80 4.64 17.27 -19.29
CA VAL C 80 5.47 18.29 -19.91
C VAL C 80 4.67 19.56 -20.15
N ILE C 81 5.29 20.73 -20.04
CA ILE C 81 4.54 21.98 -20.26
C ILE C 81 3.94 21.91 -21.63
N ASN C 82 2.71 22.41 -21.78
CA ASN C 82 2.10 22.60 -23.08
C ASN C 82 2.58 23.90 -23.74
N THR C 83 3.40 23.79 -24.79
CA THR C 83 4.01 24.99 -25.38
C THR C 83 3.13 25.72 -26.41
N ALA C 84 1.92 25.23 -26.64
CA ALA C 84 0.93 25.94 -27.46
C ALA C 84 0.09 26.88 -26.60
N LYS C 85 0.14 26.64 -25.29
CA LYS C 85 -0.77 27.23 -24.34
C LYS C 85 0.07 27.58 -23.15
N ALA C 86 0.61 28.79 -23.17
CA ALA C 86 1.62 29.26 -22.21
C ALA C 86 2.16 30.55 -22.78
N LYS C 87 2.99 31.28 -22.03
CA LYS C 87 3.67 32.38 -22.66
C LYS C 87 5.10 31.91 -22.89
N MET C 88 5.91 32.73 -23.52
CA MET C 88 7.26 32.30 -23.83
C MET C 88 8.04 32.25 -22.54
N ALA C 89 7.74 33.19 -21.65
CA ALA C 89 8.44 33.25 -20.38
C ALA C 89 8.40 31.91 -19.68
N ASP C 90 7.19 31.42 -19.46
CA ASP C 90 6.96 30.18 -18.73
C ASP C 90 7.76 29.06 -19.34
N ILE C 91 7.77 29.02 -20.67
CA ILE C 91 8.39 27.92 -21.40
C ILE C 91 9.89 27.82 -21.12
N LEU C 92 10.61 28.90 -21.35
CA LEU C 92 12.06 28.86 -21.18
C LEU C 92 12.48 28.66 -19.71
N LYS C 93 11.66 29.15 -18.78
CA LYS C 93 11.88 28.92 -17.34
C LYS C 93 11.54 27.48 -16.90
N ASN C 94 11.07 26.65 -17.82
CA ASN C 94 10.74 25.26 -17.47
C ASN C 94 11.93 24.28 -17.52
N GLU C 95 12.14 23.53 -16.43
CA GLU C 95 13.32 22.68 -16.33
C GLU C 95 13.49 21.66 -17.48
N GLU C 96 12.41 20.93 -17.76
CA GLU C 96 12.40 19.91 -18.82
C GLU C 96 12.72 20.50 -20.21
N ILE C 97 12.01 21.55 -20.59
CA ILE C 97 12.30 22.19 -21.86
C ILE C 97 13.75 22.69 -21.99
N ASN C 98 14.24 23.39 -20.97
CA ASN C 98 15.58 23.92 -21.04
C ASN C 98 16.63 22.81 -21.14
N THR C 99 16.48 21.74 -20.37
CA THR C 99 17.49 20.68 -20.44
C THR C 99 17.49 19.99 -21.80
N MET C 100 16.30 19.79 -22.36
CA MET C 100 16.20 19.32 -23.74
C MET C 100 16.96 20.25 -24.66
N ILE C 101 16.66 21.54 -24.57
CA ILE C 101 17.28 22.51 -25.47
C ILE C 101 18.81 22.42 -25.34
N TYR C 102 19.33 22.54 -24.12
CA TYR C 102 20.76 22.50 -23.89
C TYR C 102 21.43 21.19 -24.35
N THR C 103 20.86 20.05 -23.98
CA THR C 103 21.44 18.76 -24.39
C THR C 103 21.50 18.62 -25.91
N ILE C 104 20.46 19.08 -26.59
CA ILE C 104 20.37 18.96 -28.05
C ILE C 104 21.32 19.92 -28.75
N GLY C 105 21.35 21.16 -28.27
CA GLY C 105 22.26 22.16 -28.82
C GLY C 105 21.56 23.25 -29.59
N ALA C 106 21.24 22.95 -30.85
CA ALA C 106 20.65 23.91 -31.79
C ALA C 106 20.16 25.24 -31.22
N GLY C 107 19.21 25.20 -30.31
CA GLY C 107 18.57 26.42 -29.89
C GLY C 107 17.10 26.23 -30.09
N VAL C 108 16.43 27.21 -30.69
CA VAL C 108 14.98 27.25 -30.71
C VAL C 108 14.56 28.62 -31.16
N ASP C 111 17.18 31.55 -33.50
CA ASP C 111 16.64 30.36 -34.16
C ASP C 111 17.41 29.05 -34.02
N PHE C 112 16.65 27.99 -34.27
CA PHE C 112 17.04 26.61 -34.04
C PHE C 112 18.44 26.28 -34.53
N SER C 113 18.77 26.72 -35.74
CA SER C 113 19.95 26.20 -36.37
C SER C 113 19.59 24.75 -36.57
N ILE C 114 20.59 23.88 -36.63
CA ILE C 114 20.37 22.45 -36.66
C ILE C 114 21.73 21.79 -36.46
N GLU C 115 21.86 20.57 -36.96
CA GLU C 115 23.14 19.89 -36.94
C GLU C 115 24.17 20.87 -37.52
N ALA C 117 25.21 19.84 -34.26
CA ALA C 117 24.70 19.34 -32.98
C ALA C 117 23.32 18.72 -33.22
N ASN C 118 23.04 17.55 -32.63
CA ASN C 118 23.88 16.91 -31.63
C ASN C 118 23.53 15.44 -31.34
N TYR C 119 22.40 14.98 -31.85
CA TYR C 119 22.02 13.57 -31.87
C TYR C 119 21.45 13.30 -33.26
N ASP C 120 21.43 12.06 -33.73
CA ASP C 120 20.73 11.81 -34.98
C ASP C 120 19.37 11.15 -34.75
N LYS C 121 18.98 11.06 -33.48
CA LYS C 121 17.68 10.51 -33.14
C LYS C 121 17.23 11.02 -31.79
N ILE C 122 16.04 11.59 -31.79
CA ILE C 122 15.39 11.95 -30.55
C ILE C 122 14.20 11.05 -30.47
N ILE C 123 14.21 10.17 -29.49
CA ILE C 123 13.25 9.08 -29.42
C ILE C 123 12.38 9.23 -28.18
N ILE C 124 11.08 9.30 -28.37
CA ILE C 124 10.17 9.52 -27.26
C ILE C 124 9.72 8.16 -26.79
N MET C 125 9.97 7.86 -25.52
CA MET C 125 9.69 6.54 -24.99
C MET C 125 8.83 6.71 -23.74
N THR C 126 7.60 6.23 -23.82
CA THR C 126 6.65 6.37 -22.73
C THR C 126 5.87 5.08 -22.52
N ASP C 127 4.97 5.11 -21.55
CA ASP C 127 4.05 4.01 -21.35
C ASP C 127 3.06 3.94 -22.51
N ALA C 128 2.68 2.73 -22.87
CA ALA C 128 1.61 2.55 -23.82
C ALA C 128 0.33 2.61 -23.00
N ASP C 129 0.01 3.80 -22.53
CA ASP C 129 -1.27 3.99 -21.85
C ASP C 129 -1.70 5.41 -22.17
N THR C 130 -2.86 5.82 -21.64
CA THR C 130 -3.45 7.09 -22.02
C THR C 130 -2.50 8.25 -21.66
N ASP C 131 -1.87 8.16 -20.51
CA ASP C 131 -1.07 9.29 -20.07
C ASP C 131 0.22 9.43 -20.86
N GLY C 132 0.76 8.28 -21.27
CA GLY C 132 1.90 8.24 -22.13
C GLY C 132 1.52 8.90 -23.46
N ALA C 133 0.31 8.57 -23.91
CA ALA C 133 -0.17 9.13 -25.16
C ALA C 133 -0.23 10.63 -25.02
N HIS C 134 -0.77 11.09 -23.89
CA HIS C 134 -0.81 12.53 -23.61
C HIS C 134 0.57 13.18 -23.67
N ILE C 135 1.57 12.53 -23.09
CA ILE C 135 2.95 13.04 -23.10
C ILE C 135 3.58 13.13 -24.51
N GLN C 136 3.26 12.19 -25.39
CA GLN C 136 3.72 12.28 -26.76
C GLN C 136 3.13 13.51 -27.48
N THR C 137 1.85 13.74 -27.24
CA THR C 137 1.16 14.92 -27.75
C THR C 137 1.89 16.20 -27.32
N LEU C 138 2.21 16.28 -26.04
CA LEU C 138 2.86 17.45 -25.49
C LEU C 138 4.28 17.71 -26.02
N LEU C 139 5.05 16.64 -26.14
CA LEU C 139 6.40 16.76 -26.70
C LEU C 139 6.33 17.05 -28.19
N LEU C 140 5.53 16.31 -28.93
CA LEU C 140 5.43 16.63 -30.36
C LEU C 140 5.02 18.07 -30.55
N THR C 141 4.06 18.58 -29.76
CA THR C 141 3.70 19.99 -29.93
C THR C 141 4.92 20.88 -29.77
N PHE C 142 5.76 20.57 -28.80
CA PHE C 142 6.94 21.38 -28.56
C PHE C 142 7.87 21.32 -29.76
N PHE C 143 8.27 20.10 -30.15
CA PHE C 143 9.18 19.93 -31.26
C PHE C 143 8.62 20.56 -32.52
N TYR C 144 7.34 20.33 -32.77
CA TYR C 144 6.71 20.96 -33.89
C TYR C 144 6.88 22.48 -33.85
N ARG C 145 6.47 23.11 -32.75
CA ARG C 145 6.49 24.57 -32.64
C ARG C 145 7.88 25.25 -32.61
N TYR C 146 8.83 24.71 -31.86
CA TYR C 146 10.17 25.32 -31.79
C TYR C 146 11.30 24.64 -32.58
N MET C 147 11.51 23.35 -32.38
CA MET C 147 12.47 22.56 -33.16
C MET C 147 11.99 22.02 -34.54
N ARG C 148 11.13 22.76 -35.25
CA ARG C 148 10.47 22.19 -36.42
C ARG C 148 11.38 21.47 -37.45
N PRO C 149 12.60 21.99 -37.70
CA PRO C 149 13.39 21.29 -38.72
C PRO C 149 13.78 19.87 -38.28
N LEU C 150 13.91 19.63 -36.97
CA LEU C 150 14.23 18.30 -36.45
C LEU C 150 13.29 17.23 -37.00
N VAL C 151 12.00 17.51 -36.92
CA VAL C 151 10.97 16.61 -37.40
C VAL C 151 11.00 16.48 -38.90
N GLU C 152 11.19 17.59 -39.60
CA GLU C 152 11.18 17.54 -41.05
C GLU C 152 12.29 16.65 -41.61
N ALA C 153 13.49 16.76 -41.05
CA ALA C 153 14.58 15.88 -41.44
C ALA C 153 14.44 14.47 -40.86
N GLY C 154 13.25 14.13 -40.36
CA GLY C 154 12.98 12.81 -39.81
C GLY C 154 13.83 12.41 -38.61
N HIS C 155 14.12 13.34 -37.71
CA HIS C 155 14.95 13.04 -36.55
C HIS C 155 14.18 12.64 -35.28
N VAL C 156 12.85 12.73 -35.31
CA VAL C 156 12.04 12.44 -34.12
C VAL C 156 11.29 11.11 -34.23
N TYR C 157 11.54 10.24 -33.27
CA TYR C 157 10.92 8.93 -33.26
C TYR C 157 10.07 8.74 -32.01
N ILE C 158 9.21 7.74 -32.07
CA ILE C 158 8.44 7.32 -30.93
C ILE C 158 8.69 5.83 -30.81
N ALA C 159 8.89 5.36 -29.59
CA ALA C 159 9.25 3.97 -29.39
C ALA C 159 8.00 3.15 -29.10
N LEU C 160 8.02 1.87 -29.46
CA LEU C 160 6.84 1.05 -29.26
C LEU C 160 7.15 -0.05 -28.26
N PRO C 161 6.90 0.23 -26.98
CA PRO C 161 7.01 -0.82 -25.96
C PRO C 161 6.01 -1.87 -26.30
N PRO C 162 6.32 -3.12 -25.98
CA PRO C 162 5.40 -4.23 -26.27
C PRO C 162 4.21 -4.14 -25.31
N LEU C 163 3.03 -4.55 -25.75
CA LEU C 163 1.86 -4.43 -24.89
C LEU C 163 1.64 -5.71 -24.11
N TYR C 164 2.25 -6.80 -24.58
CA TYR C 164 2.00 -8.12 -24.03
C TYR C 164 3.27 -8.97 -23.87
N LYS C 165 3.29 -9.75 -22.78
CA LYS C 165 4.32 -10.75 -22.55
C LYS C 165 3.65 -12.10 -22.33
N MET C 166 4.20 -13.15 -22.95
CA MET C 166 3.67 -14.50 -22.82
C MET C 166 4.70 -15.36 -22.09
N SER C 167 4.25 -16.20 -21.16
CA SER C 167 5.17 -17.04 -20.40
C SER C 167 4.64 -18.44 -20.09
N LYS C 168 5.52 -19.43 -20.22
CA LYS C 168 5.27 -20.80 -19.78
C LYS C 168 6.67 -21.37 -19.60
N LYS C 170 7.07 -22.78 -15.05
CA LYS C 170 7.47 -22.31 -13.71
C LYS C 170 8.98 -22.34 -13.41
N GLY C 171 9.46 -21.28 -12.76
CA GLY C 171 10.80 -21.22 -12.23
C GLY C 171 11.95 -21.19 -13.23
N LYS C 172 12.90 -22.10 -13.03
CA LYS C 172 14.15 -22.09 -13.80
C LYS C 172 13.89 -22.22 -15.30
N LYS C 173 12.83 -22.94 -15.69
CA LYS C 173 12.50 -23.04 -17.09
C LYS C 173 11.22 -22.30 -17.44
N GLU C 174 11.30 -20.98 -17.41
CA GLU C 174 10.16 -20.16 -17.76
C GLU C 174 10.55 -19.52 -19.07
N GLU C 175 9.63 -19.54 -20.02
CA GLU C 175 9.88 -19.03 -21.36
C GLU C 175 8.98 -17.83 -21.55
N VAL C 176 9.45 -16.84 -22.30
CA VAL C 176 8.67 -15.63 -22.51
C VAL C 176 8.80 -15.08 -23.94
N ALA C 177 7.68 -14.59 -24.47
CA ALA C 177 7.67 -13.90 -25.77
C ALA C 177 6.94 -12.56 -25.66
N TYR C 178 7.15 -11.67 -26.63
CA TYR C 178 6.51 -10.35 -26.56
C TYR C 178 5.68 -10.08 -27.81
N ALA C 179 4.56 -9.37 -27.64
CA ALA C 179 3.71 -8.99 -28.76
C ALA C 179 3.24 -7.53 -28.69
N TRP C 180 3.02 -6.91 -29.85
CA TRP C 180 2.66 -5.49 -29.93
C TRP C 180 1.23 -5.19 -30.35
N THR C 181 0.51 -6.20 -30.81
CA THR C 181 -0.76 -5.93 -31.47
C THR C 181 -1.79 -7.01 -31.23
N ASP C 182 -3.04 -6.65 -31.49
CA ASP C 182 -4.12 -7.62 -31.61
C ASP C 182 -3.64 -8.93 -32.24
N GLY C 183 -3.15 -8.83 -33.48
CA GLY C 183 -2.78 -9.99 -34.25
C GLY C 183 -1.61 -10.78 -33.70
N GLU C 184 -0.52 -10.09 -33.37
CA GLU C 184 0.70 -10.74 -32.90
C GLU C 184 0.43 -11.61 -31.68
N LEU C 185 -0.44 -11.11 -30.81
CA LEU C 185 -0.85 -11.82 -29.60
C LEU C 185 -1.51 -13.09 -30.03
N GLU C 186 -2.45 -12.98 -30.98
CA GLU C 186 -3.12 -14.14 -31.54
C GLU C 186 -2.07 -15.17 -31.98
N GLU C 187 -1.06 -14.71 -32.70
CA GLU C 187 0.04 -15.59 -33.10
C GLU C 187 0.63 -16.34 -31.90
N LEU C 188 1.09 -15.57 -30.91
CA LEU C 188 1.77 -16.10 -29.72
C LEU C 188 0.97 -17.13 -28.93
N ARG C 189 -0.29 -16.83 -28.64
CA ARG C 189 -1.12 -17.74 -27.85
C ARG C 189 -1.22 -19.15 -28.47
N LYS C 190 -1.38 -19.23 -29.79
CA LYS C 190 -1.41 -20.53 -30.48
C LYS C 190 -0.06 -21.26 -30.37
N GLN C 191 1.03 -20.53 -30.53
CA GLN C 191 2.38 -21.09 -30.34
C GLN C 191 2.62 -21.62 -28.92
N PHE C 192 2.46 -20.76 -27.92
CA PHE C 192 2.58 -21.13 -26.51
C PHE C 192 1.47 -22.07 -26.03
N GLY C 193 0.51 -22.37 -26.90
CA GLY C 193 -0.79 -22.89 -26.53
C GLY C 193 -1.21 -22.73 -25.08
N LYS C 194 -2.09 -23.61 -24.62
CA LYS C 194 -2.70 -23.46 -23.30
C LYS C 194 -1.73 -23.75 -22.18
N GLY C 195 -2.07 -23.26 -20.99
CA GLY C 195 -1.16 -23.28 -19.86
C GLY C 195 -0.40 -21.97 -19.81
N ALA C 196 -0.06 -21.47 -21.00
CA ALA C 196 0.66 -20.21 -21.12
C ALA C 196 -0.21 -19.05 -20.67
N THR C 197 0.34 -18.23 -19.77
CA THR C 197 -0.40 -17.05 -19.31
C THR C 197 0.16 -15.72 -19.83
N LEU C 198 -0.74 -14.75 -19.96
CA LEU C 198 -0.47 -13.50 -20.65
C LEU C 198 -0.39 -12.34 -19.66
N GLN C 199 0.57 -11.46 -19.88
CA GLN C 199 0.66 -10.23 -19.11
C GLN C 199 0.35 -9.04 -20.00
N ARG C 200 -0.42 -8.10 -19.45
CA ARG C 200 -0.71 -6.86 -20.15
C ARG C 200 0.09 -5.77 -19.47
N TYR C 201 1.10 -5.26 -20.16
CA TYR C 201 1.98 -4.26 -19.60
C TYR C 201 1.23 -2.94 -19.38
N LYS C 202 1.13 -2.51 -18.12
CA LYS C 202 0.42 -1.27 -17.82
C LYS C 202 1.40 -0.10 -17.81
N GLY C 203 2.67 -0.42 -18.01
CA GLY C 203 3.68 0.62 -18.09
C GLY C 203 5.12 0.13 -18.22
N LEU C 204 6.02 1.09 -18.38
CA LEU C 204 7.43 0.81 -18.51
C LEU C 204 7.99 0.33 -17.17
N GLY C 205 7.38 0.79 -16.09
CA GLY C 205 7.91 0.48 -14.78
C GLY C 205 7.91 -1.01 -14.55
N GLU C 206 7.03 -1.70 -15.26
CA GLU C 206 6.78 -3.10 -14.99
C GLU C 206 7.82 -4.02 -15.60
N MET C 207 8.71 -3.44 -16.42
CA MET C 207 9.74 -4.25 -17.08
C MET C 207 11.18 -3.91 -16.70
N ASN C 208 12.01 -4.95 -16.64
CA ASN C 208 13.39 -4.81 -16.23
C ASN C 208 14.25 -4.17 -17.31
N ALA C 209 15.56 -4.13 -17.08
CA ALA C 209 16.46 -3.35 -17.92
C ALA C 209 16.88 -4.12 -19.17
N ASP C 210 17.27 -5.38 -18.98
CA ASP C 210 17.52 -6.29 -20.10
C ASP C 210 16.30 -6.39 -21.02
N GLN C 211 15.12 -6.50 -20.41
CA GLN C 211 13.88 -6.56 -21.19
C GLN C 211 13.71 -5.30 -22.03
N LEU C 212 13.86 -4.14 -21.39
CA LEU C 212 13.77 -2.86 -22.09
C LEU C 212 14.73 -2.84 -23.28
N TRP C 213 15.93 -3.37 -23.08
CA TRP C 213 16.90 -3.48 -24.16
C TRP C 213 16.39 -4.38 -25.29
N GLU C 214 16.08 -5.62 -24.92
CA GLU C 214 15.65 -6.61 -25.88
C GLU C 214 14.50 -6.10 -26.74
N THR C 215 13.46 -5.54 -26.11
CA THR C 215 12.22 -5.18 -26.82
C THR C 215 12.10 -3.76 -27.41
N THR C 216 12.81 -2.77 -26.90
CA THR C 216 12.53 -1.39 -27.32
C THR C 216 13.75 -0.46 -27.47
N MET C 217 14.95 -0.95 -27.15
CA MET C 217 16.11 -0.08 -27.18
C MET C 217 17.25 -0.58 -28.10
N ASN C 218 17.37 -1.89 -28.26
CA ASN C 218 18.40 -2.49 -29.09
C ASN C 218 18.13 -2.32 -30.59
N PRO C 219 18.89 -1.45 -31.26
CA PRO C 219 18.63 -1.11 -32.66
C PRO C 219 18.28 -2.29 -33.56
N GLU C 220 18.91 -3.44 -33.33
CA GLU C 220 18.68 -4.62 -34.15
C GLU C 220 17.25 -5.18 -33.99
N THR C 221 16.72 -5.16 -32.78
CA THR C 221 15.44 -5.78 -32.48
C THR C 221 14.28 -4.81 -32.25
N ARG C 222 14.60 -3.55 -31.94
CA ARG C 222 13.57 -2.57 -31.61
C ARG C 222 12.79 -2.12 -32.82
N THR C 223 11.55 -1.70 -32.58
CA THR C 223 10.73 -1.10 -33.60
C THR C 223 10.32 0.30 -33.18
N LEU C 224 10.67 1.27 -34.01
CA LEU C 224 10.38 2.68 -33.77
C LEU C 224 9.37 3.19 -34.80
N ILE C 225 8.67 4.27 -34.45
CA ILE C 225 7.83 5.00 -35.38
C ILE C 225 8.59 6.26 -35.68
N ARG C 226 8.51 6.70 -36.93
CA ARG C 226 9.24 7.87 -37.33
C ARG C 226 8.19 8.87 -37.68
N VAL C 227 8.34 10.06 -37.14
CA VAL C 227 7.32 11.07 -37.27
C VAL C 227 7.70 11.88 -38.48
N THR C 228 6.75 12.08 -39.36
CA THR C 228 6.98 12.85 -40.56
C THR C 228 5.89 13.89 -40.54
N ILE C 229 6.08 14.97 -41.27
CA ILE C 229 4.94 15.81 -41.53
C ILE C 229 4.67 15.85 -43.04
N GLU C 230 3.42 15.58 -43.39
CA GLU C 230 2.96 15.56 -44.78
C GLU C 230 2.02 16.72 -44.92
N ASP C 231 2.48 17.79 -45.54
CA ASP C 231 1.80 19.06 -45.51
C ASP C 231 2.45 19.89 -44.42
N LEU C 232 1.83 20.99 -44.03
CA LEU C 232 2.29 21.76 -42.89
C LEU C 232 1.05 22.42 -42.30
N ALA C 233 0.32 23.09 -43.16
CA ALA C 233 -0.85 23.82 -42.75
C ALA C 233 -1.83 22.87 -42.06
N ARG C 234 -2.03 21.69 -42.64
CA ARG C 234 -2.93 20.70 -42.02
C ARG C 234 -2.44 20.43 -40.59
N ALA C 235 -1.14 20.19 -40.45
CA ALA C 235 -0.53 19.94 -39.15
C ALA C 235 -0.78 21.07 -38.16
N GLU C 236 -0.42 22.29 -38.57
CA GLU C 236 -0.58 23.47 -37.74
C GLU C 236 -2.01 23.64 -37.24
N ARG C 237 -3.00 23.42 -38.11
CA ARG C 237 -4.39 23.50 -37.72
C ARG C 237 -4.67 22.50 -36.59
N ARG C 238 -4.34 21.24 -36.83
CA ARG C 238 -4.58 20.18 -35.88
C ARG C 238 -3.94 20.43 -34.53
N VAL C 239 -2.66 20.76 -34.54
CA VAL C 239 -1.91 21.02 -33.33
C VAL C 239 -2.55 22.16 -32.55
N ASN C 240 -3.00 23.19 -33.25
CA ASN C 240 -3.63 24.31 -32.58
C ASN C 240 -5.04 24.02 -32.04
N VAL C 241 -5.81 23.23 -32.76
CA VAL C 241 -7.14 22.90 -32.25
C VAL C 241 -7.06 22.01 -31.03
N LEU C 242 -6.24 20.97 -31.10
CA LEU C 242 -6.01 20.09 -29.96
C LEU C 242 -5.31 20.80 -28.80
N MET C 243 -4.06 21.20 -29.04
CA MET C 243 -3.20 21.70 -27.99
C MET C 243 -3.38 23.17 -27.61
N GLY C 244 -4.31 23.85 -28.24
CA GLY C 244 -4.37 25.29 -28.10
C GLY C 244 -5.23 25.86 -26.98
N ASP C 245 -5.14 27.18 -26.80
CA ASP C 245 -5.81 27.89 -25.70
C ASP C 245 -7.35 27.97 -25.73
N LYS C 246 -7.99 27.92 -26.90
CA LYS C 246 -9.40 28.35 -27.00
C LYS C 246 -10.51 27.43 -26.45
N VAL C 247 -10.50 26.15 -26.81
CA VAL C 247 -11.42 25.18 -26.19
C VAL C 247 -12.70 24.87 -26.98
N GLU C 248 -13.59 25.86 -27.13
CA GLU C 248 -14.84 25.56 -27.82
C GLU C 248 -14.66 24.68 -29.06
N PRO C 249 -13.57 24.90 -29.83
CA PRO C 249 -13.18 24.11 -31.01
C PRO C 249 -12.68 22.71 -30.66
N ARG C 250 -11.85 22.61 -29.62
CA ARG C 250 -11.47 21.29 -29.09
C ARG C 250 -12.70 20.47 -28.72
N ARG C 251 -13.64 21.11 -28.01
CA ARG C 251 -14.87 20.44 -27.66
C ARG C 251 -15.53 19.90 -28.93
N LYS C 252 -15.66 20.76 -29.95
CA LYS C 252 -16.30 20.31 -31.17
C LYS C 252 -15.49 19.19 -31.80
N TRP C 253 -14.18 19.37 -31.88
CA TRP C 253 -13.36 18.29 -32.43
C TRP C 253 -13.68 16.97 -31.74
N ILE C 254 -13.81 17.01 -30.41
CA ILE C 254 -14.09 15.82 -29.62
C ILE C 254 -15.47 15.25 -29.90
N GLU C 255 -16.49 16.11 -29.94
CA GLU C 255 -17.85 15.66 -30.25
C GLU C 255 -17.93 15.05 -31.65
N ASP C 256 -17.19 15.62 -32.59
CA ASP C 256 -17.18 15.12 -33.96
C ASP C 256 -16.41 13.81 -34.13
N ASN C 257 -15.26 13.71 -33.45
CA ASN C 257 -14.31 12.65 -33.77
C ASN C 257 -14.13 11.54 -32.75
N VAL C 258 -14.07 11.89 -31.47
CA VAL C 258 -14.07 10.87 -30.43
C VAL C 258 -15.41 10.17 -30.45
N LYS C 259 -15.39 8.88 -30.70
CA LYS C 259 -16.63 8.10 -30.66
C LYS C 259 -16.77 7.41 -29.30
N PHE C 260 -17.20 8.12 -28.26
CA PHE C 260 -17.50 7.40 -27.00
C PHE C 260 -18.83 6.77 -27.27
N THR C 261 -18.85 5.48 -27.53
CA THR C 261 -20.05 4.94 -28.19
C THR C 261 -21.34 5.10 -27.39
N LYS D 36 9.53 24.90 11.79
CA LYS D 36 8.46 25.89 11.94
C LYS D 36 7.42 25.52 13.01
N LEU D 37 6.96 26.54 13.75
CA LEU D 37 6.20 26.37 14.97
C LEU D 37 4.82 27.02 14.92
N THR D 38 3.84 26.37 15.54
CA THR D 38 2.48 26.88 15.60
C THR D 38 2.16 27.50 16.97
N PRO D 39 2.16 28.85 17.03
CA PRO D 39 2.22 29.62 18.27
C PRO D 39 0.93 29.58 19.06
N ALA D 40 1.00 30.02 20.31
CA ALA D 40 -0.17 30.30 21.10
C ALA D 40 -0.58 31.74 20.79
N GLN D 41 -1.87 32.03 20.85
CA GLN D 41 -2.42 33.32 20.46
C GLN D 41 -1.90 34.46 21.33
N SER D 42 -1.67 34.16 22.60
CA SER D 42 -1.22 35.14 23.56
C SER D 42 0.08 34.72 24.20
N LYS D 43 0.84 35.70 24.66
CA LYS D 43 2.12 35.45 25.28
C LYS D 43 1.86 35.49 26.77
N ASN D 44 2.15 34.38 27.45
CA ASN D 44 2.05 34.31 28.91
C ASN D 44 2.96 33.25 29.52
N PRO D 45 4.14 33.65 30.01
CA PRO D 45 5.11 32.72 30.59
C PRO D 45 4.51 31.91 31.73
N ALA D 46 3.28 32.24 32.13
CA ALA D 46 2.69 31.68 33.34
C ALA D 46 1.83 30.44 33.12
N LYS D 47 1.11 30.40 32.01
CA LYS D 47 0.25 29.26 31.69
C LYS D 47 0.29 29.00 30.21
N ASN D 48 1.47 28.71 29.70
CA ASN D 48 1.61 28.54 28.26
C ASN D 48 2.35 27.26 28.03
N GLU D 49 1.82 26.45 27.12
CA GLU D 49 2.27 25.08 26.96
C GLU D 49 2.94 24.89 25.62
N LEU D 50 4.07 24.22 25.65
CA LEU D 50 4.80 23.93 24.43
C LEU D 50 4.81 22.41 24.23
N TYR D 51 4.09 21.94 23.23
CA TYR D 51 4.02 20.50 23.01
C TYR D 51 5.10 20.15 22.01
N LEU D 52 5.98 19.21 22.38
CA LEU D 52 6.92 18.66 21.43
C LEU D 52 6.37 17.32 20.98
N VAL D 53 6.01 17.24 19.71
CA VAL D 53 5.23 16.12 19.20
C VAL D 53 6.05 15.34 18.20
N GLU D 54 5.91 14.02 18.25
CA GLU D 54 6.71 13.19 17.39
C GLU D 54 5.91 12.98 16.12
N GLY D 55 6.32 13.69 15.07
CA GLY D 55 5.67 13.55 13.79
C GLY D 55 5.08 14.84 13.29
N ASP D 56 5.37 15.18 12.03
CA ASP D 56 4.77 16.32 11.36
C ASP D 56 3.27 16.09 11.37
N SER D 57 2.91 14.83 11.21
CA SER D 57 1.52 14.38 11.09
C SER D 57 0.72 14.48 12.37
N ALA D 58 1.24 13.94 13.47
CA ALA D 58 0.59 14.11 14.77
C ALA D 58 0.55 15.58 15.13
N GLY D 59 1.61 16.29 14.79
CA GLY D 59 1.65 17.73 14.98
C GLY D 59 0.45 18.41 14.36
N GLY D 60 0.06 17.94 13.17
CA GLY D 60 -1.15 18.43 12.55
C GLY D 60 -2.35 18.22 13.44
N SER D 61 -2.60 16.97 13.81
CA SER D 61 -3.68 16.66 14.73
C SER D 61 -3.62 17.48 16.00
N ALA D 62 -2.43 17.65 16.54
CA ALA D 62 -2.35 18.42 17.77
C ALA D 62 -2.78 19.87 17.48
N LYS D 63 -2.28 20.45 16.40
CA LYS D 63 -2.72 21.80 16.02
C LYS D 63 -4.25 21.86 15.95
N GLN D 64 -4.85 20.90 15.26
CA GLN D 64 -6.31 20.91 15.11
C GLN D 64 -7.03 20.82 16.45
N GLY D 65 -6.69 19.83 17.26
CA GLY D 65 -7.39 19.65 18.51
C GLY D 65 -6.64 20.21 19.70
N ARG D 66 -6.99 21.41 20.12
CA ARG D 66 -6.18 22.05 21.12
C ARG D 66 -6.77 23.41 21.39
N ASP D 67 -6.49 23.93 22.60
CA ASP D 67 -6.82 25.30 22.97
C ASP D 67 -5.72 26.24 22.50
N ARG D 68 -6.00 27.00 21.45
CA ARG D 68 -4.96 27.81 20.82
C ARG D 68 -4.69 29.07 21.65
N LYS D 69 -5.59 29.37 22.58
CA LYS D 69 -5.44 30.52 23.45
C LYS D 69 -4.11 30.48 24.21
N PHE D 70 -3.60 29.26 24.46
CA PHE D 70 -2.39 29.13 25.26
C PHE D 70 -1.58 27.84 25.09
N GLN D 71 -1.77 27.09 24.02
CA GLN D 71 -0.85 25.99 23.80
C GLN D 71 -0.26 26.00 22.40
N ALA D 72 1.06 25.86 22.36
CA ALA D 72 1.84 25.96 21.14
C ALA D 72 2.31 24.57 20.76
N ILE D 73 2.55 24.38 19.48
CA ILE D 73 2.88 23.07 18.98
C ILE D 73 4.16 23.10 18.17
N LEU D 74 5.05 22.14 18.44
CA LEU D 74 6.34 22.09 17.77
C LEU D 74 6.72 20.66 17.38
N PRO D 75 6.39 20.26 16.15
CA PRO D 75 6.64 18.87 15.77
C PRO D 75 8.11 18.62 15.48
N LEU D 76 8.55 17.40 15.75
CA LEU D 76 9.93 17.03 15.49
C LEU D 76 9.86 16.03 14.35
N ARG D 77 10.67 16.23 13.34
CA ARG D 77 10.63 15.41 12.17
C ARG D 77 11.64 14.31 12.33
N GLY D 78 11.18 13.11 12.61
CA GLY D 78 12.10 12.02 12.83
C GLY D 78 12.96 12.14 14.08
N LYS D 79 13.91 11.23 14.21
CA LYS D 79 14.73 11.11 15.40
C LYS D 79 15.51 12.37 15.75
N VAL D 80 15.49 12.73 17.03
CA VAL D 80 16.15 13.95 17.48
C VAL D 80 17.66 13.70 17.65
N ILE D 81 18.49 14.70 17.36
CA ILE D 81 19.93 14.51 17.52
C ILE D 81 20.19 14.06 18.92
N ASN D 82 21.14 13.15 19.09
CA ASN D 82 21.64 12.77 20.42
C ASN D 82 22.70 13.78 20.90
N THR D 83 22.36 14.60 21.90
CA THR D 83 23.27 15.67 22.32
C THR D 83 24.36 15.23 23.32
N ALA D 84 24.38 13.95 23.69
CA ALA D 84 25.47 13.40 24.48
C ALA D 84 26.59 12.88 23.60
N LYS D 85 26.27 12.72 22.32
CA LYS D 85 27.09 11.99 21.38
C LYS D 85 27.02 12.78 20.10
N ALA D 86 27.93 13.73 19.96
CA ALA D 86 27.90 14.73 18.89
C ALA D 86 28.93 15.78 19.28
N LYS D 87 29.23 16.74 18.40
CA LYS D 87 30.02 17.84 18.87
C LYS D 87 29.07 19.00 19.05
N MET D 88 29.56 20.13 19.53
CA MET D 88 28.67 21.23 19.79
C MET D 88 28.23 21.80 18.46
N ALA D 89 29.14 21.79 17.50
CA ALA D 89 28.86 22.33 16.18
C ALA D 89 27.58 21.71 15.63
N ASP D 90 27.58 20.39 15.54
CA ASP D 90 26.48 19.65 14.96
C ASP D 90 25.17 20.02 15.64
N ILE D 91 25.23 20.15 16.95
CA ILE D 91 24.03 20.39 17.75
C ILE D 91 23.35 21.70 17.39
N LEU D 92 24.08 22.80 17.45
CA LEU D 92 23.47 24.10 17.19
C LEU D 92 23.03 24.27 15.72
N LYS D 93 23.73 23.59 14.80
CA LYS D 93 23.32 23.55 13.38
C LYS D 93 22.10 22.66 13.13
N ASN D 94 21.58 22.02 14.15
CA ASN D 94 20.40 21.16 13.96
C ASN D 94 19.06 21.89 14.03
N GLU D 95 18.21 21.69 13.02
CA GLU D 95 16.95 22.45 12.93
C GLU D 95 16.04 22.34 14.16
N GLU D 96 15.79 21.11 14.59
CA GLU D 96 14.94 20.83 15.75
C GLU D 96 15.45 21.49 17.04
N ILE D 97 16.71 21.25 17.37
CA ILE D 97 17.29 21.90 18.53
C ILE D 97 17.21 23.43 18.51
N ASN D 98 17.60 24.04 17.40
CA ASN D 98 17.58 25.49 17.31
C ASN D 98 16.16 26.05 17.46
N THR D 99 15.16 25.43 16.81
CA THR D 99 13.82 25.98 16.93
C THR D 99 13.27 25.86 18.34
N MET D 100 13.58 24.75 19.00
CA MET D 100 13.29 24.62 20.42
C MET D 100 13.92 25.76 21.19
N ILE D 101 15.22 25.96 20.98
CA ILE D 101 15.93 26.98 21.73
C ILE D 101 15.26 28.34 21.52
N TYR D 102 15.09 28.74 20.25
CA TYR D 102 14.47 30.02 19.92
C TYR D 102 13.06 30.19 20.48
N THR D 103 12.19 29.21 20.27
CA THR D 103 10.82 29.30 20.76
C THR D 103 10.77 29.46 22.29
N ILE D 104 11.65 28.75 22.99
CA ILE D 104 11.66 28.78 24.45
C ILE D 104 12.23 30.08 24.97
N GLY D 105 13.32 30.53 24.38
CA GLY D 105 13.94 31.79 24.75
C GLY D 105 15.28 31.64 25.46
N ALA D 106 15.21 31.36 26.76
CA ALA D 106 16.38 31.27 27.63
C ALA D 106 17.75 31.26 26.97
N GLY D 107 18.02 30.27 26.13
CA GLY D 107 19.35 30.10 25.63
C GLY D 107 19.76 28.68 25.95
N VAL D 108 20.94 28.50 26.49
CA VAL D 108 21.55 27.18 26.59
C VAL D 108 23.01 27.36 26.93
N ASP D 111 24.85 31.11 28.77
CA ASP D 111 24.02 30.23 29.58
C ASP D 111 22.51 30.44 29.53
N PHE D 112 21.84 29.36 29.94
CA PHE D 112 20.41 29.19 29.82
C PHE D 112 19.61 30.41 30.25
N SER D 113 19.97 30.99 31.39
CA SER D 113 19.08 31.96 31.99
C SER D 113 17.90 31.11 32.35
N ILE D 114 16.72 31.70 32.44
CA ILE D 114 15.47 30.98 32.64
C ILE D 114 14.35 31.96 32.41
N GLU D 115 13.21 31.67 33.02
CA GLU D 115 12.09 32.61 32.98
C GLU D 115 12.64 33.97 33.39
N ALA D 117 11.06 34.21 30.19
CA ALA D 117 10.71 33.41 29.01
C ALA D 117 10.67 31.95 29.41
N ASN D 118 9.67 31.18 28.96
CA ASN D 118 8.69 31.62 27.98
C ASN D 118 7.45 30.72 27.87
N TYR D 119 7.49 29.55 28.50
CA TYR D 119 6.32 28.67 28.69
C TYR D 119 6.40 28.20 30.14
N ASP D 120 5.30 27.77 30.73
CA ASP D 120 5.42 27.15 32.05
C ASP D 120 5.31 25.63 31.98
N LYS D 121 5.29 25.11 30.77
CA LYS D 121 5.25 23.67 30.56
C LYS D 121 5.81 23.30 29.21
N ILE D 122 6.78 22.41 29.23
CA ILE D 122 7.28 21.83 28.01
C ILE D 122 6.89 20.38 28.10
N ILE D 123 6.01 19.96 27.22
CA ILE D 123 5.36 18.66 27.34
C ILE D 123 5.75 17.79 26.15
N ILE D 124 6.33 16.64 26.42
CA ILE D 124 6.80 15.77 25.36
C ILE D 124 5.69 14.79 25.07
N MET D 125 5.23 14.78 23.83
CA MET D 125 4.09 13.97 23.44
C MET D 125 4.48 13.11 22.26
N THR D 126 4.51 11.79 22.47
CA THR D 126 4.92 10.87 21.43
C THR D 126 4.02 9.65 21.41
N ASP D 127 4.32 8.72 20.51
CA ASP D 127 3.64 7.45 20.49
C ASP D 127 4.04 6.63 21.72
N ALA D 128 3.09 5.87 22.23
CA ALA D 128 3.40 4.91 23.26
C ALA D 128 3.88 3.67 22.53
N ASP D 129 5.07 3.77 21.96
CA ASP D 129 5.68 2.59 21.36
C ASP D 129 7.19 2.75 21.56
N THR D 130 7.97 1.80 21.07
CA THR D 130 9.39 1.77 21.35
C THR D 130 10.07 3.03 20.82
N ASP D 131 9.67 3.46 19.64
CA ASP D 131 10.38 4.57 19.02
C ASP D 131 10.06 5.89 19.71
N GLY D 132 8.84 6.00 20.20
CA GLY D 132 8.42 7.14 20.99
C GLY D 132 9.26 7.16 22.25
N ALA D 133 9.45 5.98 22.81
CA ALA D 133 10.24 5.88 24.03
C ALA D 133 11.65 6.36 23.74
N HIS D 134 12.18 5.91 22.61
CA HIS D 134 13.50 6.38 22.18
C HIS D 134 13.58 7.91 22.09
N ILE D 135 12.56 8.53 21.49
CA ILE D 135 12.51 9.99 21.37
C ILE D 135 12.45 10.75 22.71
N GLN D 136 11.76 10.20 23.70
CA GLN D 136 11.76 10.79 25.03
C GLN D 136 13.17 10.79 25.65
N THR D 137 13.86 9.67 25.48
CA THR D 137 15.25 9.52 25.91
C THR D 137 16.12 10.63 25.30
N LEU D 138 15.98 10.82 24.00
CA LEU D 138 16.77 11.80 23.29
C LEU D 138 16.50 13.27 23.67
N LEU D 139 15.24 13.60 23.87
CA LEU D 139 14.87 14.93 24.31
C LEU D 139 15.27 15.13 25.75
N LEU D 140 14.94 14.19 26.63
CA LEU D 140 15.37 14.37 28.03
C LEU D 140 16.88 14.55 28.09
N THR D 141 17.65 13.78 27.33
CA THR D 141 19.10 13.99 27.37
C THR D 141 19.45 15.43 27.04
N PHE D 142 18.78 15.99 26.04
CA PHE D 142 19.06 17.36 25.64
C PHE D 142 18.73 18.31 26.77
N PHE D 143 17.49 18.27 27.26
CA PHE D 143 17.05 19.16 28.31
C PHE D 143 17.93 19.00 29.54
N TYR D 144 18.22 17.76 29.89
CA TYR D 144 19.13 17.54 30.99
C TYR D 144 20.46 18.25 30.78
N ARG D 145 21.12 18.00 29.65
CA ARG D 145 22.45 18.55 29.39
C ARG D 145 22.55 20.09 29.19
N TYR D 146 21.63 20.69 28.44
CA TYR D 146 21.67 22.14 28.20
C TYR D 146 20.68 23.01 28.99
N MET D 147 19.39 22.69 28.90
CA MET D 147 18.35 23.37 29.70
C MET D 147 18.13 22.86 31.15
N ARG D 148 19.18 22.43 31.84
CA ARG D 148 19.01 21.72 33.11
C ARG D 148 18.06 22.40 34.14
N PRO D 149 18.09 23.74 34.24
CA PRO D 149 17.22 24.32 35.27
C PRO D 149 15.74 24.11 34.97
N LEU D 150 15.37 24.00 33.69
CA LEU D 150 13.99 23.74 33.28
C LEU D 150 13.39 22.53 34.01
N VAL D 151 14.14 21.44 33.98
CA VAL D 151 13.73 20.20 34.61
C VAL D 151 13.72 20.34 36.13
N GLU D 152 14.71 21.00 36.69
CA GLU D 152 14.77 21.12 38.14
C GLU D 152 13.57 21.87 38.71
N ALA D 153 13.17 22.95 38.05
CA ALA D 153 11.96 23.67 38.46
C ALA D 153 10.67 22.96 38.04
N GLY D 154 10.79 21.68 37.65
CA GLY D 154 9.64 20.88 37.27
C GLY D 154 8.86 21.40 36.07
N HIS D 155 9.56 21.91 35.06
CA HIS D 155 8.87 22.44 33.87
C HIS D 155 8.71 21.46 32.71
N VAL D 156 9.30 20.28 32.82
CA VAL D 156 9.26 19.29 31.73
C VAL D 156 8.33 18.12 32.03
N TYR D 157 7.36 17.92 31.15
CA TYR D 157 6.39 16.86 31.32
C TYR D 157 6.45 15.87 30.16
N ILE D 158 5.86 14.71 30.38
CA ILE D 158 5.69 13.72 29.36
C ILE D 158 4.21 13.39 29.37
N ALA D 159 3.62 13.27 28.19
CA ALA D 159 2.18 13.07 28.12
C ALA D 159 1.89 11.57 27.99
N LEU D 160 0.73 11.15 28.48
CA LEU D 160 0.41 9.74 28.45
C LEU D 160 -0.79 9.51 27.56
N PRO D 161 -0.54 9.25 26.27
CA PRO D 161 -1.62 8.86 25.36
C PRO D 161 -2.18 7.57 25.87
N PRO D 162 -3.48 7.36 25.68
CA PRO D 162 -4.13 6.13 26.13
C PRO D 162 -3.65 4.96 25.25
N LEU D 163 -3.55 3.77 25.82
CA LEU D 163 -3.05 2.65 25.04
C LEU D 163 -4.21 1.88 24.41
N TYR D 164 -5.41 2.09 24.95
CA TYR D 164 -6.57 1.31 24.56
C TYR D 164 -7.85 2.13 24.39
N LYS D 165 -8.65 1.76 23.40
CA LYS D 165 -9.97 2.31 23.21
C LYS D 165 -10.99 1.16 23.17
N MET D 166 -12.11 1.34 23.85
CA MET D 166 -13.17 0.33 23.90
C MET D 166 -14.40 0.89 23.20
N SER D 167 -15.06 0.06 22.39
CA SER D 167 -16.25 0.52 21.66
C SER D 167 -17.36 -0.52 21.54
N LYS D 168 -18.60 -0.07 21.70
CA LYS D 168 -19.80 -0.86 21.42
C LYS D 168 -20.87 0.20 21.21
N LYS D 170 -22.64 -0.43 16.82
CA LYS D 170 -22.46 -0.02 15.41
C LYS D 170 -23.08 1.33 15.02
N GLY D 171 -22.33 2.09 14.23
CA GLY D 171 -22.83 3.30 13.60
C GLY D 171 -23.16 4.47 14.50
N LYS D 172 -24.38 4.99 14.35
CA LYS D 172 -24.79 6.22 15.01
C LYS D 172 -24.71 6.09 16.54
N LYS D 173 -24.94 4.88 17.07
CA LYS D 173 -24.82 4.69 18.50
C LYS D 173 -23.62 3.83 18.85
N GLU D 174 -22.43 4.39 18.68
CA GLU D 174 -21.22 3.67 19.02
C GLU D 174 -20.69 4.41 20.23
N GLU D 175 -20.29 3.65 21.24
CA GLU D 175 -19.81 4.21 22.49
C GLU D 175 -18.35 3.85 22.63
N VAL D 176 -17.57 4.73 23.24
CA VAL D 176 -16.14 4.49 23.37
C VAL D 176 -15.58 4.96 24.71
N ALA D 177 -14.67 4.18 25.27
CA ALA D 177 -13.94 4.55 26.49
C ALA D 177 -12.43 4.37 26.29
N TYR D 178 -11.62 4.99 27.14
CA TYR D 178 -10.17 4.89 26.99
C TYR D 178 -9.51 4.35 28.26
N ALA D 179 -8.44 3.58 28.09
CA ALA D 179 -7.69 3.04 29.22
C ALA D 179 -6.17 3.15 29.03
N TRP D 180 -5.44 3.30 30.14
CA TRP D 180 -3.98 3.51 30.09
C TRP D 180 -3.13 2.35 30.57
N THR D 181 -3.75 1.35 31.19
CA THR D 181 -2.98 0.34 31.89
C THR D 181 -3.60 -1.03 31.84
N ASP D 182 -2.77 -2.02 32.15
CA ASP D 182 -3.24 -3.36 32.45
C ASP D 182 -4.59 -3.34 33.18
N GLY D 183 -4.59 -2.72 34.36
CA GLY D 183 -5.76 -2.74 35.22
C GLY D 183 -6.97 -2.02 34.68
N GLU D 184 -6.77 -0.79 34.20
CA GLU D 184 -7.87 0.05 33.71
C GLU D 184 -8.66 -0.65 32.61
N LEU D 185 -7.92 -1.36 31.76
CA LEU D 185 -8.50 -2.13 30.67
C LEU D 185 -9.39 -3.17 31.27
N GLU D 186 -8.87 -3.89 32.26
CA GLU D 186 -9.64 -4.89 32.99
C GLU D 186 -10.96 -4.26 33.45
N GLU D 187 -10.88 -3.07 34.05
CA GLU D 187 -12.07 -2.35 34.46
C GLU D 187 -13.07 -2.21 33.31
N LEU D 188 -12.60 -1.61 32.21
CA LEU D 188 -13.44 -1.29 31.05
C LEU D 188 -14.14 -2.50 30.43
N ARG D 189 -13.41 -3.59 30.19
CA ARG D 189 -13.99 -4.76 29.56
C ARG D 189 -15.20 -5.32 30.33
N LYS D 190 -15.12 -5.37 31.66
CA LYS D 190 -16.25 -5.80 32.48
C LYS D 190 -17.45 -4.85 32.35
N GLN D 191 -17.18 -3.54 32.36
CA GLN D 191 -18.23 -2.54 32.14
C GLN D 191 -18.92 -2.66 30.76
N PHE D 192 -18.12 -2.58 29.70
CA PHE D 192 -18.60 -2.76 28.32
C PHE D 192 -19.09 -4.20 28.03
N GLY D 193 -18.93 -5.09 29.00
CA GLY D 193 -18.94 -6.52 28.77
C GLY D 193 -18.73 -7.00 27.34
N LYS D 194 -19.24 -8.18 27.03
CA LYS D 194 -18.96 -8.83 25.75
C LYS D 194 -19.68 -8.16 24.60
N GLY D 195 -19.18 -8.43 23.40
CA GLY D 195 -19.63 -7.71 22.21
C GLY D 195 -18.73 -6.52 21.99
N ALA D 196 -18.30 -5.90 23.09
CA ALA D 196 -17.40 -4.76 23.04
C ALA D 196 -16.03 -5.16 22.52
N THR D 197 -15.54 -4.45 21.50
CA THR D 197 -14.21 -4.73 20.96
C THR D 197 -13.16 -3.67 21.32
N LEU D 198 -11.93 -4.12 21.41
CA LEU D 198 -10.83 -3.33 21.93
C LEU D 198 -9.86 -2.93 20.83
N GLN D 199 -9.40 -1.69 20.89
CA GLN D 199 -8.35 -1.22 19.99
C GLN D 199 -7.07 -0.97 20.77
N ARG D 200 -5.95 -1.38 20.18
CA ARG D 200 -4.65 -1.13 20.76
C ARG D 200 -4.00 -0.04 19.92
N TYR D 201 -3.86 1.14 20.49
CA TYR D 201 -3.31 2.27 19.76
C TYR D 201 -1.83 2.05 19.45
N LYS D 202 -1.48 1.99 18.17
CA LYS D 202 -0.09 1.76 17.78
C LYS D 202 0.60 3.09 17.58
N GLY D 203 -0.15 4.17 17.72
CA GLY D 203 0.43 5.50 17.60
C GLY D 203 -0.56 6.65 17.69
N LEU D 204 -0.01 7.86 17.70
CA LEU D 204 -0.79 9.08 17.77
C LEU D 204 -1.55 9.28 16.46
N GLY D 205 -0.97 8.77 15.37
CA GLY D 205 -1.54 9.01 14.07
C GLY D 205 -2.93 8.43 13.99
N GLU D 206 -3.18 7.43 14.82
CA GLU D 206 -4.40 6.64 14.74
C GLU D 206 -5.60 7.33 15.36
N MET D 207 -5.37 8.46 16.04
CA MET D 207 -6.45 9.17 16.72
C MET D 207 -6.71 10.58 16.21
N ASN D 208 -7.98 10.95 16.20
CA ASN D 208 -8.41 12.24 15.67
C ASN D 208 -8.07 13.38 16.63
N ALA D 209 -8.55 14.56 16.30
CA ALA D 209 -8.12 15.78 16.99
C ALA D 209 -8.90 16.00 18.28
N ASP D 210 -10.22 15.88 18.20
CA ASP D 210 -11.07 15.90 19.38
C ASP D 210 -10.65 14.81 20.39
N GLN D 211 -10.33 13.62 19.88
CA GLN D 211 -9.86 12.55 20.74
C GLN D 211 -8.58 12.94 21.45
N LEU D 212 -7.62 13.46 20.69
CA LEU D 212 -6.35 13.93 21.25
C LEU D 212 -6.62 14.94 22.37
N TRP D 213 -7.57 15.83 22.14
CA TRP D 213 -7.98 16.80 23.16
C TRP D 213 -8.54 16.11 24.40
N GLU D 214 -9.57 15.31 24.20
CA GLU D 214 -10.26 14.64 25.28
C GLU D 214 -9.29 13.84 26.17
N THR D 215 -8.44 13.03 25.55
CA THR D 215 -7.56 12.11 26.30
C THR D 215 -6.17 12.57 26.74
N THR D 216 -5.56 13.56 26.06
CA THR D 216 -4.16 13.86 26.37
C THR D 216 -3.76 15.35 26.35
N MET D 217 -4.69 16.24 26.00
CA MET D 217 -4.33 17.64 25.87
C MET D 217 -5.14 18.60 26.77
N ASN D 218 -6.38 18.23 27.05
CA ASN D 218 -7.28 19.06 27.85
C ASN D 218 -6.92 19.01 29.32
N PRO D 219 -6.35 20.11 29.86
CA PRO D 219 -5.84 20.15 31.24
C PRO D 219 -6.74 19.47 32.27
N GLU D 220 -8.06 19.59 32.12
CA GLU D 220 -8.99 19.02 33.07
C GLU D 220 -8.98 17.48 33.08
N THR D 221 -8.84 16.88 31.91
CA THR D 221 -8.95 15.43 31.76
C THR D 221 -7.62 14.71 31.50
N ARG D 222 -6.61 15.45 31.05
CA ARG D 222 -5.34 14.83 30.69
C ARG D 222 -4.55 14.40 31.91
N THR D 223 -3.71 13.39 31.70
CA THR D 223 -2.76 12.95 32.71
C THR D 223 -1.35 13.06 32.18
N LEU D 224 -0.51 13.82 32.88
CA LEU D 224 0.86 14.06 32.50
C LEU D 224 1.79 13.42 33.55
N ILE D 225 3.03 13.14 33.13
CA ILE D 225 4.08 12.76 34.04
C ILE D 225 4.98 13.96 34.16
N ARG D 226 5.50 14.18 35.35
CA ARG D 226 6.34 15.34 35.59
C ARG D 226 7.69 14.79 35.90
N VAL D 227 8.69 15.31 35.22
CA VAL D 227 10.02 14.76 35.33
C VAL D 227 10.69 15.55 36.41
N THR D 228 11.30 14.84 37.34
CA THR D 228 12.02 15.44 38.44
C THR D 228 13.39 14.82 38.37
N ILE D 229 14.36 15.47 38.97
CA ILE D 229 15.59 14.76 39.23
C ILE D 229 15.84 14.70 40.73
N GLU D 230 16.08 13.48 41.21
CA GLU D 230 16.33 13.18 42.61
C GLU D 230 17.77 12.76 42.70
N ASP D 231 18.62 13.66 43.17
CA ASP D 231 20.06 13.50 43.05
C ASP D 231 20.50 14.31 41.84
N LEU D 232 21.72 14.09 41.37
CA LEU D 232 22.18 14.69 40.13
C LEU D 232 23.21 13.75 39.58
N ALA D 233 24.18 13.42 40.41
CA ALA D 233 25.27 12.54 40.01
C ALA D 233 24.71 11.22 39.49
N ARG D 234 23.75 10.64 40.21
CA ARG D 234 23.12 9.40 39.77
C ARG D 234 22.59 9.60 38.34
N ALA D 235 21.86 10.69 38.13
CA ALA D 235 21.32 11.03 36.82
C ALA D 235 22.39 11.11 35.75
N GLU D 236 23.39 11.94 35.99
CA GLU D 236 24.49 12.15 35.05
C GLU D 236 25.14 10.83 34.64
N ARG D 237 25.37 9.94 35.59
CA ARG D 237 25.96 8.64 35.29
C ARG D 237 25.08 7.89 34.30
N ARG D 238 23.81 7.77 34.65
CA ARG D 238 22.84 7.05 33.83
C ARG D 238 22.74 7.58 32.42
N VAL D 239 22.53 8.89 32.31
CA VAL D 239 22.42 9.56 31.03
C VAL D 239 23.66 9.31 30.18
N ASN D 240 24.83 9.39 30.79
CA ASN D 240 26.07 9.13 30.07
C ASN D 240 26.29 7.67 29.65
N VAL D 241 25.91 6.72 30.50
CA VAL D 241 26.07 5.31 30.12
C VAL D 241 25.14 4.93 28.98
N LEU D 242 23.88 5.31 29.10
CA LEU D 242 22.90 5.07 28.05
C LEU D 242 23.20 5.87 26.79
N MET D 243 23.12 7.19 26.90
CA MET D 243 23.18 8.08 25.74
C MET D 243 24.58 8.41 25.22
N GLY D 244 25.61 7.85 25.83
CA GLY D 244 26.94 8.34 25.55
C GLY D 244 27.71 7.65 24.45
N ASP D 245 28.88 8.19 24.12
CA ASP D 245 29.71 7.73 23.01
C ASP D 245 30.36 6.34 23.14
N LYS D 246 30.64 5.85 24.35
CA LYS D 246 31.60 4.73 24.50
C LYS D 246 31.13 3.30 24.13
N VAL D 247 29.98 2.87 24.62
CA VAL D 247 29.39 1.59 24.16
C VAL D 247 29.65 0.39 25.06
N GLU D 248 30.90 -0.05 25.17
CA GLU D 248 31.16 -1.25 25.98
C GLU D 248 30.37 -1.27 27.29
N PRO D 249 30.21 -0.10 27.95
CA PRO D 249 29.41 0.07 29.18
C PRO D 249 27.91 -0.02 28.93
N ARG D 250 27.43 0.59 27.86
CA ARG D 250 26.03 0.40 27.44
C ARG D 250 25.72 -1.09 27.25
N ARG D 251 26.61 -1.78 26.54
CA ARG D 251 26.45 -3.21 26.37
C ARG D 251 26.29 -3.88 27.73
N LYS D 252 27.20 -3.58 28.65
CA LYS D 252 27.12 -4.21 29.95
C LYS D 252 25.83 -3.81 30.63
N TRP D 253 25.48 -2.53 30.58
CA TRP D 253 24.23 -2.11 31.20
C TRP D 253 23.08 -2.99 30.69
N ILE D 254 23.05 -3.23 29.38
CA ILE D 254 22.01 -4.00 28.73
C ILE D 254 22.03 -5.47 29.16
N GLU D 255 23.21 -6.09 29.17
CA GLU D 255 23.35 -7.47 29.63
C GLU D 255 22.91 -7.62 31.10
N ASP D 256 23.23 -6.62 31.91
CA ASP D 256 22.86 -6.65 33.31
C ASP D 256 21.37 -6.41 33.57
N ASN D 257 20.79 -5.46 32.85
CA ASN D 257 19.47 -4.95 33.20
C ASN D 257 18.31 -5.32 32.31
N VAL D 258 18.51 -5.26 30.99
CA VAL D 258 17.55 -5.77 30.02
C VAL D 258 17.38 -7.26 30.19
N LYS D 259 16.23 -7.68 30.70
CA LYS D 259 15.94 -9.11 30.76
C LYS D 259 15.28 -9.64 29.48
N PHE D 260 16.02 -9.90 28.40
CA PHE D 260 15.39 -10.56 27.24
C PHE D 260 15.33 -12.00 27.66
N THR D 261 14.16 -12.48 28.06
CA THR D 261 14.16 -13.71 28.86
C THR D 261 14.74 -14.92 28.15
#